data_7CL6
#
_entry.id   7CL6
#
_cell.length_a   50.340
_cell.length_b   185.227
_cell.length_c   109.493
_cell.angle_alpha   90.000
_cell.angle_beta   94.300
_cell.angle_gamma   90.000
#
_symmetry.space_group_name_H-M   'P 1 21 1'
#
loop_
_entity.id
_entity.type
_entity.pdbx_description
1 polymer 'Kanamycin B dioxygenase'
2 non-polymer 'NICKEL (II) ION'
3 non-polymer N-OXALYLGLYCINE
4 non-polymer '(1R,2R,3S,4R,6S)-4,6-diamino-2,3-dihydroxycyclohexyl 2,6-diamino-2,6-dideoxy-alpha-D-glucopyranoside'
5 water water
#
_entity_poly.entity_id   1
_entity_poly.type   'polypeptide(L)'
_entity_poly.pdbx_seq_one_letter_code
;MNHKVHHHHHHIEGRHMALAAPPGELTLALTPDDKTLDPASLDRALAILAEHGILVLTGMLRTRLTDQLRTAMLDDLPEV
LRQQDVPTNFVPGHVQQDPPVRESLLFPDVLLNPVVYQITHAVLGADARNAVYSGNMNLPGSHEQPVHLDEPHLWPGISH
PPYCLCVDVPLIDFTLENGSTEYWPGSHVLNPDECYDERGCVLPAELERRRAVAPPVRFPIPVGSVVIRDGRLWHRGVPN
LSAAPRPLLAMTHYTEWFDMPPIQLPDTVKSWVDGSDRHTHAHFVAGDVDHLTGDHPFAVR
;
_entity_poly.pdbx_strand_id   A,B,C,D,E,F
#
loop_
_chem_comp.id
_chem_comp.type
_chem_comp.name
_chem_comp.formula
NI non-polymer 'NICKEL (II) ION' 'Ni 2'
OGA non-polymer N-OXALYLGLYCINE 'C4 H5 N O5'
XXX D-saccharide '(1R,2R,3S,4R,6S)-4,6-diamino-2,3-dihydroxycyclohexyl 2,6-diamino-2,6-dideoxy-alpha-D-glucopyranoside' 'C12 H26 N4 O6'
#
# COMPACT_ATOMS: atom_id res chain seq x y z
N HIS A 16 52.29 -50.97 33.15
CA HIS A 16 51.07 -50.29 32.64
C HIS A 16 49.84 -50.68 33.46
N MET A 17 48.85 -49.78 33.56
CA MET A 17 47.50 -50.04 34.15
C MET A 17 46.54 -50.46 33.02
N ALA A 18 45.95 -51.64 33.13
CA ALA A 18 44.96 -52.23 32.20
C ALA A 18 43.56 -52.05 32.78
N LEU A 19 42.74 -51.19 32.18
CA LEU A 19 41.39 -50.78 32.67
C LEU A 19 40.32 -51.52 31.85
N ALA A 20 39.08 -51.53 32.35
CA ALA A 20 37.93 -52.22 31.71
C ALA A 20 37.14 -51.26 30.83
N ALA A 21 37.39 -49.97 30.92
CA ALA A 21 36.67 -48.92 30.16
C ALA A 21 37.49 -47.65 30.14
N PRO A 22 37.20 -46.70 29.23
CA PRO A 22 37.89 -45.41 29.23
C PRO A 22 37.67 -44.75 30.59
N PRO A 23 38.73 -44.23 31.25
CA PRO A 23 38.59 -43.65 32.58
C PRO A 23 37.75 -42.37 32.53
N GLY A 24 36.89 -42.20 33.53
CA GLY A 24 36.02 -41.02 33.68
C GLY A 24 36.78 -39.71 33.56
N GLU A 25 37.98 -39.61 34.13
CA GLU A 25 38.80 -38.36 34.15
C GLU A 25 39.18 -37.92 32.70
N LEU A 26 39.18 -38.83 31.72
CA LEU A 26 39.65 -38.56 30.32
C LEU A 26 38.48 -38.51 29.33
N THR A 27 37.25 -38.79 29.78
CA THR A 27 36.15 -39.21 28.88
C THR A 27 34.98 -38.21 28.94
N LEU A 28 34.42 -37.91 27.78
CA LEU A 28 33.19 -37.09 27.59
C LEU A 28 32.26 -37.97 26.76
N ALA A 29 31.05 -38.25 27.24
CA ALA A 29 30.04 -39.07 26.55
C ALA A 29 29.17 -38.17 25.69
N LEU A 30 29.12 -38.42 24.39
CA LEU A 30 28.28 -37.67 23.42
C LEU A 30 27.40 -38.68 22.68
N THR A 31 26.47 -38.15 21.88
CA THR A 31 25.68 -38.89 20.86
C THR A 31 26.06 -38.29 19.52
N PRO A 32 25.75 -38.95 18.38
CA PRO A 32 25.99 -38.34 17.06
C PRO A 32 25.11 -37.12 16.75
N ASP A 33 24.11 -36.81 17.58
CA ASP A 33 23.26 -35.60 17.42
C ASP A 33 23.97 -34.38 18.02
N ASP A 34 24.95 -34.56 18.90
CA ASP A 34 25.68 -33.44 19.57
C ASP A 34 26.54 -32.76 18.49
N LYS A 35 26.15 -31.58 18.06
CA LYS A 35 26.82 -30.84 16.95
C LYS A 35 27.82 -29.85 17.57
N THR A 36 27.72 -29.61 18.87
CA THR A 36 28.41 -28.52 19.60
C THR A 36 28.50 -28.90 21.08
N LEU A 37 29.62 -28.61 21.75
CA LEU A 37 29.73 -28.73 23.21
C LEU A 37 29.23 -27.42 23.83
N ASP A 38 28.37 -27.52 24.85
CA ASP A 38 27.95 -26.40 25.73
C ASP A 38 29.22 -25.89 26.40
N PRO A 39 29.25 -24.62 26.84
CA PRO A 39 30.45 -24.04 27.45
C PRO A 39 31.13 -24.88 28.52
N ALA A 40 30.35 -25.51 29.42
CA ALA A 40 30.87 -26.34 30.54
C ALA A 40 31.60 -27.58 29.99
N SER A 41 31.01 -28.28 29.02
CA SER A 41 31.60 -29.47 28.36
C SER A 41 32.88 -29.07 27.63
N LEU A 42 32.86 -27.97 26.90
CA LEU A 42 34.07 -27.44 26.18
C LEU A 42 35.17 -27.17 27.20
N ASP A 43 34.87 -26.51 28.33
CA ASP A 43 35.86 -26.19 29.36
C ASP A 43 36.45 -27.49 29.91
N ARG A 44 35.62 -28.51 30.15
CA ARG A 44 36.12 -29.79 30.72
C ARG A 44 37.05 -30.46 29.68
N ALA A 45 36.66 -30.46 28.41
CA ALA A 45 37.43 -31.02 27.29
C ALA A 45 38.83 -30.40 27.25
N LEU A 46 38.91 -29.06 27.28
CA LEU A 46 40.18 -28.30 27.24
C LEU A 46 40.99 -28.56 28.51
N ALA A 47 40.34 -28.66 29.67
CA ALA A 47 41.02 -28.92 30.95
C ALA A 47 41.66 -30.32 30.89
N ILE A 48 40.97 -31.30 30.31
CA ILE A 48 41.48 -32.70 30.13
C ILE A 48 42.68 -32.70 29.18
N LEU A 49 42.58 -32.08 28.00
CA LEU A 49 43.71 -31.95 27.04
C LEU A 49 44.91 -31.25 27.68
N ALA A 50 44.69 -30.16 28.43
CA ALA A 50 45.79 -29.39 29.06
C ALA A 50 46.49 -30.27 30.10
N GLU A 51 45.75 -30.97 30.98
CA GLU A 51 46.34 -31.72 32.13
C GLU A 51 46.87 -33.06 31.65
N HIS A 52 46.08 -33.83 30.89
CA HIS A 52 46.29 -35.27 30.60
C HIS A 52 46.83 -35.48 29.19
N GLY A 53 46.54 -34.58 28.26
CA GLY A 53 47.03 -34.62 26.88
C GLY A 53 46.25 -35.60 26.04
N ILE A 54 45.18 -36.18 26.56
CA ILE A 54 44.33 -37.14 25.83
C ILE A 54 42.89 -37.05 26.35
N LEU A 55 41.96 -37.06 25.41
CA LEU A 55 40.51 -36.90 25.60
C LEU A 55 39.82 -37.97 24.78
N VAL A 56 39.00 -38.79 25.42
CA VAL A 56 38.18 -39.83 24.74
C VAL A 56 36.73 -39.32 24.67
N LEU A 57 36.21 -39.19 23.45
CA LEU A 57 34.82 -38.75 23.17
C LEU A 57 34.04 -39.95 22.66
N THR A 58 33.18 -40.54 23.48
CA THR A 58 32.36 -41.73 23.09
C THR A 58 31.09 -41.26 22.37
N GLY A 59 30.59 -42.09 21.45
CA GLY A 59 29.26 -41.95 20.81
C GLY A 59 29.21 -40.83 19.79
N MET A 60 30.32 -40.50 19.16
CA MET A 60 30.39 -39.35 18.21
C MET A 60 29.93 -39.74 16.81
N LEU A 61 30.29 -40.92 16.30
CA LEU A 61 30.11 -41.26 14.87
C LEU A 61 29.07 -42.37 14.71
N ARG A 62 28.20 -42.23 13.72
CA ARG A 62 27.18 -43.24 13.35
C ARG A 62 27.86 -44.52 12.85
N THR A 63 27.28 -45.68 13.14
CA THR A 63 27.87 -46.99 12.77
C THR A 63 27.82 -47.13 11.25
N ARG A 64 26.86 -46.49 10.60
CA ARG A 64 26.75 -46.38 9.12
C ARG A 64 28.10 -45.92 8.55
N LEU A 65 28.78 -44.95 9.18
CA LEU A 65 30.05 -44.37 8.64
C LEU A 65 31.22 -45.29 9.01
N THR A 66 31.31 -45.72 10.27
CA THR A 66 32.43 -46.56 10.76
C THR A 66 32.40 -47.92 10.06
N ASP A 67 31.23 -48.47 9.78
CA ASP A 67 31.07 -49.76 9.04
C ASP A 67 31.71 -49.63 7.65
N GLN A 68 31.43 -48.55 6.92
CA GLN A 68 31.89 -48.39 5.52
C GLN A 68 33.42 -48.20 5.50
N LEU A 69 33.96 -47.41 6.42
CA LEU A 69 35.43 -47.17 6.51
C LEU A 69 36.13 -48.46 6.93
N ARG A 70 35.55 -49.21 7.88
CA ARG A 70 36.11 -50.51 8.33
C ARG A 70 36.20 -51.45 7.13
N THR A 71 35.07 -51.63 6.43
CA THR A 71 34.95 -52.52 5.25
C THR A 71 36.02 -52.11 4.22
N ALA A 72 36.08 -50.83 3.88
CA ALA A 72 36.96 -50.32 2.81
C ALA A 72 38.44 -50.61 3.13
N MET A 73 38.84 -50.43 4.39
CA MET A 73 40.24 -50.61 4.83
C MET A 73 40.57 -52.12 4.87
N LEU A 74 39.67 -52.96 5.40
CA LEU A 74 39.92 -54.42 5.41
C LEU A 74 39.95 -54.93 3.96
N ASP A 75 39.11 -54.41 3.08
CA ASP A 75 39.12 -54.79 1.63
C ASP A 75 40.44 -54.41 0.98
N ASP A 76 41.04 -53.27 1.34
CA ASP A 76 42.29 -52.77 0.71
C ASP A 76 43.53 -53.52 1.22
N LEU A 77 43.44 -54.13 2.42
CA LEU A 77 44.63 -54.62 3.15
C LEU A 77 45.41 -55.66 2.33
N PRO A 78 44.76 -56.61 1.62
CA PRO A 78 45.52 -57.54 0.77
C PRO A 78 46.45 -56.83 -0.23
N GLU A 79 45.94 -55.79 -0.90
CA GLU A 79 46.72 -55.02 -1.90
C GLU A 79 47.87 -54.31 -1.18
N VAL A 80 47.67 -53.87 0.07
CA VAL A 80 48.74 -53.23 0.88
C VAL A 80 49.83 -54.24 1.20
N LEU A 81 49.47 -55.45 1.62
CA LEU A 81 50.44 -56.47 2.13
C LEU A 81 51.18 -57.13 0.96
N ARG A 82 50.63 -57.03 -0.25
CA ARG A 82 51.18 -57.61 -1.51
C ARG A 82 52.34 -56.74 -2.06
N GLN A 83 52.47 -55.47 -1.65
CA GLN A 83 53.54 -54.55 -2.09
C GLN A 83 54.91 -55.11 -1.67
N GLN A 84 55.97 -54.68 -2.36
CA GLN A 84 57.37 -55.14 -2.19
C GLN A 84 57.85 -54.76 -0.78
N ASP A 85 57.68 -53.50 -0.39
CA ASP A 85 58.09 -53.00 0.96
C ASP A 85 56.87 -52.41 1.65
N VAL A 86 56.40 -53.08 2.72
CA VAL A 86 55.17 -52.72 3.46
C VAL A 86 55.54 -51.64 4.47
N PRO A 87 54.97 -50.43 4.36
CA PRO A 87 55.29 -49.34 5.27
C PRO A 87 54.79 -49.72 6.69
N THR A 88 55.71 -49.74 7.63
CA THR A 88 55.59 -50.33 8.96
C THR A 88 56.15 -49.33 9.98
N ASN A 89 55.47 -49.15 11.12
CA ASN A 89 55.87 -48.21 12.20
C ASN A 89 56.64 -48.99 13.28
N PHE A 90 57.97 -48.86 13.26
CA PHE A 90 58.96 -49.30 14.28
C PHE A 90 59.18 -50.82 14.29
N VAL A 91 58.13 -51.63 14.31
CA VAL A 91 58.21 -53.09 14.55
C VAL A 91 57.14 -53.76 13.71
N PRO A 92 57.31 -55.09 13.44
CA PRO A 92 56.35 -55.83 12.63
C PRO A 92 54.89 -55.77 13.12
N GLY A 93 53.95 -55.68 12.17
CA GLY A 93 52.51 -55.77 12.45
C GLY A 93 51.82 -54.43 12.49
N HIS A 94 52.57 -53.32 12.58
CA HIS A 94 52.00 -51.94 12.68
C HIS A 94 52.10 -51.26 11.32
N VAL A 95 51.10 -51.44 10.49
CA VAL A 95 51.17 -51.04 9.05
C VAL A 95 50.57 -49.65 8.90
N GLN A 96 51.20 -48.80 8.11
CA GLN A 96 50.65 -47.49 7.72
C GLN A 96 49.74 -47.75 6.51
N GLN A 97 48.48 -47.36 6.61
CA GLN A 97 47.48 -47.62 5.55
C GLN A 97 46.52 -46.42 5.52
N ASP A 98 46.49 -45.73 4.40
CA ASP A 98 45.56 -44.62 4.17
C ASP A 98 44.19 -45.22 3.90
N PRO A 99 43.12 -44.62 4.46
CA PRO A 99 41.77 -44.96 4.01
C PRO A 99 41.63 -44.46 2.59
N PRO A 100 40.67 -44.99 1.81
CA PRO A 100 40.42 -44.49 0.45
C PRO A 100 39.98 -43.02 0.50
N VAL A 101 40.35 -42.27 -0.51
CA VAL A 101 39.90 -40.87 -0.75
C VAL A 101 39.05 -40.86 -2.02
N ARG A 102 38.17 -41.85 -2.18
CA ARG A 102 37.03 -41.83 -3.13
C ARG A 102 35.95 -40.94 -2.51
N GLU A 103 35.20 -40.21 -3.31
CA GLU A 103 34.15 -39.27 -2.85
C GLU A 103 33.13 -40.07 -1.99
N SER A 104 32.85 -41.34 -2.34
CA SER A 104 31.81 -42.17 -1.66
C SER A 104 32.22 -42.51 -0.21
N LEU A 105 33.50 -42.33 0.15
CA LEU A 105 34.03 -42.69 1.50
C LEU A 105 34.64 -41.49 2.23
N LEU A 106 34.40 -40.27 1.73
CA LEU A 106 34.84 -39.01 2.39
C LEU A 106 33.62 -38.36 3.01
N PHE A 107 33.52 -38.43 4.34
CA PHE A 107 32.33 -38.03 5.11
C PHE A 107 32.64 -36.75 5.88
N PRO A 108 31.84 -35.69 5.71
CA PRO A 108 32.00 -34.47 6.50
C PRO A 108 32.09 -34.73 8.02
N ASP A 109 31.31 -35.68 8.53
CA ASP A 109 31.28 -35.97 9.99
C ASP A 109 32.59 -36.64 10.45
N VAL A 110 33.42 -37.11 9.53
CA VAL A 110 34.80 -37.61 9.83
C VAL A 110 35.84 -36.52 9.53
N LEU A 111 35.89 -35.97 8.32
CA LEU A 111 36.96 -35.00 7.94
C LEU A 111 36.75 -33.67 8.67
N LEU A 112 35.51 -33.22 8.77
CA LEU A 112 35.13 -31.85 9.20
C LEU A 112 34.16 -31.93 10.38
N ASN A 113 34.48 -32.77 11.36
CA ASN A 113 33.60 -33.01 12.52
C ASN A 113 33.47 -31.71 13.32
N PRO A 114 32.23 -31.24 13.58
CA PRO A 114 32.02 -29.97 14.27
C PRO A 114 32.53 -29.95 15.71
N VAL A 115 32.41 -31.07 16.43
CA VAL A 115 32.88 -31.12 17.85
C VAL A 115 34.41 -31.11 17.85
N VAL A 116 35.03 -31.90 16.98
CA VAL A 116 36.52 -31.98 16.89
C VAL A 116 37.04 -30.57 16.63
N TYR A 117 36.51 -29.89 15.62
CA TYR A 117 37.00 -28.55 15.20
C TYR A 117 36.64 -27.48 16.24
N GLN A 118 35.56 -27.64 16.98
CA GLN A 118 35.27 -26.73 18.12
C GLN A 118 36.45 -26.82 19.12
N ILE A 119 36.89 -28.03 19.45
CA ILE A 119 38.02 -28.27 20.39
C ILE A 119 39.33 -27.76 19.78
N THR A 120 39.62 -28.09 18.53
CA THR A 120 40.94 -27.77 17.93
C THR A 120 41.01 -26.27 17.65
N HIS A 121 39.88 -25.62 17.32
CA HIS A 121 39.81 -24.13 17.19
C HIS A 121 40.17 -23.50 18.52
N ALA A 122 39.64 -24.00 19.64
CA ALA A 122 39.85 -23.41 20.98
C ALA A 122 41.30 -23.61 21.42
N VAL A 123 41.96 -24.72 21.06
CA VAL A 123 43.36 -24.97 21.51
C VAL A 123 44.37 -24.36 20.53
N LEU A 124 44.16 -24.52 19.22
CA LEU A 124 45.19 -24.23 18.17
C LEU A 124 44.89 -22.92 17.40
N GLY A 125 43.66 -22.41 17.51
CA GLY A 125 43.21 -21.21 16.77
C GLY A 125 42.29 -21.56 15.62
N ALA A 126 41.60 -20.53 15.10
CA ALA A 126 40.58 -20.63 14.05
C ALA A 126 41.23 -21.00 12.72
N ASP A 127 42.54 -20.80 12.63
CA ASP A 127 43.40 -21.11 11.44
C ASP A 127 43.95 -22.54 11.48
N ALA A 128 43.71 -23.29 12.54
CA ALA A 128 44.20 -24.69 12.65
C ALA A 128 43.64 -25.49 11.47
N ARG A 129 44.39 -26.49 11.00
CA ARG A 129 44.03 -27.23 9.77
C ARG A 129 44.41 -28.69 9.92
N ASN A 130 43.55 -29.55 9.39
CA ASN A 130 43.87 -30.99 9.25
C ASN A 130 44.89 -31.15 8.13
N ALA A 131 45.99 -31.87 8.35
CA ALA A 131 47.06 -32.13 7.35
C ALA A 131 47.41 -33.62 7.29
N VAL A 132 46.58 -34.47 7.87
CA VAL A 132 46.77 -35.94 7.86
C VAL A 132 45.42 -36.61 7.68
N TYR A 133 45.32 -37.51 6.70
CA TYR A 133 44.16 -38.41 6.51
C TYR A 133 44.76 -39.78 6.20
N SER A 134 45.14 -40.49 7.25
CA SER A 134 45.90 -41.76 7.16
C SER A 134 45.29 -42.79 8.10
N GLY A 135 46.06 -43.81 8.42
CA GLY A 135 45.59 -44.92 9.25
C GLY A 135 46.72 -45.84 9.65
N ASN A 136 46.42 -46.63 10.67
CA ASN A 136 47.30 -47.59 11.38
C ASN A 136 46.51 -48.90 11.43
N MET A 137 46.94 -49.88 10.64
CA MET A 137 46.38 -51.23 10.62
C MET A 137 47.29 -52.12 11.49
N ASN A 138 46.78 -52.55 12.65
CA ASN A 138 47.50 -53.37 13.65
C ASN A 138 47.17 -54.84 13.39
N LEU A 139 48.13 -55.60 12.84
CA LEU A 139 47.91 -57.00 12.36
C LEU A 139 47.96 -57.98 13.51
N PRO A 140 47.19 -59.08 13.44
CA PRO A 140 47.38 -60.19 14.39
C PRO A 140 48.85 -60.60 14.44
N GLY A 141 49.40 -60.74 15.65
CA GLY A 141 50.79 -61.19 15.88
C GLY A 141 51.76 -60.02 15.86
N SER A 142 51.26 -58.78 15.96
CA SER A 142 52.08 -57.57 15.92
C SER A 142 52.98 -57.51 17.16
N HIS A 143 54.12 -56.84 17.05
CA HIS A 143 55.08 -56.66 18.17
C HIS A 143 54.73 -55.40 18.96
N GLU A 144 55.46 -55.16 20.06
CA GLU A 144 55.32 -53.97 20.92
C GLU A 144 56.16 -52.85 20.31
N GLN A 145 55.55 -51.69 20.01
CA GLN A 145 56.30 -50.51 19.55
C GLN A 145 57.08 -49.93 20.71
N PRO A 146 58.21 -49.25 20.49
CA PRO A 146 58.82 -48.44 21.54
C PRO A 146 57.92 -47.22 21.82
N VAL A 147 57.90 -46.78 23.07
CA VAL A 147 57.17 -45.55 23.47
C VAL A 147 57.78 -44.38 22.71
N HIS A 148 56.96 -43.59 22.05
CA HIS A 148 57.38 -42.46 21.18
C HIS A 148 56.35 -41.34 21.24
N LEU A 149 56.72 -40.18 20.70
CA LEU A 149 55.70 -39.16 20.32
C LEU A 149 55.62 -39.14 18.79
N ASP A 150 54.45 -38.80 18.25
CA ASP A 150 54.18 -38.68 16.80
C ASP A 150 54.73 -37.36 16.26
N GLU A 151 54.74 -36.30 17.05
CA GLU A 151 55.23 -34.97 16.62
C GLU A 151 56.08 -34.44 17.76
N PRO A 152 57.28 -33.91 17.50
CA PRO A 152 58.18 -33.49 18.57
C PRO A 152 57.82 -32.12 19.15
N HIS A 153 58.40 -31.82 20.31
CA HIS A 153 58.55 -30.45 20.84
C HIS A 153 59.42 -29.65 19.86
N LEU A 154 59.19 -28.34 19.75
CA LEU A 154 59.73 -27.49 18.68
C LEU A 154 61.14 -27.00 19.03
N TRP A 155 61.48 -26.96 20.31
CA TRP A 155 62.87 -26.71 20.79
C TRP A 155 63.17 -27.71 21.90
N PRO A 156 64.42 -28.19 21.98
CA PRO A 156 64.82 -29.05 23.10
C PRO A 156 64.88 -28.25 24.41
N GLY A 157 64.43 -28.86 25.51
CA GLY A 157 64.59 -28.32 26.87
C GLY A 157 63.62 -27.21 27.21
N ILE A 158 62.56 -27.03 26.43
CA ILE A 158 61.64 -25.84 26.52
C ILE A 158 60.20 -26.31 26.72
N SER A 159 59.47 -25.65 27.61
CA SER A 159 57.99 -25.78 27.77
C SER A 159 57.30 -24.82 26.80
N HIS A 160 56.43 -25.33 25.96
CA HIS A 160 55.59 -24.54 25.03
C HIS A 160 54.23 -25.21 24.90
N PRO A 161 53.18 -24.47 24.54
CA PRO A 161 51.85 -25.04 24.38
C PRO A 161 51.75 -25.95 23.15
N PRO A 162 50.60 -26.64 22.98
CA PRO A 162 50.40 -27.54 21.84
C PRO A 162 50.46 -26.77 20.51
N TYR A 163 50.87 -27.44 19.43
CA TYR A 163 50.74 -26.94 18.05
C TYR A 163 50.05 -27.99 17.17
N CYS A 164 49.74 -29.17 17.71
CA CYS A 164 49.06 -30.24 16.95
C CYS A 164 48.25 -31.15 17.87
N LEU A 165 47.13 -31.62 17.35
CA LEU A 165 46.20 -32.51 18.07
C LEU A 165 45.92 -33.67 17.13
N CYS A 166 46.35 -34.87 17.51
CA CYS A 166 46.03 -36.13 16.79
C CYS A 166 44.55 -36.42 17.03
N VAL A 167 43.84 -36.83 15.99
CA VAL A 167 42.41 -37.22 16.04
C VAL A 167 42.33 -38.67 15.53
N ASP A 168 42.18 -39.63 16.45
CA ASP A 168 42.21 -41.08 16.22
C ASP A 168 40.77 -41.62 16.24
N VAL A 169 40.38 -42.32 15.18
CA VAL A 169 39.01 -42.88 14.98
C VAL A 169 39.12 -44.39 14.86
N PRO A 170 38.87 -45.15 15.95
CA PRO A 170 38.84 -46.61 15.87
C PRO A 170 37.72 -47.07 14.94
N LEU A 171 37.99 -48.07 14.10
CA LEU A 171 37.03 -48.56 13.09
C LEU A 171 36.45 -49.93 13.51
N ILE A 172 36.90 -50.48 14.64
CA ILE A 172 36.22 -51.58 15.40
C ILE A 172 36.36 -51.24 16.88
N ASP A 173 35.66 -51.97 17.73
CA ASP A 173 35.86 -51.88 19.19
C ASP A 173 37.33 -52.22 19.45
N PHE A 174 38.01 -51.36 20.21
CA PHE A 174 39.42 -51.61 20.66
C PHE A 174 39.34 -52.30 22.01
N THR A 175 40.13 -53.35 22.20
CA THR A 175 40.20 -54.12 23.47
C THR A 175 41.67 -54.24 23.89
N LEU A 176 41.90 -54.67 25.13
CA LEU A 176 43.25 -55.07 25.62
C LEU A 176 43.76 -56.24 24.78
N GLU A 177 42.90 -57.06 24.19
CA GLU A 177 43.32 -58.22 23.36
C GLU A 177 43.79 -57.75 21.96
N ASN A 178 43.11 -56.79 21.32
CA ASN A 178 43.28 -56.54 19.86
C ASN A 178 44.12 -55.27 19.61
N GLY A 179 44.78 -54.72 20.62
CA GLY A 179 45.83 -53.69 20.40
C GLY A 179 45.37 -52.28 20.66
N SER A 180 44.51 -52.05 21.65
CA SER A 180 44.15 -50.68 22.09
C SER A 180 45.45 -49.97 22.49
N THR A 181 45.68 -48.77 21.98
CA THR A 181 46.93 -48.01 22.15
C THR A 181 47.22 -47.77 23.63
N GLU A 182 48.49 -47.90 24.04
CA GLU A 182 48.96 -47.46 25.36
C GLU A 182 49.26 -45.95 25.32
N TYR A 183 48.75 -45.21 26.30
CA TYR A 183 48.89 -43.74 26.44
C TYR A 183 49.58 -43.45 27.78
N TRP A 184 50.39 -42.41 27.82
CA TRP A 184 51.09 -41.90 29.02
C TRP A 184 50.48 -40.54 29.39
N PRO A 185 49.42 -40.50 30.23
CA PRO A 185 48.76 -39.24 30.55
C PRO A 185 49.76 -38.25 31.15
N GLY A 186 49.64 -36.99 30.72
CA GLY A 186 50.42 -35.86 31.24
C GLY A 186 51.83 -35.77 30.64
N SER A 187 52.19 -36.69 29.74
CA SER A 187 53.55 -36.80 29.16
C SER A 187 53.77 -35.72 28.09
N HIS A 188 52.70 -35.10 27.61
CA HIS A 188 52.74 -34.12 26.50
C HIS A 188 53.55 -32.90 26.87
N VAL A 189 53.74 -32.58 28.15
CA VAL A 189 54.46 -31.34 28.60
C VAL A 189 55.92 -31.67 28.97
N LEU A 190 56.36 -32.93 28.92
CA LEU A 190 57.74 -33.30 29.32
C LEU A 190 58.69 -33.06 28.13
N ASN A 191 59.72 -32.24 28.32
CA ASN A 191 60.69 -31.98 27.23
C ASN A 191 62.07 -31.67 27.85
N PRO A 192 62.61 -32.59 28.68
CA PRO A 192 63.95 -32.40 29.22
C PRO A 192 64.96 -32.63 28.09
N ASP A 193 66.18 -32.10 28.25
CA ASP A 193 67.30 -32.29 27.28
C ASP A 193 67.55 -33.79 27.08
N GLU A 194 67.86 -34.22 25.85
CA GLU A 194 68.32 -35.61 25.55
C GLU A 194 67.22 -36.62 25.92
N CYS A 195 65.96 -36.34 25.56
CA CYS A 195 64.79 -37.17 25.94
C CYS A 195 64.33 -38.02 24.75
N TYR A 196 64.57 -37.55 23.54
CA TYR A 196 63.95 -38.02 22.27
C TYR A 196 65.03 -38.26 21.23
N ASP A 197 65.03 -39.42 20.61
CA ASP A 197 65.95 -39.74 19.48
C ASP A 197 65.30 -39.26 18.18
N GLU A 198 65.95 -39.48 17.05
CA GLU A 198 65.53 -38.99 15.70
C GLU A 198 64.19 -39.62 15.27
N ARG A 199 63.76 -40.73 15.88
CA ARG A 199 62.48 -41.39 15.52
C ARG A 199 61.34 -40.97 16.46
N GLY A 200 61.60 -40.08 17.41
CA GLY A 200 60.62 -39.60 18.40
C GLY A 200 60.50 -40.57 19.58
N CYS A 201 61.41 -41.54 19.70
CA CYS A 201 61.39 -42.54 20.79
C CYS A 201 61.90 -41.88 22.09
N VAL A 202 61.22 -42.19 23.20
CA VAL A 202 61.53 -41.63 24.54
C VAL A 202 62.71 -42.44 25.10
N LEU A 203 63.74 -41.75 25.58
CA LEU A 203 64.91 -42.39 26.23
C LEU A 203 64.42 -43.23 27.41
N PRO A 204 64.92 -44.47 27.56
CA PRO A 204 64.45 -45.39 28.63
C PRO A 204 64.57 -44.82 30.06
N ALA A 205 65.62 -44.06 30.34
CA ALA A 205 65.83 -43.41 31.67
C ALA A 205 64.64 -42.50 31.96
N GLU A 206 64.16 -41.73 30.98
CA GLU A 206 63.00 -40.81 31.15
C GLU A 206 61.71 -41.62 31.27
N LEU A 207 61.61 -42.72 30.54
CA LEU A 207 60.43 -43.63 30.62
C LEU A 207 60.24 -44.08 32.07
N GLU A 208 61.29 -44.58 32.72
CA GLU A 208 61.22 -45.18 34.10
C GLU A 208 60.93 -44.06 35.12
N ARG A 209 61.60 -42.91 35.03
CA ARG A 209 61.33 -41.73 35.91
C ARG A 209 59.85 -41.38 35.87
N ARG A 210 59.27 -41.31 34.67
CA ARG A 210 57.86 -40.91 34.47
C ARG A 210 56.93 -42.01 34.99
N ARG A 211 57.26 -43.27 34.74
CA ARG A 211 56.43 -44.46 35.11
C ARG A 211 56.16 -44.43 36.62
N ALA A 212 57.12 -44.00 37.42
CA ALA A 212 57.04 -43.95 38.90
C ALA A 212 56.08 -42.85 39.38
N VAL A 213 55.87 -41.80 38.60
CA VAL A 213 55.00 -40.62 38.94
C VAL A 213 53.60 -40.81 38.36
N ALA A 214 53.50 -41.31 37.13
CA ALA A 214 52.24 -41.39 36.35
C ALA A 214 52.36 -42.54 35.34
N PRO A 215 52.11 -43.79 35.76
CA PRO A 215 52.28 -44.92 34.85
C PRO A 215 51.31 -44.85 33.68
N PRO A 216 51.62 -45.52 32.56
CA PRO A 216 50.73 -45.51 31.40
C PRO A 216 49.46 -46.31 31.63
N VAL A 217 48.51 -46.16 30.71
CA VAL A 217 47.17 -46.79 30.75
C VAL A 217 46.90 -47.38 29.37
N ARG A 218 46.20 -48.53 29.37
CA ARG A 218 45.51 -49.09 28.18
C ARG A 218 44.07 -49.38 28.60
N PHE A 219 43.13 -49.05 27.73
CA PHE A 219 41.70 -49.23 27.98
C PHE A 219 41.00 -49.53 26.66
N PRO A 220 39.89 -50.29 26.73
CA PRO A 220 39.03 -50.48 25.58
C PRO A 220 38.44 -49.15 25.15
N ILE A 221 38.16 -49.03 23.86
CA ILE A 221 37.51 -47.84 23.26
C ILE A 221 36.48 -48.36 22.30
N PRO A 222 35.19 -48.10 22.52
CA PRO A 222 34.15 -48.56 21.60
C PRO A 222 34.23 -47.77 20.28
N VAL A 223 34.00 -48.47 19.18
CA VAL A 223 33.81 -47.86 17.84
C VAL A 223 32.68 -46.82 17.95
N GLY A 224 32.76 -45.76 17.16
CA GLY A 224 31.95 -44.53 17.30
C GLY A 224 32.67 -43.47 18.11
N SER A 225 33.71 -43.83 18.86
CA SER A 225 34.49 -42.89 19.70
C SER A 225 35.48 -42.14 18.81
N VAL A 226 35.92 -40.97 19.29
CA VAL A 226 37.06 -40.20 18.73
C VAL A 226 38.01 -39.88 19.88
N VAL A 227 39.29 -40.16 19.68
CA VAL A 227 40.36 -39.81 20.66
C VAL A 227 41.07 -38.56 20.15
N ILE A 228 41.11 -37.51 20.97
CA ILE A 228 41.89 -36.30 20.65
C ILE A 228 43.03 -36.26 21.65
N ARG A 229 44.25 -36.11 21.16
CA ARG A 229 45.45 -36.06 22.03
C ARG A 229 46.46 -35.09 21.47
N ASP A 230 47.21 -34.49 22.38
CA ASP A 230 48.39 -33.68 22.04
C ASP A 230 49.29 -34.58 21.18
N GLY A 231 49.78 -34.06 20.05
CA GLY A 231 50.68 -34.84 19.17
C GLY A 231 51.99 -35.16 19.83
N ARG A 232 52.30 -34.57 20.97
CA ARG A 232 53.56 -34.83 21.71
C ARG A 232 53.33 -35.89 22.81
N LEU A 233 52.11 -36.39 22.99
CA LEU A 233 51.83 -37.38 24.06
C LEU A 233 52.65 -38.65 23.83
N TRP A 234 53.27 -39.18 24.88
CA TRP A 234 53.96 -40.49 24.81
C TRP A 234 52.89 -41.58 24.66
N HIS A 235 53.12 -42.54 23.77
CA HIS A 235 52.20 -43.68 23.52
C HIS A 235 52.96 -44.77 22.79
N ARG A 236 52.35 -45.95 22.67
CA ARG A 236 52.90 -47.01 21.79
C ARG A 236 51.78 -47.92 21.33
N GLY A 237 51.88 -48.36 20.08
CA GLY A 237 51.15 -49.54 19.58
C GLY A 237 51.61 -50.78 20.32
N VAL A 238 50.68 -51.69 20.59
CA VAL A 238 50.95 -52.93 21.33
C VAL A 238 50.41 -54.10 20.52
N PRO A 239 50.79 -55.34 20.91
CA PRO A 239 50.37 -56.54 20.18
C PRO A 239 48.84 -56.65 20.06
N ASN A 240 48.39 -56.89 18.82
CA ASN A 240 47.06 -57.45 18.50
C ASN A 240 47.17 -58.98 18.65
N LEU A 241 46.60 -59.51 19.73
CA LEU A 241 46.62 -60.97 20.07
C LEU A 241 45.33 -61.64 19.57
N SER A 242 44.47 -60.93 18.82
CA SER A 242 43.24 -61.46 18.21
C SER A 242 43.55 -62.01 16.81
N ALA A 243 42.55 -62.55 16.13
CA ALA A 243 42.69 -63.16 14.76
C ALA A 243 42.24 -62.15 13.69
N ALA A 244 41.92 -60.92 14.08
CA ALA A 244 41.43 -59.89 13.13
C ALA A 244 42.29 -58.62 13.16
N PRO A 245 42.58 -58.03 11.99
CA PRO A 245 43.29 -56.75 11.93
C PRO A 245 42.47 -55.64 12.62
N ARG A 246 43.14 -54.72 13.33
CA ARG A 246 42.52 -53.62 14.10
C ARG A 246 42.77 -52.31 13.37
N PRO A 247 41.82 -51.84 12.55
CA PRO A 247 42.00 -50.59 11.81
C PRO A 247 41.68 -49.34 12.63
N LEU A 248 42.58 -48.36 12.51
CA LEU A 248 42.47 -47.01 13.09
C LEU A 248 42.61 -46.00 11.95
N LEU A 249 41.68 -45.05 11.86
CA LEU A 249 41.78 -43.90 10.93
C LEU A 249 42.37 -42.73 11.72
N ALA A 250 43.35 -42.05 11.13
CA ALA A 250 44.16 -41.04 11.85
C ALA A 250 44.13 -39.71 11.11
N MET A 251 43.92 -38.63 11.86
CA MET A 251 43.99 -37.24 11.37
C MET A 251 44.80 -36.45 12.38
N THR A 252 45.42 -35.35 11.95
CA THR A 252 46.20 -34.46 12.84
C THR A 252 45.94 -33.01 12.44
N HIS A 253 45.43 -32.23 13.38
CA HIS A 253 45.18 -30.79 13.27
C HIS A 253 46.46 -30.08 13.71
N TYR A 254 46.94 -29.12 12.93
CA TYR A 254 48.14 -28.32 13.23
C TYR A 254 47.79 -26.82 13.18
N THR A 255 48.51 -26.01 13.94
CA THR A 255 48.54 -24.54 13.74
C THR A 255 48.87 -24.27 12.26
N GLU A 256 48.37 -23.14 11.75
CA GLU A 256 48.51 -22.63 10.37
C GLU A 256 50.00 -22.66 9.97
N TRP A 257 50.90 -22.36 10.91
CA TRP A 257 52.32 -22.05 10.64
C TRP A 257 53.21 -23.31 10.69
N PHE A 258 52.69 -24.50 11.02
CA PHE A 258 53.51 -25.73 11.01
C PHE A 258 53.57 -26.34 9.61
N ASP A 259 54.78 -26.44 9.04
CA ASP A 259 55.01 -26.95 7.66
C ASP A 259 54.62 -28.43 7.57
N MET A 260 53.67 -28.75 6.69
CA MET A 260 53.18 -30.11 6.45
C MET A 260 52.91 -30.23 4.96
N PRO A 261 53.14 -31.41 4.35
CA PRO A 261 52.65 -31.64 2.99
C PRO A 261 51.12 -31.67 3.00
N PRO A 262 50.47 -31.28 1.89
CA PRO A 262 49.02 -31.33 1.79
C PRO A 262 48.49 -32.76 1.61
N ILE A 263 47.27 -33.01 2.07
CA ILE A 263 46.49 -34.25 1.78
C ILE A 263 46.03 -34.19 0.32
N GLN A 264 46.32 -35.22 -0.47
CA GLN A 264 45.78 -35.39 -1.83
C GLN A 264 44.31 -35.78 -1.72
N LEU A 265 43.40 -34.96 -2.24
CA LEU A 265 41.95 -35.29 -2.31
C LEU A 265 41.44 -35.11 -3.73
N PRO A 266 40.41 -35.86 -4.17
CA PRO A 266 39.80 -35.65 -5.47
C PRO A 266 39.01 -34.34 -5.48
N ASP A 267 38.98 -33.62 -6.61
CA ASP A 267 38.31 -32.29 -6.72
C ASP A 267 36.79 -32.47 -6.66
N THR A 268 36.29 -33.71 -6.68
CA THR A 268 34.86 -34.04 -6.44
C THR A 268 34.42 -33.68 -5.01
N VAL A 269 35.35 -33.41 -4.08
CA VAL A 269 35.00 -32.98 -2.68
C VAL A 269 35.42 -31.53 -2.47
N LYS A 270 36.04 -30.89 -3.46
CA LYS A 270 36.55 -29.50 -3.33
C LYS A 270 35.39 -28.57 -2.90
N SER A 271 34.18 -28.75 -3.44
CA SER A 271 33.01 -27.86 -3.16
C SER A 271 32.77 -27.74 -1.65
N TRP A 272 32.74 -28.84 -0.90
CA TRP A 272 32.44 -28.83 0.56
C TRP A 272 33.73 -28.77 1.43
N VAL A 273 34.87 -29.24 0.96
CA VAL A 273 36.14 -29.18 1.75
C VAL A 273 36.69 -27.74 1.72
N ASP A 274 36.89 -27.13 0.55
CA ASP A 274 37.59 -25.83 0.39
C ASP A 274 36.75 -24.67 0.94
N GLY A 275 35.43 -24.71 0.83
CA GLY A 275 34.55 -23.68 1.41
C GLY A 275 34.75 -23.49 2.92
N SER A 276 34.97 -24.58 3.66
CA SER A 276 34.68 -24.71 5.11
C SER A 276 35.55 -23.79 5.97
N ASP A 277 34.99 -23.34 7.11
CA ASP A 277 35.71 -22.67 8.21
C ASP A 277 36.39 -23.72 9.11
N ARG A 278 36.27 -25.02 8.76
CA ARG A 278 37.10 -26.13 9.31
C ARG A 278 38.17 -26.46 8.27
N HIS A 279 39.35 -25.88 8.44
CA HIS A 279 40.40 -25.88 7.39
C HIS A 279 41.04 -27.27 7.25
N THR A 280 41.39 -27.58 6.01
CA THR A 280 42.19 -28.75 5.58
C THR A 280 43.34 -28.22 4.74
N HIS A 281 44.58 -28.63 5.01
CA HIS A 281 45.73 -28.44 4.10
C HIS A 281 45.59 -29.51 3.01
N ALA A 282 44.93 -29.17 1.91
CA ALA A 282 44.52 -30.12 0.84
C ALA A 282 45.10 -29.65 -0.51
N HIS A 283 45.47 -30.63 -1.34
CA HIS A 283 45.75 -30.44 -2.78
C HIS A 283 44.68 -31.25 -3.53
N PHE A 284 43.86 -30.57 -4.34
CA PHE A 284 42.73 -31.19 -5.07
C PHE A 284 43.22 -31.66 -6.44
N VAL A 285 42.91 -32.90 -6.78
CA VAL A 285 43.44 -33.64 -7.96
C VAL A 285 42.24 -33.97 -8.87
N ALA A 286 42.42 -33.87 -10.18
CA ALA A 286 41.45 -34.35 -11.18
C ALA A 286 41.52 -35.88 -11.17
N GLY A 287 40.37 -36.53 -11.06
CA GLY A 287 40.25 -38.00 -11.01
C GLY A 287 40.55 -38.54 -9.62
N ASP A 288 40.93 -39.81 -9.57
CA ASP A 288 41.23 -40.56 -8.32
C ASP A 288 42.69 -40.37 -7.93
N VAL A 289 42.92 -40.32 -6.62
CA VAL A 289 44.25 -40.34 -5.95
C VAL A 289 44.62 -41.82 -5.74
N ASP A 290 45.86 -42.20 -6.00
CA ASP A 290 46.34 -43.55 -5.57
C ASP A 290 46.70 -43.48 -4.08
N HIS A 291 45.83 -43.97 -3.17
CA HIS A 291 46.02 -43.91 -1.69
C HIS A 291 46.98 -45.02 -1.21
N LEU A 292 47.14 -46.10 -1.99
CA LEU A 292 48.16 -47.21 -1.82
C LEU A 292 49.21 -47.06 -2.95
N ASP A 295 55.26 -46.94 -0.10
CA ASP A 295 56.40 -46.01 0.20
C ASP A 295 55.88 -44.73 0.88
N HIS A 296 55.56 -44.81 2.18
CA HIS A 296 54.69 -43.87 2.93
C HIS A 296 55.51 -42.87 3.75
N PRO A 297 55.28 -41.54 3.58
CA PRO A 297 55.99 -40.53 4.36
C PRO A 297 55.72 -40.46 5.87
N PHE A 298 54.61 -41.07 6.34
CA PHE A 298 54.17 -41.00 7.76
C PHE A 298 54.61 -42.27 8.53
N ALA A 299 55.07 -43.31 7.83
CA ALA A 299 55.62 -44.53 8.48
C ALA A 299 57.01 -44.21 9.06
N VAL A 300 57.20 -44.51 10.35
CA VAL A 300 58.48 -44.37 11.10
C VAL A 300 58.93 -45.79 11.52
N ALA B 18 69.90 8.26 19.01
CA ALA B 18 70.68 8.82 17.83
C ALA B 18 72.20 8.86 18.09
N LEU B 19 72.92 7.84 17.60
CA LEU B 19 74.36 7.59 17.86
C LEU B 19 75.20 7.98 16.63
N ALA B 20 76.52 8.03 16.72
CA ALA B 20 77.45 8.32 15.61
C ALA B 20 77.91 7.04 14.89
N ALA B 21 77.71 5.88 15.52
CA ALA B 21 78.20 4.57 14.98
C ALA B 21 77.45 3.44 15.66
N PRO B 22 77.49 2.22 15.13
CA PRO B 22 76.84 1.09 15.77
C PRO B 22 77.38 0.93 17.17
N PRO B 23 76.52 0.78 18.20
CA PRO B 23 76.97 0.67 19.57
C PRO B 23 77.79 -0.61 19.76
N GLY B 24 78.87 -0.51 20.55
CA GLY B 24 79.78 -1.64 20.81
C GLY B 24 79.03 -2.83 21.36
N GLU B 25 78.02 -2.64 22.21
CA GLU B 25 77.22 -3.73 22.86
C GLU B 25 76.48 -4.58 21.83
N LEU B 26 76.21 -4.06 20.62
CA LEU B 26 75.44 -4.79 19.57
C LEU B 26 76.32 -5.29 18.44
N THR B 27 77.61 -4.95 18.43
CA THR B 27 78.44 -4.93 17.19
C THR B 27 79.61 -5.89 17.29
N LEU B 28 79.89 -6.60 16.21
CA LEU B 28 81.13 -7.38 16.00
C LEU B 28 81.75 -6.86 14.72
N ALA B 29 83.00 -6.40 14.75
CA ALA B 29 83.73 -5.86 13.59
C ALA B 29 84.47 -7.01 12.91
N LEU B 30 84.19 -7.27 11.64
CA LEU B 30 84.78 -8.36 10.83
C LEU B 30 85.40 -7.74 9.57
N THR B 31 86.10 -8.56 8.78
CA THR B 31 86.57 -8.27 7.40
C THR B 31 85.86 -9.26 6.49
N PRO B 32 85.83 -9.02 5.17
CA PRO B 32 85.25 -10.00 4.23
C PRO B 32 85.98 -11.34 4.13
N ASP B 33 87.19 -11.42 4.68
CA ASP B 33 88.01 -12.66 4.73
C ASP B 33 87.56 -13.53 5.89
N ASP B 34 86.84 -13.00 6.89
CA ASP B 34 86.40 -13.79 8.08
C ASP B 34 85.36 -14.80 7.61
N LYS B 35 85.74 -16.08 7.55
CA LYS B 35 84.88 -17.15 6.98
C LYS B 35 84.05 -17.73 8.14
N THR B 36 84.53 -17.64 9.36
CA THR B 36 84.00 -18.38 10.52
C THR B 36 84.47 -17.72 11.81
N LEU B 37 83.59 -17.59 12.81
CA LEU B 37 83.92 -16.96 14.10
C LEU B 37 84.53 -18.01 15.03
N ASP B 38 85.63 -17.67 15.69
CA ASP B 38 86.23 -18.43 16.81
C ASP B 38 85.16 -18.58 17.89
N PRO B 39 85.23 -19.65 18.72
CA PRO B 39 84.18 -19.91 19.70
C PRO B 39 83.81 -18.73 20.59
N ALA B 40 84.77 -17.93 21.05
CA ALA B 40 84.54 -16.74 21.92
C ALA B 40 83.73 -15.67 21.19
N SER B 41 84.08 -15.37 19.93
CA SER B 41 83.36 -14.39 19.08
C SER B 41 81.91 -14.88 18.86
N LEU B 42 81.76 -16.17 18.52
CA LEU B 42 80.43 -16.78 18.30
C LEU B 42 79.59 -16.64 19.58
N ASP B 43 80.17 -16.94 20.74
CA ASP B 43 79.45 -16.84 22.04
C ASP B 43 79.01 -15.40 22.27
N ARG B 44 79.85 -14.41 21.96
CA ARG B 44 79.46 -12.99 22.17
C ARG B 44 78.28 -12.63 21.22
N ALA B 45 78.38 -13.06 19.96
CA ALA B 45 77.33 -12.85 18.93
C ALA B 45 75.97 -13.39 19.44
N LEU B 46 75.95 -14.63 19.92
CA LEU B 46 74.72 -15.32 20.42
C LEU B 46 74.24 -14.64 21.70
N ALA B 47 75.14 -14.18 22.56
CA ALA B 47 74.78 -13.49 23.82
C ALA B 47 74.07 -12.17 23.47
N ILE B 48 74.56 -11.46 22.45
CA ILE B 48 73.94 -10.19 21.93
C ILE B 48 72.55 -10.47 21.35
N LEU B 49 72.41 -11.45 20.44
CA LEU B 49 71.09 -11.85 19.88
C LEU B 49 70.10 -12.28 20.97
N ALA B 50 70.55 -13.04 21.96
CA ALA B 50 69.66 -13.52 23.05
C ALA B 50 69.16 -12.32 23.86
N GLU B 51 70.06 -11.40 24.26
CA GLU B 51 69.71 -10.30 25.20
C GLU B 51 68.99 -9.17 24.44
N HIS B 52 69.55 -8.73 23.31
CA HIS B 52 69.18 -7.47 22.63
C HIS B 52 68.30 -7.75 21.40
N GLY B 53 68.42 -8.94 20.81
CA GLY B 53 67.59 -9.33 19.65
C GLY B 53 68.09 -8.73 18.37
N ILE B 54 69.25 -8.06 18.40
CA ILE B 54 69.86 -7.45 17.20
C ILE B 54 71.37 -7.45 17.33
N LEU B 55 72.03 -7.78 16.23
CA LEU B 55 73.50 -7.97 16.14
C LEU B 55 73.91 -7.26 14.85
N VAL B 56 74.85 -6.34 14.93
CA VAL B 56 75.43 -5.64 13.75
C VAL B 56 76.83 -6.23 13.52
N LEU B 57 77.06 -6.81 12.33
CA LEU B 57 78.36 -7.33 11.87
C LEU B 57 78.91 -6.41 10.80
N THR B 58 79.88 -5.55 11.11
CA THR B 58 80.51 -4.61 10.16
C THR B 58 81.59 -5.32 9.35
N GLY B 59 81.80 -4.88 8.11
CA GLY B 59 82.93 -5.29 7.26
C GLY B 59 82.78 -6.69 6.71
N MET B 60 81.59 -7.23 6.55
CA MET B 60 81.35 -8.63 6.14
C MET B 60 81.40 -8.79 4.61
N LEU B 61 80.86 -7.87 3.82
CA LEU B 61 80.68 -8.06 2.36
C LEU B 61 81.61 -7.11 1.59
N ARG B 62 82.24 -7.61 0.53
CA ARG B 62 83.12 -6.81 -0.38
C ARG B 62 82.27 -5.78 -1.11
N THR B 63 82.84 -4.58 -1.39
CA THR B 63 82.09 -3.48 -2.03
C THR B 63 81.76 -3.89 -3.48
N ARG B 64 82.58 -4.75 -4.07
CA ARG B 64 82.32 -5.45 -5.37
C ARG B 64 80.87 -5.96 -5.41
N LEU B 65 80.39 -6.61 -4.33
CA LEU B 65 79.06 -7.29 -4.29
C LEU B 65 77.97 -6.26 -4.01
N THR B 66 78.18 -5.41 -3.01
CA THR B 66 77.18 -4.39 -2.59
C THR B 66 76.99 -3.37 -3.70
N ASP B 67 78.05 -3.00 -4.44
CA ASP B 67 77.95 -2.07 -5.61
C ASP B 67 76.99 -2.65 -6.66
N GLN B 68 77.12 -3.94 -6.98
CA GLN B 68 76.34 -4.56 -8.08
C GLN B 68 74.88 -4.66 -7.67
N LEU B 69 74.60 -5.05 -6.43
CA LEU B 69 73.21 -5.16 -5.90
C LEU B 69 72.60 -3.76 -5.81
N ARG B 70 73.35 -2.76 -5.36
CA ARG B 70 72.88 -1.35 -5.31
C ARG B 70 72.46 -0.88 -6.71
N THR B 71 73.36 -1.03 -7.68
CA THR B 71 73.16 -0.64 -9.09
C THR B 71 71.91 -1.35 -9.62
N ALA B 72 71.81 -2.67 -9.42
CA ALA B 72 70.72 -3.51 -9.99
C ALA B 72 69.37 -3.04 -9.44
N MET B 73 69.30 -2.70 -8.16
CA MET B 73 68.04 -2.29 -7.48
C MET B 73 67.68 -0.87 -7.92
N LEU B 74 68.64 0.06 -7.99
CA LEU B 74 68.34 1.44 -8.47
C LEU B 74 67.88 1.35 -9.95
N ASP B 75 68.51 0.49 -10.76
CA ASP B 75 68.10 0.29 -12.19
C ASP B 75 66.67 -0.25 -12.26
N ASP B 76 66.25 -1.13 -11.35
CA ASP B 76 64.91 -1.79 -11.38
C ASP B 76 63.81 -0.86 -10.85
N LEU B 77 64.16 0.19 -10.10
CA LEU B 77 63.19 0.99 -9.32
C LEU B 77 62.15 1.63 -10.24
N PRO B 78 62.50 2.15 -11.44
CA PRO B 78 61.50 2.63 -12.38
C PRO B 78 60.39 1.62 -12.68
N GLU B 79 60.72 0.35 -12.91
CA GLU B 79 59.74 -0.73 -13.21
C GLU B 79 58.84 -0.91 -11.99
N VAL B 80 59.38 -0.76 -10.78
CA VAL B 80 58.59 -0.87 -9.53
C VAL B 80 57.60 0.30 -9.41
N LEU B 81 58.05 1.53 -9.68
CA LEU B 81 57.24 2.77 -9.48
C LEU B 81 56.19 2.93 -10.57
N ARG B 82 56.38 2.24 -11.71
CA ARG B 82 55.49 2.26 -12.91
C ARG B 82 54.26 1.38 -12.69
N GLN B 83 54.26 0.45 -11.73
CA GLN B 83 53.10 -0.45 -11.43
C GLN B 83 51.87 0.38 -11.04
N GLN B 84 50.68 -0.16 -11.24
CA GLN B 84 49.38 0.56 -11.03
C GLN B 84 49.22 0.86 -9.52
N ASP B 85 49.47 -0.15 -8.68
CA ASP B 85 49.61 0.01 -7.21
C ASP B 85 51.04 -0.39 -6.82
N VAL B 86 51.80 0.57 -6.28
CA VAL B 86 53.19 0.41 -5.80
C VAL B 86 53.16 -0.28 -4.44
N PRO B 87 53.74 -1.49 -4.32
CA PRO B 87 53.74 -2.22 -3.05
C PRO B 87 54.56 -1.42 -2.02
N THR B 88 53.91 -1.10 -0.92
CA THR B 88 54.34 -0.08 0.08
C THR B 88 54.17 -0.69 1.47
N ASN B 89 55.13 -0.48 2.37
CA ASN B 89 55.11 -0.98 3.76
C ASN B 89 54.59 0.14 4.68
N PHE B 90 53.29 0.07 4.99
CA PHE B 90 52.55 0.87 6.00
C PHE B 90 52.28 2.30 5.51
N VAL B 91 53.28 3.02 5.01
CA VAL B 91 53.20 4.48 4.76
C VAL B 91 54.03 4.80 3.52
N PRO B 92 53.74 5.93 2.85
CA PRO B 92 54.47 6.33 1.64
C PRO B 92 55.99 6.39 1.78
N GLY B 93 56.69 5.97 0.73
CA GLY B 93 58.15 6.10 0.59
C GLY B 93 58.88 4.81 0.93
N HIS B 94 58.23 3.86 1.58
CA HIS B 94 58.80 2.56 2.00
C HIS B 94 58.29 1.51 1.00
N VAL B 95 59.04 1.31 -0.08
CA VAL B 95 58.61 0.46 -1.20
C VAL B 95 59.18 -0.96 -0.99
N GLN B 96 58.39 -1.98 -1.27
CA GLN B 96 58.85 -3.38 -1.30
C GLN B 96 59.42 -3.63 -2.69
N GLN B 97 60.66 -4.09 -2.75
CA GLN B 97 61.34 -4.38 -4.04
C GLN B 97 62.28 -5.57 -3.85
N ASP B 98 62.04 -6.64 -4.58
CA ASP B 98 62.90 -7.85 -4.58
C ASP B 98 64.12 -7.55 -5.43
N PRO B 99 65.34 -7.91 -4.97
CA PRO B 99 66.51 -7.83 -5.82
C PRO B 99 66.37 -8.86 -6.93
N PRO B 100 67.11 -8.69 -8.03
CA PRO B 100 67.06 -9.64 -9.14
C PRO B 100 67.56 -11.02 -8.70
N VAL B 101 66.99 -12.05 -9.31
CA VAL B 101 67.43 -13.45 -9.17
C VAL B 101 67.95 -13.93 -10.53
N ARG B 102 68.72 -13.09 -11.22
CA ARG B 102 69.57 -13.50 -12.37
C ARG B 102 70.82 -14.15 -11.79
N GLU B 103 71.37 -15.17 -12.46
CA GLU B 103 72.54 -15.93 -11.97
C GLU B 103 73.70 -14.95 -11.69
N SER B 104 73.87 -13.90 -12.50
CA SER B 104 75.01 -12.94 -12.44
C SER B 104 74.94 -12.09 -11.17
N LEU B 105 73.80 -12.04 -10.47
CA LEU B 105 73.58 -11.20 -9.25
C LEU B 105 73.19 -12.06 -8.02
N LEU B 106 73.35 -13.37 -8.11
CA LEU B 106 73.15 -14.29 -6.95
C LEU B 106 74.52 -14.73 -6.47
N PHE B 107 74.93 -14.22 -5.32
CA PHE B 107 76.30 -14.38 -4.77
C PHE B 107 76.25 -15.29 -3.56
N PRO B 108 77.05 -16.38 -3.54
CA PRO B 108 77.14 -17.25 -2.37
C PRO B 108 77.40 -16.48 -1.06
N ASP B 109 78.24 -15.44 -1.11
CA ASP B 109 78.62 -14.65 0.10
C ASP B 109 77.45 -13.82 0.60
N VAL B 110 76.38 -13.66 -0.20
CA VAL B 110 75.12 -13.01 0.24
C VAL B 110 74.07 -14.08 0.60
N LEU B 111 73.74 -15.02 -0.30
CA LEU B 111 72.67 -16.01 -0.02
C LEU B 111 73.10 -17.01 1.03
N LEU B 112 74.36 -17.45 0.99
CA LEU B 112 74.89 -18.60 1.75
C LEU B 112 76.12 -18.13 2.54
N ASN B 113 76.01 -17.01 3.22
CA ASN B 113 77.16 -16.43 3.97
C ASN B 113 77.51 -17.37 5.12
N PRO B 114 78.79 -17.80 5.22
CA PRO B 114 79.21 -18.76 6.24
C PRO B 114 79.06 -18.22 7.67
N VAL B 115 79.31 -16.93 7.91
CA VAL B 115 79.19 -16.34 9.27
C VAL B 115 77.70 -16.26 9.65
N VAL B 116 76.87 -15.81 8.74
CA VAL B 116 75.40 -15.70 8.97
C VAL B 116 74.89 -17.09 9.37
N TYR B 117 75.19 -18.10 8.56
CA TYR B 117 74.69 -19.49 8.76
C TYR B 117 75.33 -20.12 10.01
N GLN B 118 76.54 -19.77 10.36
CA GLN B 118 77.14 -20.19 11.66
C GLN B 118 76.22 -19.74 12.78
N ILE B 119 75.80 -18.47 12.76
CA ILE B 119 74.92 -17.87 13.81
C ILE B 119 73.53 -18.50 13.74
N THR B 120 72.93 -18.61 12.56
CA THR B 120 71.52 -19.08 12.44
C THR B 120 71.48 -20.58 12.72
N HIS B 121 72.51 -21.35 12.35
CA HIS B 121 72.63 -22.78 12.72
C HIS B 121 72.63 -22.92 14.24
N ALA B 122 73.39 -22.09 14.97
CA ALA B 122 73.52 -22.17 16.44
C ALA B 122 72.20 -21.79 17.12
N VAL B 123 71.42 -20.85 16.57
CA VAL B 123 70.16 -20.38 17.21
C VAL B 123 68.97 -21.25 16.77
N LEU B 124 68.86 -21.57 15.48
CA LEU B 124 67.64 -22.17 14.86
C LEU B 124 67.82 -23.66 14.53
N GLY B 125 69.05 -24.16 14.51
CA GLY B 125 69.37 -25.57 14.16
C GLY B 125 69.98 -25.67 12.77
N ALA B 126 70.59 -26.82 12.48
CA ALA B 126 71.33 -27.13 11.23
C ALA B 126 70.35 -27.21 10.05
N ASP B 127 69.07 -27.43 10.36
CA ASP B 127 67.96 -27.53 9.37
C ASP B 127 67.32 -26.15 9.08
N ALA B 128 67.76 -25.09 9.75
CA ALA B 128 67.22 -23.73 9.51
C ALA B 128 67.44 -23.37 8.03
N ARG B 129 66.57 -22.57 7.46
CA ARG B 129 66.60 -22.31 5.99
C ARG B 129 66.18 -20.87 5.69
N ASN B 130 66.85 -20.28 4.71
CA ASN B 130 66.44 -18.96 4.18
C ASN B 130 65.18 -19.15 3.34
N ALA B 131 64.13 -18.35 3.56
CA ALA B 131 62.86 -18.41 2.79
C ALA B 131 62.46 -17.02 2.31
N VAL B 132 63.36 -16.05 2.36
CA VAL B 132 63.07 -14.66 1.90
C VAL B 132 64.31 -14.12 1.17
N TYR B 133 64.08 -13.61 -0.03
CA TYR B 133 65.08 -12.84 -0.80
C TYR B 133 64.39 -11.60 -1.34
N SER B 134 64.27 -10.58 -0.52
CA SER B 134 63.46 -9.37 -0.79
C SER B 134 64.26 -8.10 -0.50
N GLY B 135 63.56 -6.98 -0.39
CA GLY B 135 64.22 -5.68 -0.21
C GLY B 135 63.20 -4.60 0.08
N ASN B 136 63.72 -3.51 0.63
CA ASN B 136 63.04 -2.32 1.17
C ASN B 136 63.77 -1.12 0.57
N MET B 137 63.12 -0.43 -0.35
CA MET B 137 63.66 0.79 -1.00
C MET B 137 62.99 1.99 -0.31
N ASN B 138 63.76 2.74 0.48
CA ASN B 138 63.32 3.89 1.30
C ASN B 138 63.57 5.17 0.47
N LEU B 139 62.50 5.78 -0.05
CA LEU B 139 62.58 6.92 -1.03
C LEU B 139 62.80 8.23 -0.30
N PRO B 140 63.52 9.21 -0.91
CA PRO B 140 63.55 10.56 -0.36
C PRO B 140 62.12 11.05 -0.11
N GLY B 141 61.88 11.61 1.08
CA GLY B 141 60.60 12.22 1.50
C GLY B 141 59.66 11.20 2.11
N SER B 142 60.18 10.02 2.48
CA SER B 142 59.34 8.91 3.01
C SER B 142 58.77 9.30 4.38
N HIS B 143 57.67 8.68 4.78
CA HIS B 143 56.99 8.93 6.09
C HIS B 143 57.57 8.02 7.17
N GLU B 144 57.12 8.22 8.42
CA GLU B 144 57.48 7.38 9.61
C GLU B 144 56.60 6.12 9.58
N GLN B 145 57.17 4.94 9.57
CA GLN B 145 56.41 3.67 9.73
C GLN B 145 55.98 3.54 11.18
N PRO B 146 54.86 2.86 11.46
CA PRO B 146 54.56 2.48 12.84
C PRO B 146 55.57 1.41 13.30
N VAL B 147 55.89 1.43 14.58
CA VAL B 147 56.69 0.34 15.21
C VAL B 147 55.92 -0.96 15.06
N HIS B 148 56.58 -1.98 14.53
CA HIS B 148 55.98 -3.29 14.20
C HIS B 148 57.02 -4.40 14.40
N LEU B 149 56.56 -5.65 14.40
CA LEU B 149 57.46 -6.79 14.16
C LEU B 149 57.17 -7.34 12.76
N ASP B 150 58.18 -7.91 12.11
CA ASP B 150 58.07 -8.53 10.76
C ASP B 150 57.46 -9.93 10.86
N GLU B 151 57.71 -10.65 11.95
CA GLU B 151 57.20 -12.04 12.13
C GLU B 151 56.65 -12.10 13.54
N PRO B 152 55.43 -12.63 13.73
CA PRO B 152 54.79 -12.62 15.05
C PRO B 152 55.32 -13.73 15.97
N HIS B 153 54.98 -13.60 17.25
CA HIS B 153 55.01 -14.70 18.25
C HIS B 153 54.01 -15.78 17.78
N LEU B 154 54.27 -17.03 18.11
CA LEU B 154 53.51 -18.21 17.60
C LEU B 154 52.26 -18.45 18.42
N TRP B 155 52.22 -18.02 19.67
CA TRP B 155 50.98 -18.05 20.49
C TRP B 155 50.85 -16.72 21.21
N PRO B 156 49.62 -16.22 21.41
CA PRO B 156 49.44 -15.00 22.20
C PRO B 156 49.74 -15.26 23.68
N GLY B 157 50.39 -14.29 24.35
CA GLY B 157 50.61 -14.32 25.81
C GLY B 157 51.65 -15.30 26.29
N ILE B 158 52.49 -15.82 25.40
CA ILE B 158 53.44 -16.93 25.69
C ILE B 158 54.86 -16.49 25.34
N SER B 159 55.79 -16.79 26.21
CA SER B 159 57.25 -16.66 26.01
C SER B 159 57.77 -17.93 25.35
N HIS B 160 58.43 -17.79 24.20
CA HIS B 160 59.07 -18.91 23.48
C HIS B 160 60.36 -18.39 22.82
N PRO B 161 61.33 -19.28 22.53
CA PRO B 161 62.57 -18.90 21.87
C PRO B 161 62.36 -18.49 20.42
N PRO B 162 63.43 -17.98 19.76
CA PRO B 162 63.35 -17.56 18.37
C PRO B 162 63.00 -18.72 17.44
N TYR B 163 62.33 -18.44 16.32
CA TYR B 163 62.10 -19.40 15.21
C TYR B 163 62.51 -18.75 13.89
N CYS B 164 62.89 -17.46 13.89
CA CYS B 164 63.35 -16.78 12.65
C CYS B 164 64.31 -15.63 12.97
N LEU B 165 65.25 -15.43 12.08
CA LEU B 165 66.29 -14.39 12.18
C LEU B 165 66.28 -13.63 10.86
N CYS B 166 65.92 -12.35 10.91
CA CYS B 166 66.02 -11.44 9.75
C CYS B 166 67.50 -11.16 9.50
N VAL B 167 67.91 -11.17 8.24
CA VAL B 167 69.31 -10.85 7.82
C VAL B 167 69.20 -9.67 6.85
N ASP B 168 69.55 -8.47 7.33
CA ASP B 168 69.40 -7.18 6.60
C ASP B 168 70.77 -6.75 6.06
N VAL B 169 70.84 -6.46 4.77
CA VAL B 169 72.09 -6.06 4.07
C VAL B 169 71.91 -4.67 3.46
N PRO B 170 72.41 -3.62 4.14
CA PRO B 170 72.37 -2.28 3.57
C PRO B 170 73.19 -2.21 2.28
N LEU B 171 72.68 -1.51 1.26
CA LEU B 171 73.35 -1.44 -0.06
C LEU B 171 73.98 -0.07 -0.30
N ILE B 172 73.85 0.85 0.65
CA ILE B 172 74.66 2.10 0.78
C ILE B 172 74.93 2.29 2.27
N ASP B 173 75.81 3.25 2.61
CA ASP B 173 75.99 3.64 4.02
C ASP B 173 74.61 4.08 4.53
N PHE B 174 74.18 3.56 5.67
CA PHE B 174 72.93 4.03 6.33
C PHE B 174 73.34 5.12 7.31
N THR B 175 72.61 6.22 7.33
CA THR B 175 72.88 7.38 8.23
C THR B 175 71.57 7.71 8.95
N LEU B 176 71.66 8.54 10.00
CA LEU B 176 70.47 9.13 10.64
C LEU B 176 69.66 9.93 9.62
N GLU B 177 70.31 10.50 8.59
CA GLU B 177 69.65 11.34 7.58
C GLU B 177 68.89 10.48 6.56
N ASN B 178 69.43 9.33 6.11
CA ASN B 178 68.88 8.63 4.92
C ASN B 178 68.03 7.42 5.32
N GLY B 179 67.66 7.30 6.60
CA GLY B 179 66.63 6.36 7.04
C GLY B 179 67.16 5.06 7.61
N SER B 180 68.25 5.12 8.37
CA SER B 180 68.76 3.96 9.14
C SER B 180 67.62 3.51 10.08
N THR B 181 67.33 2.22 10.09
CA THR B 181 66.16 1.64 10.78
C THR B 181 66.25 1.91 12.28
N GLU B 182 65.14 2.24 12.91
CA GLU B 182 65.01 2.31 14.38
C GLU B 182 64.74 0.90 14.92
N TYR B 183 65.48 0.51 15.96
CA TYR B 183 65.42 -0.82 16.60
C TYR B 183 65.12 -0.63 18.09
N TRP B 184 64.35 -1.56 18.66
CA TRP B 184 63.98 -1.60 20.09
C TRP B 184 64.67 -2.78 20.77
N PRO B 185 65.87 -2.58 21.33
CA PRO B 185 66.64 -3.66 21.93
C PRO B 185 65.82 -4.36 23.01
N GLY B 186 65.87 -5.69 23.00
CA GLY B 186 65.25 -6.56 24.02
C GLY B 186 63.75 -6.76 23.79
N SER B 187 63.18 -6.18 22.73
CA SER B 187 61.71 -6.20 22.46
C SER B 187 61.28 -7.57 21.92
N HIS B 188 62.24 -8.37 21.44
CA HIS B 188 61.96 -9.66 20.78
C HIS B 188 61.30 -10.67 21.72
N VAL B 189 61.43 -10.50 23.05
CA VAL B 189 60.88 -11.45 24.04
C VAL B 189 59.53 -10.98 24.59
N LEU B 190 59.04 -9.79 24.22
CA LEU B 190 57.77 -9.24 24.78
C LEU B 190 56.59 -9.82 24.01
N ASN B 191 55.67 -10.48 24.68
CA ASN B 191 54.43 -11.00 24.03
C ASN B 191 53.28 -11.03 25.03
N PRO B 192 52.99 -9.89 25.70
CA PRO B 192 51.84 -9.84 26.61
C PRO B 192 50.55 -9.86 25.77
N ASP B 193 49.43 -10.21 26.37
CA ASP B 193 48.08 -10.21 25.72
C ASP B 193 47.81 -8.81 25.15
N GLU B 194 47.18 -8.72 23.98
CA GLU B 194 46.66 -7.44 23.40
C GLU B 194 47.84 -6.49 23.15
N CYS B 195 48.92 -6.99 22.55
CA CYS B 195 50.15 -6.20 22.30
C CYS B 195 50.25 -5.82 20.82
N TYR B 196 49.69 -6.65 19.93
CA TYR B 196 49.93 -6.64 18.46
C TYR B 196 48.60 -6.63 17.72
N ASP B 197 48.41 -5.75 16.74
CA ASP B 197 47.26 -5.78 15.82
C ASP B 197 47.55 -6.75 14.67
N GLU B 198 46.60 -6.89 13.74
CA GLU B 198 46.64 -7.88 12.62
C GLU B 198 47.80 -7.57 11.65
N ARG B 199 48.39 -6.37 11.67
CA ARG B 199 49.51 -5.99 10.77
C ARG B 199 50.88 -6.18 11.46
N GLY B 200 50.89 -6.65 12.72
CA GLY B 200 52.12 -6.77 13.52
C GLY B 200 52.60 -5.45 14.11
N CYS B 201 51.73 -4.45 14.13
CA CYS B 201 51.99 -3.14 14.79
C CYS B 201 51.83 -3.28 16.29
N VAL B 202 52.73 -2.63 17.03
CA VAL B 202 52.74 -2.66 18.52
C VAL B 202 51.68 -1.68 19.02
N LEU B 203 50.78 -2.12 19.88
CA LEU B 203 49.69 -1.26 20.42
C LEU B 203 50.34 -0.13 21.23
N PRO B 204 49.87 1.12 21.04
CA PRO B 204 50.53 2.31 21.59
C PRO B 204 50.81 2.27 23.10
N ALA B 205 49.88 1.73 23.88
CA ALA B 205 50.02 1.61 25.34
C ALA B 205 51.26 0.77 25.65
N GLU B 206 51.48 -0.33 24.95
CA GLU B 206 52.65 -1.22 25.15
C GLU B 206 53.92 -0.52 24.64
N LEU B 207 53.83 0.27 23.56
CA LEU B 207 54.99 1.01 23.05
C LEU B 207 55.54 1.90 24.17
N GLU B 208 54.68 2.71 24.80
CA GLU B 208 55.09 3.74 25.79
C GLU B 208 55.60 3.05 27.06
N ARG B 209 54.94 1.99 27.54
CA ARG B 209 55.40 1.21 28.71
C ARG B 209 56.83 0.74 28.49
N ARG B 210 57.12 0.18 27.33
CA ARG B 210 58.46 -0.36 26.99
C ARG B 210 59.45 0.81 26.86
N ARG B 211 59.06 1.93 26.23
CA ARG B 211 59.94 3.11 26.00
C ARG B 211 60.57 3.58 27.31
N ALA B 212 59.81 3.52 28.41
CA ALA B 212 60.24 3.99 29.74
C ALA B 212 61.30 3.04 30.36
N VAL B 213 61.33 1.77 29.97
CA VAL B 213 62.25 0.72 30.51
C VAL B 213 63.48 0.59 29.59
N ALA B 214 63.30 0.64 28.28
CA ALA B 214 64.34 0.40 27.26
C ALA B 214 63.99 1.15 25.98
N PRO B 215 64.37 2.44 25.88
CA PRO B 215 64.02 3.22 24.69
C PRO B 215 64.72 2.68 23.44
N PRO B 216 64.19 2.97 22.24
CA PRO B 216 64.82 2.53 20.99
C PRO B 216 66.14 3.26 20.69
N VAL B 217 66.84 2.78 19.66
CA VAL B 217 68.15 3.30 19.17
C VAL B 217 68.09 3.42 17.65
N ARG B 218 68.77 4.43 17.08
CA ARG B 218 69.10 4.51 15.66
C ARG B 218 70.56 4.89 15.54
N PHE B 219 71.25 4.27 14.59
CA PHE B 219 72.70 4.49 14.39
C PHE B 219 73.00 4.28 12.92
N PRO B 220 74.04 4.96 12.42
CA PRO B 220 74.59 4.68 11.09
C PRO B 220 75.10 3.24 11.02
N ILE B 221 75.05 2.66 9.84
CA ILE B 221 75.55 1.30 9.55
C ILE B 221 76.28 1.39 8.24
N PRO B 222 77.60 1.15 8.21
CA PRO B 222 78.37 1.23 6.97
C PRO B 222 77.98 0.08 6.04
N VAL B 223 77.89 0.37 4.74
CA VAL B 223 77.72 -0.66 3.69
C VAL B 223 78.84 -1.68 3.85
N GLY B 224 78.57 -2.93 3.51
CA GLY B 224 79.43 -4.07 3.90
C GLY B 224 78.90 -4.76 5.14
N SER B 225 78.06 -4.10 5.94
CA SER B 225 77.56 -4.67 7.22
C SER B 225 76.43 -5.66 6.95
N VAL B 226 76.21 -6.56 7.89
CA VAL B 226 75.00 -7.44 7.94
C VAL B 226 74.39 -7.28 9.32
N VAL B 227 73.08 -7.01 9.36
CA VAL B 227 72.33 -6.92 10.63
C VAL B 227 71.54 -8.22 10.78
N ILE B 228 71.76 -8.93 11.88
CA ILE B 228 70.97 -10.15 12.19
C ILE B 228 70.13 -9.82 13.40
N ARG B 229 68.83 -10.03 13.29
CA ARG B 229 67.90 -9.72 14.38
C ARG B 229 66.80 -10.77 14.45
N ASP B 230 66.32 -11.00 15.66
CA ASP B 230 65.11 -11.80 15.90
C ASP B 230 64.00 -11.20 15.02
N GLY B 231 63.28 -12.05 14.30
CA GLY B 231 62.18 -11.60 13.42
C GLY B 231 61.06 -10.97 14.23
N ARG B 232 61.06 -11.12 15.55
CA ARG B 232 60.00 -10.54 16.41
C ARG B 232 60.43 -9.17 16.97
N LEU B 233 61.64 -8.71 16.68
CA LEU B 233 62.15 -7.43 17.26
C LEU B 233 61.28 -6.26 16.81
N TRP B 234 60.91 -5.39 17.72
CA TRP B 234 60.19 -4.12 17.36
C TRP B 234 61.15 -3.19 16.62
N HIS B 235 60.70 -2.59 15.53
CA HIS B 235 61.51 -1.67 14.70
C HIS B 235 60.59 -0.85 13.80
N ARG B 236 61.13 0.18 13.15
CA ARG B 236 60.38 0.94 12.13
C ARG B 236 61.31 1.63 11.16
N GLY B 237 60.91 1.65 9.89
CA GLY B 237 61.43 2.56 8.88
C GLY B 237 61.12 4.01 9.27
N VAL B 238 62.06 4.89 8.97
CA VAL B 238 61.94 6.34 9.27
C VAL B 238 62.24 7.11 7.99
N PRO B 239 61.92 8.43 7.98
CA PRO B 239 62.11 9.26 6.79
C PRO B 239 63.56 9.25 6.28
N ASN B 240 63.70 9.01 4.98
CA ASN B 240 64.91 9.29 4.19
C ASN B 240 64.88 10.77 3.77
N LEU B 241 65.69 11.59 4.44
CA LEU B 241 65.76 13.07 4.24
C LEU B 241 67.00 13.39 3.38
N SER B 242 67.58 12.40 2.72
CA SER B 242 68.68 12.61 1.72
C SER B 242 68.04 12.77 0.33
N ALA B 243 68.90 12.93 -0.68
CA ALA B 243 68.58 13.14 -2.10
C ALA B 243 68.53 11.82 -2.87
N ALA B 244 68.82 10.69 -2.22
CA ALA B 244 68.98 9.39 -2.93
C ALA B 244 68.16 8.30 -2.24
N PRO B 245 67.55 7.38 -3.02
CA PRO B 245 66.89 6.20 -2.44
C PRO B 245 67.88 5.33 -1.65
N ARG B 246 67.45 4.77 -0.51
CA ARG B 246 68.25 3.95 0.43
C ARG B 246 67.83 2.49 0.29
N PRO B 247 68.55 1.70 -0.53
CA PRO B 247 68.21 0.30 -0.73
C PRO B 247 68.74 -0.64 0.37
N LEU B 248 67.87 -1.54 0.81
CA LEU B 248 68.16 -2.63 1.78
C LEU B 248 67.76 -3.95 1.14
N LEU B 249 68.67 -4.92 1.15
CA LEU B 249 68.36 -6.33 0.74
C LEU B 249 68.01 -7.10 2.01
N ALA B 250 66.96 -7.89 1.98
CA ALA B 250 66.43 -8.58 3.18
C ALA B 250 66.32 -10.09 2.94
N MET B 251 66.77 -10.87 3.93
CA MET B 251 66.59 -12.33 3.96
C MET B 251 66.09 -12.71 5.35
N THR B 252 65.44 -13.87 5.48
CA THR B 252 64.92 -14.35 6.78
C THR B 252 65.13 -15.86 6.85
N HIS B 253 65.88 -16.29 7.85
CA HIS B 253 66.15 -17.71 8.17
C HIS B 253 65.06 -18.15 9.15
N TYR B 254 64.45 -19.30 8.88
CA TYR B 254 63.38 -19.90 9.71
C TYR B 254 63.78 -21.33 10.12
N THR B 255 63.29 -21.79 11.26
CA THR B 255 63.30 -23.24 11.60
C THR B 255 62.66 -24.01 10.44
N GLU B 256 63.09 -25.25 10.24
CA GLU B 256 62.64 -26.24 9.22
C GLU B 256 61.12 -26.31 9.21
N TRP B 257 60.50 -26.21 10.38
CA TRP B 257 59.05 -26.52 10.59
C TRP B 257 58.15 -25.29 10.43
N PHE B 258 58.67 -24.09 10.17
CA PHE B 258 57.82 -22.89 9.95
C PHE B 258 57.43 -22.81 8.46
N ASP B 259 56.14 -22.87 8.17
CA ASP B 259 55.59 -22.89 6.80
C ASP B 259 55.83 -21.55 6.10
N MET B 260 56.53 -21.59 4.97
CA MET B 260 56.86 -20.40 4.15
C MET B 260 56.74 -20.82 2.70
N PRO B 261 56.30 -19.94 1.78
CA PRO B 261 56.42 -20.22 0.35
C PRO B 261 57.89 -20.23 -0.02
N PRO B 262 58.28 -21.01 -1.04
CA PRO B 262 59.67 -21.04 -1.50
C PRO B 262 60.07 -19.77 -2.27
N ILE B 263 61.35 -19.44 -2.24
CA ILE B 263 62.00 -18.44 -3.14
C ILE B 263 62.09 -19.05 -4.54
N GLN B 264 61.56 -18.35 -5.54
CA GLN B 264 61.68 -18.74 -6.97
C GLN B 264 63.11 -18.37 -7.40
N LEU B 265 63.91 -19.34 -7.82
CA LEU B 265 65.30 -19.12 -8.35
C LEU B 265 65.45 -19.81 -9.70
N PRO B 266 66.31 -19.30 -10.60
CA PRO B 266 66.59 -19.99 -11.85
C PRO B 266 67.40 -21.25 -11.57
N ASP B 267 67.21 -22.32 -12.36
CA ASP B 267 67.91 -23.63 -12.15
C ASP B 267 69.40 -23.51 -12.51
N THR B 268 69.81 -22.37 -13.09
CA THR B 268 71.24 -22.03 -13.35
C THR B 268 72.02 -21.87 -12.03
N VAL B 269 71.36 -21.76 -10.86
CA VAL B 269 72.08 -21.69 -9.54
C VAL B 269 71.78 -22.95 -8.72
N LYS B 270 70.97 -23.86 -9.24
CA LYS B 270 70.58 -25.08 -8.50
C LYS B 270 71.82 -25.85 -8.04
N SER B 271 72.86 -25.94 -8.88
CA SER B 271 74.09 -26.73 -8.60
C SER B 271 74.68 -26.31 -7.24
N TRP B 272 74.84 -25.01 -6.98
CA TRP B 272 75.50 -24.53 -5.73
C TRP B 272 74.49 -24.20 -4.62
N VAL B 273 73.24 -23.86 -4.93
CA VAL B 273 72.22 -23.58 -3.85
C VAL B 273 71.75 -24.90 -3.23
N ASP B 274 71.28 -25.86 -4.03
CA ASP B 274 70.62 -27.10 -3.54
C ASP B 274 71.61 -28.04 -2.85
N GLY B 275 72.86 -28.11 -3.31
CA GLY B 275 73.92 -28.92 -2.67
C GLY B 275 74.14 -28.59 -1.19
N SER B 276 74.06 -27.30 -0.83
CA SER B 276 74.72 -26.68 0.36
C SER B 276 74.14 -27.22 1.67
N ASP B 277 74.97 -27.24 2.71
CA ASP B 277 74.54 -27.48 4.11
C ASP B 277 74.03 -26.16 4.73
N ARG B 278 74.01 -25.06 3.95
CA ARG B 278 73.28 -23.80 4.26
C ARG B 278 71.98 -23.78 3.46
N HIS B 279 70.89 -24.21 4.11
CA HIS B 279 69.63 -24.54 3.41
C HIS B 279 68.90 -23.25 2.97
N THR B 280 68.25 -23.38 1.81
CA THR B 280 67.33 -22.40 1.21
C THR B 280 66.02 -23.16 0.91
N HIS B 281 64.87 -22.63 1.33
CA HIS B 281 63.55 -23.09 0.82
C HIS B 281 63.38 -22.45 -0.56
N ALA B 282 63.78 -23.18 -1.60
CA ALA B 282 63.86 -22.71 -2.99
C ALA B 282 63.03 -23.60 -3.91
N HIS B 283 62.41 -22.99 -4.92
CA HIS B 283 61.82 -23.67 -6.10
C HIS B 283 62.62 -23.22 -7.32
N PHE B 284 63.25 -24.16 -8.01
CA PHE B 284 64.12 -23.88 -9.18
C PHE B 284 63.27 -23.93 -10.46
N VAL B 285 63.40 -22.91 -11.30
CA VAL B 285 62.57 -22.66 -12.52
C VAL B 285 63.49 -22.73 -13.75
N ALA B 286 63.02 -23.33 -14.84
CA ALA B 286 63.70 -23.27 -16.16
C ALA B 286 63.57 -21.84 -16.69
N GLY B 287 64.68 -21.23 -17.10
CA GLY B 287 64.68 -19.85 -17.61
C GLY B 287 64.65 -18.82 -16.47
N ASP B 288 64.18 -17.62 -16.79
CA ASP B 288 64.33 -16.41 -15.94
C ASP B 288 63.10 -16.28 -15.03
N VAL B 289 63.29 -15.83 -13.79
CA VAL B 289 62.18 -15.51 -12.85
C VAL B 289 61.83 -14.03 -13.01
N ASP B 290 60.56 -13.66 -13.08
CA ASP B 290 60.11 -12.26 -12.89
C ASP B 290 60.10 -11.99 -11.37
N HIS B 291 61.13 -11.29 -10.87
CA HIS B 291 61.34 -10.94 -9.44
C HIS B 291 60.42 -9.79 -9.01
N LEU B 292 59.90 -8.95 -9.91
CA LEU B 292 59.09 -7.75 -9.51
C LEU B 292 57.61 -8.09 -9.40
N THR B 293 57.04 -8.76 -10.41
CA THR B 293 55.58 -9.08 -10.48
C THR B 293 55.31 -10.49 -9.90
N GLY B 294 56.31 -11.37 -9.81
CA GLY B 294 56.13 -12.81 -9.51
C GLY B 294 55.31 -13.53 -10.58
N ASP B 295 55.25 -12.98 -11.81
CA ASP B 295 54.24 -13.25 -12.87
C ASP B 295 54.88 -14.03 -14.04
N HIS B 296 55.66 -15.06 -13.72
CA HIS B 296 56.29 -16.03 -14.66
C HIS B 296 55.38 -17.27 -14.68
N PRO B 297 55.31 -18.01 -15.81
CA PRO B 297 54.16 -18.88 -16.12
C PRO B 297 53.82 -20.09 -15.23
N PHE B 298 54.78 -20.65 -14.48
CA PHE B 298 54.65 -21.92 -13.71
C PHE B 298 54.92 -21.61 -12.23
N HIS C 16 -23.68 15.27 30.20
CA HIS C 16 -25.10 14.81 30.25
C HIS C 16 -25.21 13.49 31.05
N MET C 17 -26.34 13.28 31.73
CA MET C 17 -26.75 12.00 32.37
C MET C 17 -27.53 11.15 31.35
N ALA C 18 -27.04 9.93 31.09
CA ALA C 18 -27.60 8.93 30.15
C ALA C 18 -28.31 7.86 31.00
N LEU C 19 -29.66 7.84 30.93
CA LEU C 19 -30.53 7.03 31.81
C LEU C 19 -31.02 5.82 31.00
N ALA C 20 -31.52 4.80 31.68
CA ALA C 20 -31.98 3.52 31.08
C ALA C 20 -33.47 3.59 30.72
N ALA C 21 -34.18 4.57 31.28
CA ALA C 21 -35.64 4.73 31.11
C ALA C 21 -36.03 6.15 31.50
N PRO C 22 -37.26 6.60 31.17
CA PRO C 22 -37.72 7.93 31.58
C PRO C 22 -37.65 8.03 33.09
N PRO C 23 -37.07 9.13 33.64
CA PRO C 23 -36.92 9.29 35.07
C PRO C 23 -38.28 9.34 35.78
N GLY C 24 -38.39 8.65 36.92
CA GLY C 24 -39.63 8.61 37.69
C GLY C 24 -40.10 10.01 38.09
N GLU C 25 -39.17 10.93 38.38
CA GLU C 25 -39.48 12.34 38.78
C GLU C 25 -40.29 13.08 37.67
N LEU C 26 -40.19 12.66 36.40
CA LEU C 26 -40.79 13.38 35.24
C LEU C 26 -41.98 12.59 34.66
N THR C 27 -42.27 11.38 35.14
CA THR C 27 -43.02 10.38 34.33
C THR C 27 -44.30 9.93 35.00
N LEU C 28 -45.37 9.78 34.24
CA LEU C 28 -46.66 9.22 34.66
C LEU C 28 -47.02 8.11 33.68
N ALA C 29 -47.47 6.97 34.18
CA ALA C 29 -47.86 5.80 33.35
C ALA C 29 -49.37 5.89 33.12
N LEU C 30 -49.76 5.84 31.85
CA LEU C 30 -51.18 5.68 31.43
C LEU C 30 -51.32 4.44 30.55
N THR C 31 -52.57 4.10 30.22
CA THR C 31 -52.98 3.19 29.12
C THR C 31 -53.71 4.04 28.08
N PRO C 32 -53.92 3.55 26.84
CA PRO C 32 -54.73 4.30 25.86
C PRO C 32 -56.21 4.45 26.20
N ASP C 33 -56.70 3.71 27.22
CA ASP C 33 -58.12 3.81 27.69
C ASP C 33 -58.27 5.02 28.63
N ASP C 34 -57.18 5.52 29.22
CA ASP C 34 -57.22 6.65 30.18
C ASP C 34 -57.61 7.90 29.39
N LYS C 35 -58.82 8.38 29.64
CA LYS C 35 -59.42 9.55 28.96
C LYS C 35 -59.13 10.80 29.82
N THR C 36 -58.69 10.62 31.07
CA THR C 36 -58.55 11.70 32.08
C THR C 36 -57.46 11.31 33.09
N LEU C 37 -56.71 12.26 33.63
CA LEU C 37 -55.92 12.07 34.88
C LEU C 37 -56.84 12.31 36.09
N ASP C 38 -56.79 11.41 37.07
CA ASP C 38 -57.45 11.59 38.40
C ASP C 38 -56.84 12.84 39.03
N PRO C 39 -57.55 13.53 39.95
CA PRO C 39 -57.06 14.78 40.54
C PRO C 39 -55.59 14.76 41.03
N ALA C 40 -55.17 13.67 41.70
CA ALA C 40 -53.82 13.51 42.27
C ALA C 40 -52.78 13.47 41.15
N SER C 41 -53.02 12.68 40.10
CA SER C 41 -52.14 12.56 38.91
C SER C 41 -52.04 13.93 38.20
N LEU C 42 -53.17 14.63 38.01
CA LEU C 42 -53.18 15.98 37.40
C LEU C 42 -52.33 16.94 38.24
N ASP C 43 -52.47 16.93 39.56
CA ASP C 43 -51.67 17.80 40.46
C ASP C 43 -50.18 17.48 40.26
N ARG C 44 -49.82 16.20 40.19
CA ARG C 44 -48.40 15.80 40.04
C ARG C 44 -47.88 16.26 38.67
N ALA C 45 -48.68 16.11 37.62
CA ALA C 45 -48.37 16.53 36.24
C ALA C 45 -48.03 18.02 36.21
N LEU C 46 -48.85 18.86 36.82
CA LEU C 46 -48.66 20.33 36.88
C LEU C 46 -47.45 20.65 37.75
N ALA C 47 -47.24 19.91 38.84
CA ALA C 47 -46.09 20.13 39.73
C ALA C 47 -44.79 19.82 38.95
N ILE C 48 -44.80 18.78 38.13
CA ILE C 48 -43.65 18.38 37.26
C ILE C 48 -43.38 19.46 36.22
N LEU C 49 -44.40 19.90 35.48
CA LEU C 49 -44.28 21.00 34.47
C LEU C 49 -43.78 22.30 35.12
N ALA C 50 -44.28 22.65 36.30
CA ALA C 50 -43.86 23.89 37.01
C ALA C 50 -42.38 23.80 37.38
N GLU C 51 -41.94 22.67 37.97
CA GLU C 51 -40.57 22.55 38.54
C GLU C 51 -39.57 22.21 37.43
N HIS C 52 -39.88 21.23 36.58
CA HIS C 52 -38.92 20.56 35.66
C HIS C 52 -39.13 21.03 34.22
N GLY C 53 -40.33 21.45 33.87
CA GLY C 53 -40.65 21.99 32.53
C GLY C 53 -40.78 20.88 31.50
N ILE C 54 -40.77 19.61 31.91
CA ILE C 54 -40.92 18.44 31.01
C ILE C 54 -41.62 17.30 31.76
N LEU C 55 -42.55 16.65 31.08
CA LEU C 55 -43.46 15.62 31.63
C LEU C 55 -43.53 14.52 30.58
N VAL C 56 -43.17 13.29 30.98
CA VAL C 56 -43.27 12.09 30.11
C VAL C 56 -44.51 11.30 30.51
N LEU C 57 -45.41 11.06 29.55
CA LEU C 57 -46.63 10.23 29.70
C LEU C 57 -46.41 8.95 28.89
N THR C 58 -46.20 7.81 29.52
CA THR C 58 -46.08 6.49 28.81
C THR C 58 -47.49 5.89 28.59
N GLY C 59 -47.62 5.09 27.52
CA GLY C 59 -48.75 4.20 27.22
C GLY C 59 -49.96 4.98 26.77
N MET C 60 -49.79 6.14 26.13
CA MET C 60 -50.92 7.00 25.77
C MET C 60 -51.53 6.58 24.44
N LEU C 61 -50.72 6.25 23.43
CA LEU C 61 -51.23 6.06 22.05
C LEU C 61 -51.13 4.59 21.65
N ARG C 62 -52.21 4.08 21.04
CA ARG C 62 -52.31 2.71 20.47
C ARG C 62 -51.27 2.55 19.35
N THR C 63 -50.70 1.34 19.21
CA THR C 63 -49.62 1.07 18.24
C THR C 63 -50.22 1.17 16.82
N ARG C 64 -51.52 0.88 16.69
CA ARG C 64 -52.30 1.04 15.44
C ARG C 64 -52.07 2.45 14.88
N LEU C 65 -52.07 3.50 15.74
CA LEU C 65 -51.94 4.92 15.30
C LEU C 65 -50.47 5.24 15.01
N THR C 66 -49.57 4.89 15.92
CA THR C 66 -48.12 5.23 15.81
C THR C 66 -47.52 4.48 14.61
N ASP C 67 -47.96 3.25 14.33
CA ASP C 67 -47.50 2.47 13.15
C ASP C 67 -47.83 3.26 11.85
N GLN C 68 -49.06 3.77 11.73
CA GLN C 68 -49.51 4.40 10.47
C GLN C 68 -48.77 5.72 10.26
N LEU C 69 -48.59 6.51 11.33
CA LEU C 69 -47.85 7.79 11.27
C LEU C 69 -46.38 7.54 10.95
N ARG C 70 -45.77 6.53 11.56
CA ARG C 70 -44.37 6.13 11.28
C ARG C 70 -44.21 5.80 9.79
N THR C 71 -45.06 4.90 9.30
CA THR C 71 -45.04 4.43 7.89
C THR C 71 -45.17 5.64 6.97
N ALA C 72 -46.18 6.48 7.22
CA ALA C 72 -46.51 7.65 6.37
C ALA C 72 -45.33 8.61 6.28
N MET C 73 -44.64 8.86 7.39
CA MET C 73 -43.52 9.83 7.46
C MET C 73 -42.30 9.23 6.77
N LEU C 74 -41.97 7.94 7.01
CA LEU C 74 -40.83 7.30 6.31
C LEU C 74 -41.11 7.29 4.80
N ASP C 75 -42.35 7.01 4.39
CA ASP C 75 -42.75 7.00 2.96
C ASP C 75 -42.61 8.40 2.35
N ASP C 76 -42.90 9.48 3.09
CA ASP C 76 -42.91 10.88 2.60
C ASP C 76 -41.50 11.48 2.55
N LEU C 77 -40.54 10.86 3.22
CA LEU C 77 -39.19 11.48 3.43
C LEU C 77 -38.52 11.79 2.09
N PRO C 78 -38.63 10.92 1.05
CA PRO C 78 -38.14 11.24 -0.29
C PRO C 78 -38.61 12.58 -0.82
N GLU C 79 -39.89 12.91 -0.67
CA GLU C 79 -40.46 14.19 -1.18
C GLU C 79 -39.81 15.34 -0.42
N VAL C 80 -39.52 15.16 0.87
CA VAL C 80 -38.84 16.23 1.66
C VAL C 80 -37.39 16.42 1.18
N LEU C 81 -36.66 15.31 0.96
CA LEU C 81 -35.19 15.35 0.66
C LEU C 81 -34.96 15.79 -0.80
N ARG C 82 -35.98 15.68 -1.65
CA ARG C 82 -35.95 16.01 -3.10
C ARG C 82 -36.01 17.53 -3.32
N GLN C 83 -36.49 18.32 -2.35
CA GLN C 83 -36.63 19.80 -2.48
C GLN C 83 -35.25 20.42 -2.70
N GLN C 84 -35.19 21.60 -3.33
CA GLN C 84 -33.92 22.31 -3.68
C GLN C 84 -33.22 22.73 -2.39
N ASP C 85 -33.97 23.29 -1.43
CA ASP C 85 -33.48 23.54 -0.04
C ASP C 85 -34.25 22.65 0.94
N VAL C 86 -33.52 21.73 1.59
CA VAL C 86 -34.06 20.80 2.63
C VAL C 86 -34.12 21.58 3.93
N PRO C 87 -35.33 21.77 4.51
CA PRO C 87 -35.45 22.50 5.76
C PRO C 87 -34.78 21.65 6.87
N THR C 88 -33.80 22.27 7.52
CA THR C 88 -32.83 21.64 8.43
C THR C 88 -32.75 22.52 9.67
N ASN C 89 -32.75 21.92 10.87
CA ASN C 89 -32.71 22.63 12.17
C ASN C 89 -31.26 22.66 12.67
N PHE C 90 -30.59 23.80 12.46
CA PHE C 90 -29.24 24.18 12.99
C PHE C 90 -28.10 23.47 12.25
N VAL C 91 -28.15 22.15 12.12
CA VAL C 91 -27.00 21.33 11.66
C VAL C 91 -27.52 20.18 10.82
N PRO C 92 -26.66 19.58 9.96
CA PRO C 92 -27.07 18.46 9.11
C PRO C 92 -27.70 17.28 9.86
N GLY C 93 -28.71 16.67 9.22
CA GLY C 93 -29.36 15.42 9.67
C GLY C 93 -30.67 15.68 10.42
N HIS C 94 -30.94 16.92 10.83
CA HIS C 94 -32.16 17.29 11.60
C HIS C 94 -33.16 17.96 10.68
N VAL C 95 -34.02 17.16 10.06
CA VAL C 95 -34.90 17.66 8.97
C VAL C 95 -36.26 18.02 9.56
N GLN C 96 -36.84 19.14 9.10
CA GLN C 96 -38.23 19.51 9.41
C GLN C 96 -39.12 18.81 8.41
N GLN C 97 -40.11 18.07 8.89
CA GLN C 97 -41.04 17.31 8.04
C GLN C 97 -42.41 17.30 8.70
N ASP C 98 -43.41 17.81 8.02
CA ASP C 98 -44.83 17.74 8.47
C ASP C 98 -45.33 16.33 8.23
N PRO C 99 -46.06 15.72 9.18
CA PRO C 99 -46.82 14.52 8.89
C PRO C 99 -47.93 14.86 7.91
N PRO C 100 -48.50 13.88 7.20
CA PRO C 100 -49.57 14.15 6.25
C PRO C 100 -50.80 14.70 6.95
N VAL C 101 -51.51 15.59 6.25
CA VAL C 101 -52.82 16.12 6.69
C VAL C 101 -53.90 15.61 5.71
N ARG C 102 -53.77 14.36 5.28
CA ARG C 102 -54.88 13.56 4.67
C ARG C 102 -55.80 13.12 5.80
N GLU C 103 -57.11 13.08 5.54
CA GLU C 103 -58.14 12.78 6.57
C GLU C 103 -57.81 11.40 7.17
N SER C 104 -57.30 10.45 6.38
CA SER C 104 -57.06 9.04 6.81
C SER C 104 -55.94 8.95 7.86
N LEU C 105 -55.13 10.00 8.03
CA LEU C 105 -53.96 10.02 8.97
C LEU C 105 -54.09 11.15 10.01
N LEU C 106 -55.26 11.79 10.12
CA LEU C 106 -55.56 12.78 11.18
C LEU C 106 -56.45 12.12 12.23
N PHE C 107 -55.89 11.82 13.39
CA PHE C 107 -56.51 11.02 14.45
C PHE C 107 -56.85 11.92 15.63
N PRO C 108 -58.12 11.93 16.08
CA PRO C 108 -58.51 12.67 17.28
C PRO C 108 -57.61 12.43 18.49
N ASP C 109 -57.19 11.19 18.69
CA ASP C 109 -56.35 10.80 19.86
C ASP C 109 -54.95 11.39 19.74
N VAL C 110 -54.54 11.89 18.58
CA VAL C 110 -53.26 12.62 18.39
C VAL C 110 -53.52 14.14 18.40
N LEU C 111 -54.42 14.67 17.56
CA LEU C 111 -54.60 16.15 17.47
C LEU C 111 -55.30 16.68 18.70
N LEU C 112 -56.28 15.94 19.21
CA LEU C 112 -57.25 16.40 20.23
C LEU C 112 -57.24 15.43 21.41
N ASN C 113 -56.05 15.07 21.87
CA ASN C 113 -55.89 14.07 22.94
C ASN C 113 -56.48 14.64 24.23
N PRO C 114 -57.40 13.90 24.89
CA PRO C 114 -58.07 14.42 26.08
C PRO C 114 -57.13 14.64 27.26
N VAL C 115 -56.12 13.80 27.45
CA VAL C 115 -55.17 13.94 28.59
C VAL C 115 -54.27 15.14 28.30
N VAL C 116 -53.75 15.27 27.08
CA VAL C 116 -52.88 16.40 26.69
C VAL C 116 -53.64 17.71 26.98
N TYR C 117 -54.86 17.83 26.47
CA TYR C 117 -55.67 19.07 26.60
C TYR C 117 -56.12 19.29 28.05
N GLN C 118 -56.34 18.24 28.83
CA GLN C 118 -56.60 18.41 30.29
C GLN C 118 -55.40 19.17 30.90
N ILE C 119 -54.17 18.74 30.59
CA ILE C 119 -52.93 19.36 31.13
C ILE C 119 -52.77 20.79 30.57
N THR C 120 -52.92 20.99 29.26
CA THR C 120 -52.63 22.29 28.63
C THR C 120 -53.73 23.30 29.03
N HIS C 121 -54.98 22.84 29.20
CA HIS C 121 -56.08 23.69 29.72
C HIS C 121 -55.72 24.19 31.12
N ALA C 122 -55.21 23.32 32.01
CA ALA C 122 -54.89 23.67 33.40
C ALA C 122 -53.69 24.64 33.46
N VAL C 123 -52.70 24.55 32.54
CA VAL C 123 -51.52 25.45 32.57
C VAL C 123 -51.78 26.75 31.79
N LEU C 124 -52.40 26.67 30.60
CA LEU C 124 -52.47 27.80 29.64
C LEU C 124 -53.87 28.45 29.62
N GLY C 125 -54.89 27.76 30.13
CA GLY C 125 -56.29 28.21 30.07
C GLY C 125 -57.08 27.42 29.02
N ALA C 126 -58.40 27.53 29.11
CA ALA C 126 -59.40 26.79 28.32
C ALA C 126 -59.35 27.26 26.86
N ASP C 127 -58.78 28.45 26.64
CA ASP C 127 -58.65 29.11 25.32
C ASP C 127 -57.33 28.72 24.63
N ALA C 128 -56.46 27.95 25.29
CA ALA C 128 -55.18 27.52 24.69
C ALA C 128 -55.51 26.70 23.42
N ARG C 129 -54.62 26.74 22.43
CA ARG C 129 -54.91 26.16 21.10
C ARG C 129 -53.64 25.56 20.52
N ASN C 130 -53.79 24.45 19.83
CA ASN C 130 -52.68 23.85 19.04
C ASN C 130 -52.48 24.69 17.78
N ALA C 131 -51.25 25.12 17.47
CA ALA C 131 -50.91 25.91 16.26
C ALA C 131 -49.73 25.29 15.51
N VAL C 132 -49.37 24.06 15.84
CA VAL C 132 -48.26 23.33 15.17
C VAL C 132 -48.68 21.88 14.98
N TYR C 133 -48.57 21.40 13.76
CA TYR C 133 -48.69 19.98 13.38
C TYR C 133 -47.55 19.70 12.44
N SER C 134 -46.37 19.44 13.00
CA SER C 134 -45.11 19.28 12.25
C SER C 134 -44.36 18.06 12.76
N GLY C 135 -43.07 18.02 12.51
CA GLY C 135 -42.24 16.84 12.80
C GLY C 135 -40.79 17.12 12.55
N ASN C 136 -39.96 16.28 13.18
CA ASN C 136 -38.48 16.31 13.22
C ASN C 136 -38.02 14.90 12.82
N MET C 137 -37.44 14.78 11.64
CA MET C 137 -36.87 13.50 11.13
C MET C 137 -35.35 13.58 11.33
N ASN C 138 -34.83 12.77 12.27
CA ASN C 138 -33.40 12.74 12.66
C ASN C 138 -32.71 11.63 11.85
N LEU C 139 -31.88 11.99 10.87
CA LEU C 139 -31.28 11.06 9.87
C LEU C 139 -30.07 10.34 10.47
N PRO C 140 -29.80 9.09 10.06
CA PRO C 140 -28.52 8.45 10.39
C PRO C 140 -27.36 9.39 10.00
N GLY C 141 -26.41 9.58 10.93
CA GLY C 141 -25.17 10.36 10.69
C GLY C 141 -25.36 11.81 11.05
N SER C 142 -26.45 12.17 11.70
CA SER C 142 -26.81 13.58 11.99
C SER C 142 -25.78 14.18 12.96
N HIS C 143 -25.64 15.51 12.96
CA HIS C 143 -24.72 16.25 13.87
C HIS C 143 -25.44 16.61 15.17
N GLU C 144 -24.68 17.18 16.12
CA GLU C 144 -25.18 17.64 17.44
C GLU C 144 -25.72 19.06 17.23
N GLN C 145 -26.99 19.29 17.58
CA GLN C 145 -27.59 20.65 17.56
C GLN C 145 -27.01 21.43 18.73
N PRO C 146 -26.93 22.77 18.64
CA PRO C 146 -26.64 23.58 19.82
C PRO C 146 -27.88 23.51 20.75
N VAL C 147 -27.64 23.59 22.05
CA VAL C 147 -28.73 23.73 23.04
C VAL C 147 -29.48 25.04 22.75
N HIS C 148 -30.79 24.94 22.63
CA HIS C 148 -31.67 26.07 22.26
C HIS C 148 -33.02 25.93 22.97
N LEU C 149 -33.82 26.99 22.91
CA LEU C 149 -35.28 26.85 23.15
C LEU C 149 -36.02 27.01 21.82
N ASP C 150 -37.17 26.35 21.68
CA ASP C 150 -38.05 26.39 20.49
C ASP C 150 -38.88 27.68 20.47
N GLU C 151 -39.25 28.22 21.64
CA GLU C 151 -40.02 29.48 21.73
C GLU C 151 -39.37 30.31 22.83
N PRO C 152 -39.11 31.60 22.60
CA PRO C 152 -38.38 32.41 23.56
C PRO C 152 -39.25 32.89 24.72
N HIS C 153 -38.59 33.37 25.77
CA HIS C 153 -39.18 34.26 26.78
C HIS C 153 -39.62 35.54 26.06
N LEU C 154 -40.67 36.20 26.53
CA LEU C 154 -41.33 37.30 25.78
C LEU C 154 -40.57 38.63 25.99
N TRP C 155 -39.84 38.78 27.09
CA TRP C 155 -38.92 39.91 27.33
C TRP C 155 -37.65 39.34 27.93
N PRO C 156 -36.47 39.90 27.62
CA PRO C 156 -35.24 39.54 28.32
C PRO C 156 -35.27 39.99 29.79
N GLY C 157 -34.72 39.17 30.67
CA GLY C 157 -34.42 39.51 32.08
C GLY C 157 -35.64 39.38 32.97
N ILE C 158 -36.74 38.76 32.50
CA ILE C 158 -38.05 38.76 33.20
C ILE C 158 -38.49 37.32 33.46
N SER C 159 -39.02 37.05 34.65
CA SER C 159 -39.72 35.81 35.03
C SER C 159 -41.18 35.95 34.64
N HIS C 160 -41.70 35.04 33.81
CA HIS C 160 -43.13 34.96 33.50
C HIS C 160 -43.50 33.50 33.36
N PRO C 161 -44.77 33.13 33.56
CA PRO C 161 -45.19 31.74 33.44
C PRO C 161 -45.25 31.32 31.97
N PRO C 162 -45.54 30.03 31.71
CA PRO C 162 -45.58 29.51 30.35
C PRO C 162 -46.63 30.23 29.49
N TYR C 163 -46.40 30.33 28.17
CA TYR C 163 -47.43 30.69 27.18
C TYR C 163 -47.51 29.62 26.08
N CYS C 164 -46.66 28.61 26.10
CA CYS C 164 -46.73 27.49 25.14
C CYS C 164 -46.17 26.19 25.71
N LEU C 165 -46.73 25.07 25.29
CA LEU C 165 -46.36 23.73 25.73
C LEU C 165 -46.17 22.88 24.47
N CYS C 166 -44.93 22.45 24.22
CA CYS C 166 -44.59 21.56 23.10
C CYS C 166 -45.12 20.15 23.46
N VAL C 167 -45.71 19.47 22.49
CA VAL C 167 -46.25 18.10 22.63
C VAL C 167 -45.52 17.22 21.60
N ASP C 168 -44.57 16.42 22.07
CA ASP C 168 -43.64 15.60 21.24
C ASP C 168 -44.09 14.14 21.28
N VAL C 169 -44.31 13.55 20.11
CA VAL C 169 -44.84 12.15 19.95
C VAL C 169 -43.82 11.35 19.17
N PRO C 170 -42.96 10.57 19.84
CA PRO C 170 -42.04 9.68 19.13
C PRO C 170 -42.81 8.63 18.32
N LEU C 171 -42.36 8.36 17.09
CA LEU C 171 -43.05 7.43 16.16
C LEU C 171 -42.27 6.10 16.04
N ILE C 172 -41.13 5.97 16.72
CA ILE C 172 -40.47 4.66 17.03
C ILE C 172 -39.97 4.77 18.47
N ASP C 173 -39.51 3.68 19.02
CA ASP C 173 -38.78 3.67 20.31
C ASP C 173 -37.56 4.59 20.12
N PHE C 174 -37.38 5.55 21.04
CA PHE C 174 -36.21 6.45 21.07
C PHE C 174 -35.18 5.79 21.99
N THR C 175 -33.91 5.76 21.55
CA THR C 175 -32.79 5.20 22.32
C THR C 175 -31.67 6.25 22.39
N LEU C 176 -30.69 6.01 23.25
CA LEU C 176 -29.44 6.79 23.29
C LEU C 176 -28.71 6.64 21.96
N GLU C 177 -28.90 5.54 21.22
CA GLU C 177 -28.23 5.32 19.92
C GLU C 177 -28.91 6.14 18.80
N ASN C 178 -30.24 6.22 18.76
CA ASN C 178 -30.97 6.68 17.56
C ASN C 178 -31.46 8.14 17.72
N GLY C 179 -30.98 8.86 18.73
CA GLY C 179 -31.14 10.33 18.80
C GLY C 179 -32.28 10.77 19.71
N SER C 180 -32.49 10.10 20.82
CA SER C 180 -33.42 10.60 21.88
C SER C 180 -32.98 12.01 22.28
N THR C 181 -33.89 12.95 22.32
CA THR C 181 -33.62 14.39 22.55
C THR C 181 -32.95 14.57 23.92
N GLU C 182 -31.95 15.44 24.00
CA GLU C 182 -31.37 15.90 25.28
C GLU C 182 -32.23 17.05 25.82
N TYR C 183 -32.60 16.99 27.10
CA TYR C 183 -33.47 17.94 27.81
C TYR C 183 -32.73 18.46 29.04
N TRP C 184 -32.95 19.74 29.35
CA TRP C 184 -32.37 20.43 30.53
C TRP C 184 -33.47 20.72 31.53
N PRO C 185 -33.75 19.80 32.48
CA PRO C 185 -34.84 19.99 33.44
C PRO C 185 -34.65 21.29 34.21
N GLY C 186 -35.74 22.06 34.40
CA GLY C 186 -35.80 23.28 35.21
C GLY C 186 -35.26 24.50 34.45
N SER C 187 -34.87 24.34 33.18
CA SER C 187 -34.27 25.42 32.35
C SER C 187 -35.35 26.40 31.85
N HIS C 188 -36.59 26.01 31.92
CA HIS C 188 -37.73 26.80 31.34
C HIS C 188 -37.92 28.14 32.07
N VAL C 189 -37.42 28.29 33.30
CA VAL C 189 -37.58 29.53 34.11
C VAL C 189 -36.32 30.40 34.04
N LEU C 190 -35.26 29.98 33.36
CA LEU C 190 -33.99 30.78 33.30
C LEU C 190 -34.12 31.83 32.20
N ASN C 191 -33.99 33.11 32.53
CA ASN C 191 -34.10 34.20 31.53
C ASN C 191 -33.27 35.40 31.98
N PRO C 192 -31.97 35.21 32.28
CA PRO C 192 -31.09 36.34 32.59
C PRO C 192 -30.84 37.13 31.30
N ASP C 193 -30.44 38.39 31.41
CA ASP C 193 -30.02 39.22 30.24
C ASP C 193 -28.89 38.51 29.49
N GLU C 194 -28.88 38.64 28.16
CA GLU C 194 -27.74 38.18 27.29
C GLU C 194 -27.61 36.66 27.39
N CYS C 195 -28.73 35.93 27.36
CA CYS C 195 -28.74 34.46 27.55
C CYS C 195 -28.95 33.76 26.19
N TYR C 196 -29.66 34.42 25.25
CA TYR C 196 -30.23 33.80 24.03
C TYR C 196 -29.86 34.64 22.81
N ASP C 197 -29.35 34.00 21.74
CA ASP C 197 -29.11 34.68 20.44
C ASP C 197 -30.40 34.64 19.62
N GLU C 198 -30.37 35.16 18.40
CA GLU C 198 -31.53 35.35 17.48
C GLU C 198 -32.16 34.01 17.10
N ARG C 199 -31.43 32.88 17.24
CA ARG C 199 -31.94 31.54 16.86
C ARG C 199 -32.45 30.78 18.09
N GLY C 200 -32.45 31.41 19.27
CA GLY C 200 -32.88 30.78 20.52
C GLY C 200 -31.79 29.90 21.14
N CYS C 201 -30.56 30.03 20.68
CA CYS C 201 -29.40 29.27 21.21
C CYS C 201 -28.96 29.88 22.54
N VAL C 202 -28.64 29.02 23.51
CA VAL C 202 -28.22 29.42 24.87
C VAL C 202 -26.75 29.81 24.83
N LEU C 203 -26.40 30.98 25.36
CA LEU C 203 -25.00 31.43 25.45
C LEU C 203 -24.20 30.41 26.28
N PRO C 204 -22.98 30.04 25.81
CA PRO C 204 -22.14 29.03 26.47
C PRO C 204 -21.87 29.25 27.97
N ALA C 205 -21.65 30.49 28.37
CA ALA C 205 -21.42 30.86 29.79
C ALA C 205 -22.61 30.39 30.64
N GLU C 206 -23.84 30.62 30.17
CA GLU C 206 -25.07 30.24 30.91
C GLU C 206 -25.23 28.72 30.85
N LEU C 207 -24.88 28.09 29.72
CA LEU C 207 -24.94 26.61 29.60
C LEU C 207 -24.13 25.96 30.73
N GLU C 208 -22.87 26.37 30.91
CA GLU C 208 -21.93 25.74 31.88
C GLU C 208 -22.37 26.02 33.31
N ARG C 209 -22.78 27.25 33.63
CA ARG C 209 -23.31 27.60 34.98
C ARG C 209 -24.44 26.64 35.35
N ARG C 210 -25.38 26.42 34.44
CA ARG C 210 -26.57 25.58 34.66
C ARG C 210 -26.14 24.11 34.80
N ARG C 211 -25.24 23.66 33.93
CA ARG C 211 -24.76 22.25 33.88
C ARG C 211 -24.25 21.80 35.26
N ALA C 212 -23.60 22.70 35.99
CA ALA C 212 -22.97 22.41 37.31
C ALA C 212 -24.04 22.23 38.40
N VAL C 213 -25.23 22.83 38.24
CA VAL C 213 -26.34 22.80 39.24
C VAL C 213 -27.33 21.69 38.89
N ALA C 214 -27.63 21.50 37.60
CA ALA C 214 -28.68 20.59 37.11
C ALA C 214 -28.30 20.12 35.70
N PRO C 215 -27.44 19.10 35.56
CA PRO C 215 -26.98 18.68 34.24
C PRO C 215 -28.13 18.14 33.40
N PRO C 216 -28.02 18.16 32.06
CA PRO C 216 -29.07 17.63 31.21
C PRO C 216 -29.17 16.10 31.29
N VAL C 217 -30.23 15.58 30.69
CA VAL C 217 -30.60 14.15 30.70
C VAL C 217 -30.94 13.75 29.26
N ARG C 218 -30.58 12.52 28.91
CA ARG C 218 -31.09 11.80 27.73
C ARG C 218 -31.61 10.46 28.23
N PHE C 219 -32.79 10.06 27.77
CA PHE C 219 -33.39 8.79 28.19
C PHE C 219 -34.14 8.20 27.01
N PRO C 220 -34.23 6.85 26.95
CA PRO C 220 -35.08 6.17 26.01
C PRO C 220 -36.53 6.56 26.28
N ILE C 221 -37.31 6.58 25.21
CA ILE C 221 -38.76 6.87 25.29
C ILE C 221 -39.42 5.83 24.42
N PRO C 222 -40.24 4.93 25.00
CA PRO C 222 -40.97 3.97 24.20
C PRO C 222 -42.04 4.69 23.37
N VAL C 223 -42.19 4.25 22.11
CA VAL C 223 -43.31 4.67 21.23
C VAL C 223 -44.61 4.36 21.97
N GLY C 224 -45.66 5.14 21.75
CA GLY C 224 -46.84 5.18 22.61
C GLY C 224 -46.79 6.33 23.61
N SER C 225 -45.59 6.82 23.94
CA SER C 225 -45.39 7.89 24.94
C SER C 225 -45.68 9.25 24.31
N VAL C 226 -46.00 10.24 25.14
CA VAL C 226 -46.14 11.67 24.74
C VAL C 226 -45.33 12.49 25.73
N VAL C 227 -44.51 13.42 25.23
CA VAL C 227 -43.70 14.33 26.08
C VAL C 227 -44.38 15.71 26.00
N ILE C 228 -44.73 16.25 27.14
CA ILE C 228 -45.22 17.67 27.21
C ILE C 228 -44.16 18.48 27.93
N ARG C 229 -43.72 19.57 27.31
CA ARG C 229 -42.69 20.44 27.90
C ARG C 229 -42.99 21.92 27.62
N ASP C 230 -42.52 22.75 28.52
CA ASP C 230 -42.51 24.20 28.32
C ASP C 230 -41.77 24.46 27.02
N GLY C 231 -42.33 25.31 26.15
CA GLY C 231 -41.69 25.69 24.88
C GLY C 231 -40.39 26.42 25.09
N ARG C 232 -40.10 26.86 26.31
CA ARG C 232 -38.85 27.59 26.62
C ARG C 232 -37.79 26.64 27.20
N LEU C 233 -38.10 25.36 27.36
CA LEU C 233 -37.12 24.38 27.92
C LEU C 233 -35.89 24.30 27.03
N TRP C 234 -34.69 24.37 27.61
CA TRP C 234 -33.43 24.09 26.87
C TRP C 234 -33.39 22.61 26.47
N HIS C 235 -33.00 22.33 25.23
CA HIS C 235 -32.89 20.95 24.70
C HIS C 235 -32.02 20.98 23.43
N ARG C 236 -31.63 19.82 22.92
CA ARG C 236 -30.96 19.72 21.62
C ARG C 236 -31.19 18.33 21.01
N GLY C 237 -31.36 18.31 19.70
CA GLY C 237 -31.20 17.13 18.88
C GLY C 237 -29.76 16.64 18.93
N VAL C 238 -29.59 15.33 18.95
CA VAL C 238 -28.24 14.70 19.02
C VAL C 238 -28.13 13.70 17.89
N PRO C 239 -26.90 13.22 17.62
CA PRO C 239 -26.67 12.28 16.51
C PRO C 239 -27.51 11.01 16.63
N ASN C 240 -28.17 10.67 15.52
CA ASN C 240 -28.75 9.33 15.26
C ASN C 240 -27.62 8.46 14.68
N LEU C 241 -27.08 7.56 15.51
CA LEU C 241 -25.96 6.64 15.12
C LEU C 241 -26.54 5.26 14.80
N SER C 242 -27.84 5.16 14.55
CA SER C 242 -28.49 3.91 14.05
C SER C 242 -28.52 3.97 12.52
N ALA C 243 -29.07 2.92 11.90
CA ALA C 243 -29.15 2.75 10.43
C ALA C 243 -30.52 3.20 9.92
N ALA C 244 -31.39 3.73 10.77
CA ALA C 244 -32.77 4.12 10.38
C ALA C 244 -33.09 5.55 10.83
N PRO C 245 -33.84 6.32 10.01
CA PRO C 245 -34.32 7.63 10.43
C PRO C 245 -35.25 7.52 11.66
N ARG C 246 -35.15 8.48 12.58
CA ARG C 246 -35.93 8.55 13.85
C ARG C 246 -37.00 9.63 13.71
N PRO C 247 -38.25 9.27 13.38
CA PRO C 247 -39.31 10.26 13.24
C PRO C 247 -39.95 10.66 14.58
N LEU C 248 -40.16 11.96 14.74
CA LEU C 248 -40.90 12.61 15.85
C LEU C 248 -42.03 13.45 15.26
N LEU C 249 -43.25 13.32 15.77
CA LEU C 249 -44.38 14.22 15.42
C LEU C 249 -44.45 15.29 16.49
N ALA C 250 -44.59 16.55 16.10
CA ALA C 250 -44.51 17.71 17.02
C ALA C 250 -45.78 18.56 16.93
N MET C 251 -46.33 18.94 18.08
CA MET C 251 -47.42 19.90 18.22
C MET C 251 -47.02 20.92 19.29
N THR C 252 -47.60 22.11 19.26
CA THR C 252 -47.34 23.16 20.28
C THR C 252 -48.67 23.87 20.60
N HIS C 253 -49.07 23.84 21.85
CA HIS C 253 -50.26 24.52 22.41
C HIS C 253 -49.79 25.90 22.86
N TYR C 254 -50.51 26.96 22.48
CA TYR C 254 -50.21 28.36 22.84
C TYR C 254 -51.43 29.00 23.50
N THR C 255 -51.22 29.96 24.38
CA THR C 255 -52.25 30.93 24.82
C THR C 255 -52.93 31.51 23.57
N GLU C 256 -54.21 31.83 23.71
CA GLU C 256 -55.10 32.43 22.67
C GLU C 256 -54.43 33.68 22.08
N TRP C 257 -53.66 34.43 22.85
CA TRP C 257 -53.15 35.77 22.47
C TRP C 257 -51.76 35.71 21.79
N PHE C 258 -51.13 34.53 21.66
CA PHE C 258 -49.82 34.44 20.96
C PHE C 258 -50.04 34.27 19.45
N ASP C 259 -49.56 35.23 18.65
CA ASP C 259 -49.74 35.24 17.18
C ASP C 259 -48.97 34.08 16.54
N MET C 260 -49.68 33.24 15.83
CA MET C 260 -49.16 32.05 15.13
C MET C 260 -49.90 31.93 13.81
N PRO C 261 -49.25 31.49 12.73
CA PRO C 261 -49.98 31.12 11.52
C PRO C 261 -50.85 29.90 11.81
N PRO C 262 -52.02 29.79 11.13
CA PRO C 262 -52.87 28.60 11.31
C PRO C 262 -52.30 27.36 10.63
N ILE C 263 -52.62 26.18 11.17
CA ILE C 263 -52.40 24.85 10.54
C ILE C 263 -53.38 24.73 9.39
N GLN C 264 -52.89 24.43 8.19
CA GLN C 264 -53.71 24.16 7.00
C GLN C 264 -54.24 22.72 7.17
N LEU C 265 -55.56 22.54 7.21
CA LEU C 265 -56.21 21.20 7.27
C LEU C 265 -57.27 21.10 6.17
N PRO C 266 -57.52 19.88 5.65
CA PRO C 266 -58.62 19.71 4.68
C PRO C 266 -59.96 19.84 5.41
N ASP C 267 -60.99 20.38 4.74
CA ASP C 267 -62.32 20.64 5.36
C ASP C 267 -63.05 19.31 5.62
N THR C 268 -62.51 18.19 5.14
CA THR C 268 -62.99 16.82 5.46
C THR C 268 -62.83 16.51 6.96
N VAL C 269 -62.07 17.28 7.74
CA VAL C 269 -61.92 17.08 9.22
C VAL C 269 -62.56 18.25 9.97
N LYS C 270 -63.09 19.26 9.26
CA LYS C 270 -63.66 20.47 9.88
C LYS C 270 -64.74 20.09 10.89
N SER C 271 -65.58 19.08 10.58
CA SER C 271 -66.74 18.68 11.42
C SER C 271 -66.26 18.38 12.85
N TRP C 272 -65.19 17.59 13.03
CA TRP C 272 -64.72 17.17 14.38
C TRP C 272 -63.62 18.09 14.94
N VAL C 273 -62.84 18.78 14.11
CA VAL C 273 -61.79 19.71 14.62
C VAL C 273 -62.46 21.00 15.13
N ASP C 274 -63.27 21.68 14.31
CA ASP C 274 -63.81 23.04 14.61
C ASP C 274 -64.85 23.01 15.74
N GLY C 275 -65.65 21.96 15.85
CA GLY C 275 -66.61 21.80 16.96
C GLY C 275 -65.98 21.86 18.35
N SER C 276 -64.77 21.30 18.51
CA SER C 276 -64.22 20.80 19.80
C SER C 276 -63.95 21.92 20.79
N ASP C 277 -64.04 21.59 22.08
CA ASP C 277 -63.57 22.45 23.21
C ASP C 277 -62.05 22.25 23.41
N ARG C 278 -61.41 21.44 22.58
CA ARG C 278 -59.92 21.36 22.42
C ARG C 278 -59.54 22.14 21.16
N HIS C 279 -59.14 23.39 21.34
CA HIS C 279 -58.99 24.36 20.25
C HIS C 279 -57.75 24.06 19.40
N THR C 280 -57.90 24.30 18.11
CA THR C 280 -56.83 24.27 17.08
C THR C 280 -56.90 25.61 16.34
N HIS C 281 -55.79 26.31 16.18
CA HIS C 281 -55.67 27.46 15.24
C HIS C 281 -55.53 26.84 13.85
N ALA C 282 -56.65 26.68 13.15
CA ALA C 282 -56.76 25.92 11.88
C ALA C 282 -57.34 26.83 10.78
N HIS C 283 -56.87 26.64 9.55
CA HIS C 283 -57.48 27.14 8.30
C HIS C 283 -57.89 25.92 7.49
N PHE C 284 -59.18 25.78 7.20
CA PHE C 284 -59.75 24.62 6.48
C PHE C 284 -59.76 24.94 4.99
N VAL C 285 -59.28 24.00 4.18
CA VAL C 285 -59.06 24.15 2.72
C VAL C 285 -59.97 23.13 2.01
N ALA C 286 -60.58 23.53 0.89
CA ALA C 286 -61.28 22.60 -0.02
C ALA C 286 -60.23 21.72 -0.71
N GLY C 287 -60.42 20.41 -0.70
CA GLY C 287 -59.48 19.44 -1.27
C GLY C 287 -58.26 19.22 -0.39
N ASP C 288 -57.13 18.86 -1.01
CA ASP C 288 -55.86 18.49 -0.34
C ASP C 288 -55.02 19.74 -0.08
N VAL C 289 -54.28 19.71 1.02
CA VAL C 289 -53.19 20.65 1.40
C VAL C 289 -51.86 20.09 0.84
N ASP C 290 -50.95 20.93 0.31
CA ASP C 290 -49.54 20.54 0.12
C ASP C 290 -48.82 20.50 1.48
N HIS C 296 -39.75 26.00 4.86
CA HIS C 296 -40.60 25.66 6.03
C HIS C 296 -40.44 26.74 7.10
N PRO C 297 -41.55 27.35 7.57
CA PRO C 297 -41.48 28.42 8.59
C PRO C 297 -41.01 28.02 10.00
N PHE C 298 -41.02 26.72 10.32
CA PHE C 298 -40.67 26.17 11.66
C PHE C 298 -39.22 25.68 11.70
N ALA C 299 -38.55 25.54 10.55
CA ALA C 299 -37.12 25.15 10.50
C ALA C 299 -36.27 26.36 10.89
N VAL C 300 -35.36 26.19 11.86
CA VAL C 300 -34.43 27.27 12.32
C VAL C 300 -33.00 27.03 11.76
N HIS D 16 -78.39 39.38 1.99
CA HIS D 16 -77.49 39.77 0.84
C HIS D 16 -76.93 41.18 1.05
N MET D 17 -75.72 41.45 0.54
CA MET D 17 -75.14 42.81 0.39
C MET D 17 -75.52 43.40 -0.97
N ALA D 18 -76.14 44.59 -0.94
CA ALA D 18 -76.53 45.41 -2.11
C ALA D 18 -75.48 46.52 -2.31
N LEU D 19 -74.73 46.46 -3.40
CA LEU D 19 -73.60 47.39 -3.70
C LEU D 19 -74.05 48.40 -4.76
N ALA D 20 -73.32 49.51 -4.90
CA ALA D 20 -73.60 50.63 -5.82
C ALA D 20 -72.89 50.40 -7.17
N ALA D 21 -71.92 49.50 -7.22
CA ALA D 21 -71.09 49.23 -8.42
C ALA D 21 -70.46 47.85 -8.29
N PRO D 22 -69.95 47.26 -9.39
CA PRO D 22 -69.24 45.99 -9.31
C PRO D 22 -68.07 46.14 -8.34
N PRO D 23 -67.89 45.21 -7.39
CA PRO D 23 -66.80 45.32 -6.41
C PRO D 23 -65.44 45.23 -7.09
N GLY D 24 -64.50 46.07 -6.64
CA GLY D 24 -63.13 46.11 -7.17
C GLY D 24 -62.47 44.75 -7.15
N GLU D 25 -62.70 43.94 -6.10
CA GLU D 25 -62.08 42.59 -5.92
C GLU D 25 -62.50 41.63 -7.04
N LEU D 26 -63.63 41.87 -7.74
CA LEU D 26 -64.17 40.94 -8.77
C LEU D 26 -63.99 41.51 -10.18
N THR D 27 -63.50 42.75 -10.32
CA THR D 27 -63.71 43.55 -11.54
C THR D 27 -62.39 43.90 -12.23
N LEU D 28 -62.37 43.81 -13.54
CA LEU D 28 -61.27 44.27 -14.42
C LEU D 28 -61.89 45.21 -15.44
N ALA D 29 -61.37 46.42 -15.57
CA ALA D 29 -61.90 47.46 -16.49
C ALA D 29 -61.14 47.37 -17.81
N LEU D 30 -61.87 47.14 -18.90
CA LEU D 30 -61.30 47.06 -20.27
C LEU D 30 -62.04 48.07 -21.16
N THR D 31 -61.55 48.23 -22.38
CA THR D 31 -62.22 48.92 -23.51
C THR D 31 -62.46 47.87 -24.59
N PRO D 32 -63.33 48.13 -25.59
CA PRO D 32 -63.50 47.19 -26.70
C PRO D 32 -62.27 47.01 -27.61
N ASP D 33 -61.25 47.87 -27.48
CA ASP D 33 -59.97 47.75 -28.22
C ASP D 33 -59.05 46.72 -27.57
N ASP D 34 -59.27 46.37 -26.29
CA ASP D 34 -58.41 45.39 -25.58
C ASP D 34 -58.65 44.01 -26.20
N LYS D 35 -57.69 43.51 -26.97
CA LYS D 35 -57.78 42.25 -27.74
C LYS D 35 -57.21 41.11 -26.88
N THR D 36 -56.46 41.45 -25.83
CA THR D 36 -55.61 40.54 -25.04
C THR D 36 -55.42 41.17 -23.67
N LEU D 37 -55.38 40.35 -22.61
CA LEU D 37 -54.90 40.79 -21.28
C LEU D 37 -53.38 40.65 -21.23
N ASP D 38 -52.69 41.69 -20.76
CA ASP D 38 -51.23 41.64 -20.45
C ASP D 38 -51.05 40.58 -19.36
N PRO D 39 -49.85 39.95 -19.23
CA PRO D 39 -49.65 38.88 -18.25
C PRO D 39 -50.18 39.16 -16.83
N ALA D 40 -49.96 40.37 -16.31
CA ALA D 40 -50.37 40.79 -14.94
C ALA D 40 -51.91 40.78 -14.82
N SER D 41 -52.61 41.35 -15.80
CA SER D 41 -54.11 41.37 -15.87
C SER D 41 -54.65 39.93 -15.94
N LEU D 42 -54.06 39.09 -16.79
CA LEU D 42 -54.47 37.67 -16.93
C LEU D 42 -54.29 36.97 -15.59
N ASP D 43 -53.15 37.16 -14.91
CA ASP D 43 -52.89 36.54 -13.58
C ASP D 43 -53.95 37.00 -12.59
N ARG D 44 -54.33 38.28 -12.60
CA ARG D 44 -55.34 38.80 -11.64
C ARG D 44 -56.71 38.17 -11.97
N ALA D 45 -57.06 38.07 -13.24
CA ALA D 45 -58.32 37.44 -13.74
C ALA D 45 -58.42 36.01 -13.21
N LEU D 46 -57.38 35.21 -13.36
CA LEU D 46 -57.33 33.78 -12.93
C LEU D 46 -57.35 33.72 -11.40
N ALA D 47 -56.68 34.64 -10.72
CA ALA D 47 -56.66 34.68 -9.23
C ALA D 47 -58.08 34.97 -8.73
N ILE D 48 -58.82 35.86 -9.40
CA ILE D 48 -60.23 36.21 -9.04
C ILE D 48 -61.13 35.00 -9.27
N LEU D 49 -61.07 34.36 -10.45
CA LEU D 49 -61.85 33.12 -10.74
C LEU D 49 -61.52 32.01 -9.75
N ALA D 50 -60.25 31.79 -9.40
CA ALA D 50 -59.85 30.71 -8.47
C ALA D 50 -60.42 31.00 -7.08
N GLU D 51 -60.31 32.23 -6.57
CA GLU D 51 -60.70 32.57 -5.17
C GLU D 51 -62.22 32.77 -5.08
N HIS D 52 -62.79 33.57 -5.98
CA HIS D 52 -64.18 34.12 -5.87
C HIS D 52 -65.14 33.38 -6.79
N GLY D 53 -64.65 32.81 -7.88
CA GLY D 53 -65.46 32.03 -8.83
C GLY D 53 -66.27 32.92 -9.75
N ILE D 54 -66.09 34.24 -9.71
CA ILE D 54 -66.81 35.21 -10.58
C ILE D 54 -65.89 36.40 -10.86
N LEU D 55 -65.90 36.82 -12.12
CA LEU D 55 -65.06 37.89 -12.67
C LEU D 55 -65.97 38.77 -13.52
N VAL D 56 -66.02 40.06 -13.23
CA VAL D 56 -66.76 41.08 -14.02
C VAL D 56 -65.75 41.85 -14.87
N LEU D 57 -65.90 41.80 -16.20
CA LEU D 57 -65.08 42.55 -17.17
C LEU D 57 -65.94 43.68 -17.76
N THR D 58 -65.72 44.92 -17.35
CA THR D 58 -66.46 46.10 -17.87
C THR D 58 -65.82 46.58 -19.18
N GLY D 59 -66.65 47.18 -20.05
CA GLY D 59 -66.23 47.90 -21.26
C GLY D 59 -65.74 46.99 -22.36
N MET D 60 -66.23 45.75 -22.43
CA MET D 60 -65.73 44.76 -23.42
C MET D 60 -66.43 44.92 -24.78
N LEU D 61 -67.74 45.13 -24.80
CA LEU D 61 -68.54 45.02 -26.04
C LEU D 61 -69.07 46.39 -26.47
N ARG D 62 -68.99 46.68 -27.77
CA ARG D 62 -69.50 47.92 -28.40
C ARG D 62 -71.03 47.96 -28.28
N THR D 63 -71.60 49.15 -28.11
CA THR D 63 -73.07 49.34 -27.93
C THR D 63 -73.77 48.97 -29.26
N ARG D 64 -73.08 49.12 -30.38
CA ARG D 64 -73.55 48.67 -31.73
C ARG D 64 -74.00 47.20 -31.63
N LEU D 65 -73.25 46.34 -30.93
CA LEU D 65 -73.52 44.88 -30.86
C LEU D 65 -74.62 44.61 -29.81
N THR D 66 -74.49 45.20 -28.62
CA THR D 66 -75.45 44.96 -27.51
C THR D 66 -76.83 45.51 -27.88
N ASP D 67 -76.90 46.64 -28.60
CA ASP D 67 -78.18 47.21 -29.10
C ASP D 67 -78.89 46.18 -29.98
N GLN D 68 -78.18 45.57 -30.93
CA GLN D 68 -78.81 44.67 -31.93
C GLN D 68 -79.30 43.39 -31.25
N LEU D 69 -78.52 42.85 -30.32
CA LEU D 69 -78.90 41.61 -29.57
C LEU D 69 -80.08 41.92 -28.65
N ARG D 70 -80.07 43.08 -27.99
CA ARG D 70 -81.18 43.52 -27.11
C ARG D 70 -82.47 43.61 -27.93
N THR D 71 -82.43 44.32 -29.05
CA THR D 71 -83.57 44.53 -29.97
C THR D 71 -84.09 43.17 -30.39
N ALA D 72 -83.20 42.28 -30.89
CA ALA D 72 -83.59 40.98 -31.47
C ALA D 72 -84.31 40.12 -30.41
N MET D 73 -83.83 40.13 -29.17
CA MET D 73 -84.39 39.31 -28.08
C MET D 73 -85.73 39.91 -27.62
N LEU D 74 -85.84 41.23 -27.45
CA LEU D 74 -87.14 41.85 -27.09
C LEU D 74 -88.16 41.60 -28.22
N ASP D 75 -87.73 41.67 -29.47
CA ASP D 75 -88.62 41.40 -30.65
C ASP D 75 -89.10 39.93 -30.62
N ASP D 76 -88.26 38.98 -30.20
CA ASP D 76 -88.60 37.53 -30.20
C ASP D 76 -89.48 37.14 -29.01
N LEU D 77 -89.51 37.95 -27.95
CA LEU D 77 -90.14 37.56 -26.66
C LEU D 77 -91.63 37.23 -26.85
N PRO D 78 -92.41 37.99 -27.66
CA PRO D 78 -93.80 37.61 -27.91
C PRO D 78 -93.97 36.18 -28.41
N GLU D 79 -93.12 35.75 -29.35
CA GLU D 79 -93.15 34.39 -29.94
C GLU D 79 -92.82 33.39 -28.82
N VAL D 80 -91.95 33.73 -27.89
CA VAL D 80 -91.61 32.85 -26.73
C VAL D 80 -92.82 32.72 -25.80
N LEU D 81 -93.53 33.82 -25.49
CA LEU D 81 -94.62 33.84 -24.48
C LEU D 81 -95.89 33.19 -25.05
N ARG D 82 -95.99 33.11 -26.38
CA ARG D 82 -97.12 32.56 -27.14
C ARG D 82 -97.08 31.02 -27.17
N GLN D 83 -95.95 30.37 -26.88
CA GLN D 83 -95.81 28.89 -26.92
C GLN D 83 -96.73 28.26 -25.89
N GLN D 84 -97.13 27.00 -26.11
CA GLN D 84 -98.06 26.24 -25.21
C GLN D 84 -97.39 26.02 -23.85
N ASP D 85 -96.11 25.62 -23.85
CA ASP D 85 -95.29 25.59 -22.61
C ASP D 85 -94.14 26.61 -22.73
N VAL D 86 -94.16 27.64 -21.89
CA VAL D 86 -93.08 28.67 -21.81
C VAL D 86 -91.99 28.11 -20.91
N PRO D 87 -90.78 27.87 -21.44
CA PRO D 87 -89.70 27.32 -20.61
C PRO D 87 -89.29 28.39 -19.58
N THR D 88 -89.39 28.00 -18.31
CA THR D 88 -89.29 28.88 -17.14
C THR D 88 -88.34 28.21 -16.13
N ASN D 89 -87.40 28.97 -15.57
CA ASN D 89 -86.34 28.47 -14.67
C ASN D 89 -86.75 28.64 -13.20
N PHE D 90 -87.23 27.53 -12.60
CA PHE D 90 -87.56 27.33 -11.17
C PHE D 90 -88.88 28.02 -10.79
N VAL D 91 -89.06 29.31 -11.15
CA VAL D 91 -90.18 30.14 -10.63
C VAL D 91 -90.62 31.08 -11.74
N PRO D 92 -91.86 31.60 -11.65
CA PRO D 92 -92.39 32.53 -12.65
C PRO D 92 -91.53 33.75 -12.92
N GLY D 93 -91.46 34.16 -14.19
CA GLY D 93 -90.82 35.40 -14.64
C GLY D 93 -89.42 35.17 -15.19
N HIS D 94 -88.82 34.00 -14.98
CA HIS D 94 -87.43 33.68 -15.43
C HIS D 94 -87.52 32.78 -16.67
N VAL D 95 -87.57 33.39 -17.84
CA VAL D 95 -87.86 32.66 -19.11
C VAL D 95 -86.54 32.28 -19.77
N GLN D 96 -86.47 31.05 -20.30
CA GLN D 96 -85.33 30.61 -21.14
C GLN D 96 -85.63 31.07 -22.56
N GLN D 97 -84.70 31.78 -23.16
CA GLN D 97 -84.84 32.29 -24.54
C GLN D 97 -83.47 32.30 -25.22
N ASP D 98 -83.35 31.57 -26.31
CA ASP D 98 -82.12 31.58 -27.15
C ASP D 98 -82.11 32.85 -27.98
N PRO D 99 -80.97 33.54 -28.08
CA PRO D 99 -80.82 34.60 -29.06
C PRO D 99 -80.85 34.01 -30.45
N PRO D 100 -81.15 34.83 -31.48
CA PRO D 100 -81.16 34.36 -32.86
C PRO D 100 -79.80 33.87 -33.30
N VAL D 101 -79.81 32.88 -34.17
CA VAL D 101 -78.59 32.36 -34.85
C VAL D 101 -78.70 32.64 -36.34
N ARG D 102 -79.22 33.82 -36.72
CA ARG D 102 -79.09 34.38 -38.08
C ARG D 102 -77.67 34.93 -38.22
N GLU D 103 -77.07 34.85 -39.41
CA GLU D 103 -75.67 35.30 -39.65
C GLU D 103 -75.56 36.78 -39.26
N SER D 104 -76.60 37.60 -39.48
CA SER D 104 -76.57 39.07 -39.24
C SER D 104 -76.48 39.40 -37.74
N LEU D 105 -76.73 38.44 -36.85
CA LEU D 105 -76.72 38.65 -35.36
C LEU D 105 -75.72 37.72 -34.66
N LEU D 106 -74.85 37.04 -35.42
CA LEU D 106 -73.75 36.22 -34.86
C LEU D 106 -72.44 36.98 -35.03
N PHE D 107 -71.94 37.50 -33.91
CA PHE D 107 -70.79 38.43 -33.88
C PHE D 107 -69.58 37.69 -33.31
N PRO D 108 -68.44 37.66 -34.03
CA PRO D 108 -67.21 37.09 -33.50
C PRO D 108 -66.86 37.64 -32.10
N ASP D 109 -67.08 38.92 -31.86
CA ASP D 109 -66.73 39.59 -30.59
C ASP D 109 -67.62 39.10 -29.44
N VAL D 110 -68.73 38.42 -29.74
CA VAL D 110 -69.59 37.74 -28.72
C VAL D 110 -69.25 36.23 -28.67
N LEU D 111 -69.33 35.51 -29.80
CA LEU D 111 -69.15 34.02 -29.78
C LEU D 111 -67.72 33.63 -29.51
N LEU D 112 -66.78 34.38 -30.11
CA LEU D 112 -65.34 34.03 -30.17
C LEU D 112 -64.52 35.18 -29.61
N ASN D 113 -64.93 35.71 -28.46
CA ASN D 113 -64.28 36.90 -27.87
C ASN D 113 -62.86 36.50 -27.47
N PRO D 114 -61.84 37.26 -27.93
CA PRO D 114 -60.45 36.90 -27.66
C PRO D 114 -60.08 36.95 -26.18
N VAL D 115 -60.63 37.90 -25.41
CA VAL D 115 -60.32 38.02 -23.96
C VAL D 115 -60.99 36.85 -23.22
N VAL D 116 -62.24 36.57 -23.53
CA VAL D 116 -62.99 35.45 -22.89
C VAL D 116 -62.19 34.15 -23.11
N TYR D 117 -61.82 33.86 -24.36
CA TYR D 117 -61.10 32.61 -24.71
C TYR D 117 -59.66 32.60 -24.17
N GLN D 118 -59.03 33.76 -24.03
CA GLN D 118 -57.72 33.83 -23.35
C GLN D 118 -57.89 33.29 -21.92
N ILE D 119 -58.93 33.73 -21.22
CA ILE D 119 -59.22 33.31 -19.83
C ILE D 119 -59.63 31.83 -19.80
N THR D 120 -60.54 31.39 -20.67
CA THR D 120 -61.08 30.01 -20.61
C THR D 120 -59.97 29.02 -21.06
N HIS D 121 -59.11 29.40 -22.00
CA HIS D 121 -57.93 28.59 -22.41
C HIS D 121 -57.02 28.37 -21.20
N ALA D 122 -56.74 29.42 -20.43
CA ALA D 122 -55.84 29.36 -19.26
C ALA D 122 -56.46 28.51 -18.14
N VAL D 123 -57.78 28.52 -17.94
CA VAL D 123 -58.43 27.74 -16.83
C VAL D 123 -58.75 26.31 -17.28
N LEU D 124 -59.29 26.11 -18.49
CA LEU D 124 -59.93 24.85 -18.95
C LEU D 124 -59.05 24.10 -19.95
N GLY D 125 -58.08 24.77 -20.57
CA GLY D 125 -57.21 24.20 -21.61
C GLY D 125 -57.58 24.71 -22.99
N ALA D 126 -56.67 24.49 -23.94
CA ALA D 126 -56.72 25.02 -25.33
C ALA D 126 -57.84 24.33 -26.10
N ASP D 127 -58.28 23.16 -25.59
CA ASP D 127 -59.34 22.30 -26.15
C ASP D 127 -60.72 22.69 -25.60
N ALA D 128 -60.82 23.64 -24.69
CA ALA D 128 -62.11 24.06 -24.12
C ALA D 128 -63.00 24.55 -25.26
N ARG D 129 -64.31 24.42 -25.13
CA ARG D 129 -65.24 24.76 -26.25
C ARG D 129 -66.55 25.33 -25.69
N ASN D 130 -67.08 26.31 -26.41
CA ASN D 130 -68.43 26.83 -26.12
C ASN D 130 -69.47 25.80 -26.58
N ALA D 131 -70.44 25.44 -25.74
CA ALA D 131 -71.52 24.48 -26.07
C ALA D 131 -72.89 25.04 -25.69
N VAL D 132 -72.97 26.33 -25.43
CA VAL D 132 -74.24 27.00 -25.06
C VAL D 132 -74.27 28.38 -25.72
N TYR D 133 -75.37 28.65 -26.42
CA TYR D 133 -75.70 29.98 -26.98
C TYR D 133 -77.18 30.23 -26.66
N SER D 134 -77.46 30.62 -25.43
CA SER D 134 -78.82 30.74 -24.88
C SER D 134 -79.01 32.09 -24.18
N GLY D 135 -80.02 32.18 -23.33
CA GLY D 135 -80.39 33.43 -22.69
C GLY D 135 -81.47 33.23 -21.67
N ASN D 136 -81.57 34.24 -20.81
CA ASN D 136 -82.45 34.35 -19.62
C ASN D 136 -83.16 35.71 -19.75
N MET D 137 -84.46 35.68 -20.00
CA MET D 137 -85.32 36.89 -20.06
C MET D 137 -86.06 36.98 -18.72
N ASN D 138 -85.70 37.97 -17.89
CA ASN D 138 -86.24 38.19 -16.52
C ASN D 138 -87.40 39.20 -16.64
N LEU D 139 -88.64 38.74 -16.50
CA LEU D 139 -89.88 39.54 -16.76
C LEU D 139 -90.20 40.43 -15.57
N PRO D 140 -90.79 41.62 -15.80
CA PRO D 140 -91.36 42.41 -14.70
C PRO D 140 -92.28 41.52 -13.86
N GLY D 141 -92.11 41.56 -12.54
CA GLY D 141 -92.97 40.84 -11.56
C GLY D 141 -92.48 39.44 -11.29
N SER D 142 -91.24 39.15 -11.68
CA SER D 142 -90.65 37.79 -11.55
C SER D 142 -90.48 37.46 -10.06
N HIS D 143 -90.46 36.18 -9.73
CA HIS D 143 -90.24 35.68 -8.35
C HIS D 143 -88.73 35.49 -8.11
N GLU D 144 -88.40 35.15 -6.86
CA GLU D 144 -87.02 34.85 -6.42
C GLU D 144 -86.74 33.38 -6.73
N GLN D 145 -85.67 33.10 -7.49
CA GLN D 145 -85.21 31.71 -7.76
C GLN D 145 -84.59 31.17 -6.47
N PRO D 146 -84.61 29.85 -6.23
CA PRO D 146 -83.77 29.27 -5.17
C PRO D 146 -82.30 29.40 -5.59
N VAL D 147 -81.43 29.57 -4.61
CA VAL D 147 -79.96 29.52 -4.84
C VAL D 147 -79.60 28.15 -5.40
N HIS D 148 -78.89 28.12 -6.52
CA HIS D 148 -78.56 26.88 -7.26
C HIS D 148 -77.19 27.06 -7.93
N LEU D 149 -76.66 25.95 -8.43
CA LEU D 149 -75.59 26.03 -9.46
C LEU D 149 -76.18 25.59 -10.81
N ASP D 150 -75.64 26.11 -11.89
CA ASP D 150 -76.06 25.80 -13.29
C ASP D 150 -75.45 24.46 -13.73
N GLU D 151 -74.23 24.15 -13.28
CA GLU D 151 -73.55 22.89 -13.65
C GLU D 151 -73.04 22.28 -12.36
N PRO D 152 -73.30 20.99 -12.12
CA PRO D 152 -72.95 20.39 -10.84
C PRO D 152 -71.46 20.04 -10.75
N HIS D 153 -71.00 19.81 -9.52
CA HIS D 153 -69.77 19.06 -9.21
C HIS D 153 -69.95 17.64 -9.77
N LEU D 154 -68.86 17.00 -10.18
CA LEU D 154 -68.92 15.75 -10.99
C LEU D 154 -69.13 14.53 -10.07
N TRP D 155 -68.75 14.63 -8.80
CA TRP D 155 -69.01 13.61 -7.77
C TRP D 155 -69.42 14.33 -6.49
N PRO D 156 -70.31 13.75 -5.68
CA PRO D 156 -70.63 14.33 -4.38
C PRO D 156 -69.45 14.17 -3.41
N GLY D 157 -69.20 15.18 -2.57
CA GLY D 157 -68.25 15.10 -1.45
C GLY D 157 -66.81 15.26 -1.87
N ILE D 158 -66.55 15.71 -3.10
CA ILE D 158 -65.19 15.73 -3.70
C ILE D 158 -64.85 17.16 -4.12
N SER D 159 -63.62 17.59 -3.81
CA SER D 159 -62.99 18.83 -4.29
C SER D 159 -62.31 18.54 -5.62
N HIS D 160 -62.67 19.28 -6.66
CA HIS D 160 -62.02 19.20 -7.99
C HIS D 160 -62.04 20.58 -8.62
N PRO D 161 -61.11 20.88 -9.53
CA PRO D 161 -61.07 22.18 -10.20
C PRO D 161 -62.21 22.33 -11.21
N PRO D 162 -62.34 23.53 -11.82
CA PRO D 162 -63.41 23.82 -12.76
C PRO D 162 -63.35 22.90 -13.99
N TYR D 163 -64.50 22.62 -14.61
CA TYR D 163 -64.60 22.00 -15.96
C TYR D 163 -65.49 22.84 -16.85
N CYS D 164 -66.07 23.92 -16.36
CA CYS D 164 -66.93 24.83 -17.16
C CYS D 164 -66.93 26.25 -16.59
N LEU D 165 -67.04 27.21 -17.49
CA LEU D 165 -67.08 28.65 -17.16
C LEU D 165 -68.28 29.23 -17.90
N CYS D 166 -69.27 29.72 -17.15
CA CYS D 166 -70.42 30.46 -17.70
C CYS D 166 -69.93 31.83 -18.16
N VAL D 167 -70.38 32.27 -19.32
CA VAL D 167 -70.05 33.61 -19.88
C VAL D 167 -71.37 34.35 -20.09
N ASP D 168 -71.69 35.28 -19.19
CA ASP D 168 -72.98 36.01 -19.11
C ASP D 168 -72.80 37.43 -19.68
N VAL D 169 -73.62 37.80 -20.65
CA VAL D 169 -73.56 39.10 -21.36
C VAL D 169 -74.88 39.84 -21.15
N PRO D 170 -74.95 40.77 -20.19
CA PRO D 170 -76.15 41.59 -20.02
C PRO D 170 -76.41 42.42 -21.28
N LEU D 171 -77.68 42.50 -21.70
CA LEU D 171 -78.07 43.21 -22.94
C LEU D 171 -78.77 44.54 -22.61
N ILE D 172 -78.94 44.90 -21.34
CA ILE D 172 -79.23 46.29 -20.86
C ILE D 172 -78.39 46.50 -19.61
N ASP D 173 -78.33 47.73 -19.11
CA ASP D 173 -77.74 47.98 -17.77
C ASP D 173 -78.51 47.11 -16.77
N PHE D 174 -77.81 46.35 -15.93
CA PHE D 174 -78.44 45.58 -14.83
C PHE D 174 -78.38 46.46 -13.58
N THR D 175 -79.48 46.55 -12.85
CA THR D 175 -79.60 47.30 -11.58
C THR D 175 -80.15 46.37 -10.50
N LEU D 176 -80.06 46.76 -9.24
CA LEU D 176 -80.74 46.07 -8.12
C LEU D 176 -82.26 46.04 -8.39
N GLU D 177 -82.80 47.03 -9.12
CA GLU D 177 -84.25 47.10 -9.39
C GLU D 177 -84.68 46.12 -10.49
N ASN D 178 -83.89 45.92 -11.55
CA ASN D 178 -84.35 45.17 -12.74
C ASN D 178 -83.81 43.73 -12.77
N GLY D 179 -83.24 43.25 -11.69
CA GLY D 179 -82.95 41.80 -11.51
C GLY D 179 -81.50 41.43 -11.78
N SER D 180 -80.54 42.29 -11.40
CA SER D 180 -79.11 41.92 -11.43
C SER D 180 -78.92 40.67 -10.57
N THR D 181 -78.24 39.66 -11.10
CA THR D 181 -78.17 38.30 -10.51
C THR D 181 -77.48 38.39 -9.14
N GLU D 182 -77.95 37.65 -8.16
CA GLU D 182 -77.26 37.44 -6.87
C GLU D 182 -76.19 36.34 -7.03
N TYR D 183 -74.96 36.62 -6.57
CA TYR D 183 -73.79 35.73 -6.66
C TYR D 183 -73.25 35.50 -5.25
N TRP D 184 -72.76 34.26 -5.01
CA TRP D 184 -72.15 33.83 -3.74
C TRP D 184 -70.66 33.63 -3.96
N PRO D 185 -69.82 34.66 -3.74
CA PRO D 185 -68.40 34.55 -4.01
C PRO D 185 -67.79 33.40 -3.19
N GLY D 186 -66.93 32.62 -3.83
CA GLY D 186 -66.14 31.53 -3.22
C GLY D 186 -66.94 30.24 -3.07
N SER D 187 -68.20 30.22 -3.51
CA SER D 187 -69.13 29.07 -3.34
C SER D 187 -68.80 27.96 -4.34
N HIS D 188 -68.03 28.27 -5.38
CA HIS D 188 -67.73 27.32 -6.49
C HIS D 188 -66.96 26.08 -5.99
N VAL D 189 -66.27 26.16 -4.84
CA VAL D 189 -65.42 25.04 -4.34
C VAL D 189 -66.18 24.24 -3.26
N LEU D 190 -67.40 24.62 -2.88
CA LEU D 190 -68.14 23.92 -1.79
C LEU D 190 -68.87 22.71 -2.38
N ASN D 191 -68.58 21.52 -1.90
CA ASN D 191 -69.23 20.28 -2.38
C ASN D 191 -69.26 19.24 -1.27
N PRO D 192 -69.78 19.59 -0.06
CA PRO D 192 -69.92 18.59 1.00
C PRO D 192 -71.05 17.62 0.62
N ASP D 193 -71.09 16.44 1.23
CA ASP D 193 -72.20 15.46 1.06
C ASP D 193 -73.53 16.13 1.38
N GLU D 194 -74.59 15.79 0.65
CA GLU D 194 -75.98 16.24 0.94
C GLU D 194 -76.07 17.77 0.83
N CYS D 195 -75.49 18.35 -0.21
CA CYS D 195 -75.44 19.83 -0.40
C CYS D 195 -76.45 20.25 -1.48
N TYR D 196 -76.75 19.39 -2.45
CA TYR D 196 -77.45 19.71 -3.72
C TYR D 196 -78.58 18.72 -3.95
N ASP D 197 -79.77 19.19 -4.34
CA ASP D 197 -80.87 18.32 -4.83
C ASP D 197 -80.69 18.07 -6.33
N GLU D 198 -81.62 17.32 -6.94
CA GLU D 198 -81.53 16.84 -8.35
C GLU D 198 -81.56 18.02 -9.33
N ARG D 199 -82.00 19.22 -8.92
CA ARG D 199 -82.09 20.40 -9.82
C ARG D 199 -80.88 21.33 -9.63
N GLY D 200 -79.92 20.96 -8.79
CA GLY D 200 -78.75 21.82 -8.49
C GLY D 200 -79.04 22.91 -7.46
N CYS D 201 -80.14 22.79 -6.74
CA CYS D 201 -80.51 23.74 -5.63
C CYS D 201 -79.69 23.42 -4.39
N VAL D 202 -79.18 24.43 -3.72
CA VAL D 202 -78.35 24.31 -2.50
C VAL D 202 -79.25 24.02 -1.30
N LEU D 203 -78.94 22.98 -0.54
CA LEU D 203 -79.72 22.62 0.68
C LEU D 203 -79.64 23.79 1.65
N PRO D 204 -80.77 24.17 2.28
CA PRO D 204 -80.84 25.31 3.20
C PRO D 204 -79.79 25.33 4.31
N ALA D 205 -79.50 24.17 4.90
CA ALA D 205 -78.48 24.03 5.97
C ALA D 205 -77.13 24.59 5.48
N GLU D 206 -76.74 24.23 4.26
CA GLU D 206 -75.45 24.68 3.67
C GLU D 206 -75.54 26.15 3.28
N LEU D 207 -76.71 26.60 2.81
CA LEU D 207 -76.91 28.02 2.48
C LEU D 207 -76.58 28.89 3.69
N GLU D 208 -77.19 28.58 4.84
CA GLU D 208 -77.07 29.43 6.06
C GLU D 208 -75.66 29.37 6.62
N ARG D 209 -75.03 28.19 6.67
CA ARG D 209 -73.61 28.04 7.11
C ARG D 209 -72.72 29.00 6.31
N ARG D 210 -72.88 28.99 5.00
CA ARG D 210 -72.05 29.81 4.07
C ARG D 210 -72.37 31.30 4.26
N ARG D 211 -73.65 31.64 4.40
CA ARG D 211 -74.13 33.05 4.53
C ARG D 211 -73.40 33.76 5.67
N ALA D 212 -73.14 33.04 6.77
CA ALA D 212 -72.51 33.58 8.00
C ALA D 212 -71.01 33.87 7.77
N VAL D 213 -70.36 33.19 6.82
CA VAL D 213 -68.90 33.28 6.54
C VAL D 213 -68.65 34.26 5.38
N ALA D 214 -69.50 34.23 4.36
CA ALA D 214 -69.31 34.97 3.09
C ALA D 214 -70.67 35.24 2.47
N PRO D 215 -71.42 36.28 2.92
CA PRO D 215 -72.77 36.50 2.43
C PRO D 215 -72.77 36.85 0.94
N PRO D 216 -73.90 36.62 0.23
CA PRO D 216 -73.94 36.91 -1.20
C PRO D 216 -73.98 38.42 -1.49
N VAL D 217 -73.81 38.76 -2.77
CA VAL D 217 -73.74 40.16 -3.26
C VAL D 217 -74.63 40.28 -4.48
N ARG D 218 -75.25 41.44 -4.63
CA ARG D 218 -75.90 41.93 -5.86
C ARG D 218 -75.34 43.32 -6.13
N PHE D 219 -75.03 43.59 -7.40
CA PHE D 219 -74.45 44.87 -7.84
C PHE D 219 -74.92 45.17 -9.24
N PRO D 220 -75.03 46.46 -9.59
CA PRO D 220 -75.34 46.86 -10.96
C PRO D 220 -74.17 46.43 -11.86
N ILE D 221 -74.49 46.13 -13.11
CA ILE D 221 -73.50 45.73 -14.14
C ILE D 221 -73.87 46.50 -15.38
N PRO D 222 -73.00 47.39 -15.86
CA PRO D 222 -73.30 48.15 -17.05
C PRO D 222 -73.26 47.24 -18.29
N VAL D 223 -74.20 47.43 -19.21
CA VAL D 223 -74.18 46.79 -20.55
C VAL D 223 -72.83 47.11 -21.20
N GLY D 224 -72.33 46.18 -22.02
CA GLY D 224 -70.93 46.18 -22.48
C GLY D 224 -70.07 45.27 -21.64
N SER D 225 -70.51 44.92 -20.43
CA SER D 225 -69.74 44.06 -19.50
C SER D 225 -69.93 42.60 -19.91
N VAL D 226 -68.97 41.76 -19.50
CA VAL D 226 -69.06 40.27 -19.60
C VAL D 226 -68.73 39.72 -18.22
N VAL D 227 -69.57 38.84 -17.71
CA VAL D 227 -69.34 38.13 -16.42
C VAL D 227 -68.85 36.72 -16.76
N ILE D 228 -67.68 36.35 -16.27
CA ILE D 228 -67.18 34.97 -16.37
C ILE D 228 -67.22 34.38 -14.96
N ARG D 229 -67.86 33.23 -14.82
CA ARG D 229 -67.95 32.55 -13.50
C ARG D 229 -67.84 31.05 -13.67
N ASP D 230 -67.34 30.42 -12.63
CA ASP D 230 -67.32 28.94 -12.50
C ASP D 230 -68.78 28.51 -12.67
N GLY D 231 -69.02 27.49 -13.48
CA GLY D 231 -70.38 26.94 -13.67
C GLY D 231 -70.98 26.39 -12.40
N ARG D 232 -70.16 26.17 -11.38
CA ARG D 232 -70.62 25.62 -10.09
C ARG D 232 -70.93 26.74 -9.08
N LEU D 233 -70.72 28.00 -9.42
CA LEU D 233 -70.93 29.12 -8.45
C LEU D 233 -72.40 29.16 -8.01
N TRP D 234 -72.65 29.30 -6.72
CA TRP D 234 -74.03 29.52 -6.20
C TRP D 234 -74.50 30.91 -6.66
N HIS D 235 -75.74 30.99 -7.14
CA HIS D 235 -76.35 32.26 -7.59
C HIS D 235 -77.86 32.08 -7.65
N ARG D 236 -78.60 33.16 -7.82
CA ARG D 236 -80.05 33.07 -8.11
C ARG D 236 -80.50 34.29 -8.88
N GLY D 237 -81.42 34.06 -9.82
CA GLY D 237 -82.26 35.12 -10.37
C GLY D 237 -83.15 35.70 -9.29
N VAL D 238 -83.37 37.01 -9.36
CA VAL D 238 -84.18 37.76 -8.37
C VAL D 238 -85.21 38.56 -9.13
N PRO D 239 -86.22 39.09 -8.39
CA PRO D 239 -87.30 39.86 -9.02
C PRO D 239 -86.80 41.06 -9.83
N ASN D 240 -87.29 41.15 -11.05
CA ASN D 240 -87.29 42.36 -11.89
C ASN D 240 -88.50 43.23 -11.46
N LEU D 241 -88.25 44.31 -10.74
CA LEU D 241 -89.27 45.23 -10.19
C LEU D 241 -89.40 46.46 -11.12
N SER D 242 -88.76 46.44 -12.30
CA SER D 242 -88.88 47.50 -13.33
C SER D 242 -90.05 47.16 -14.26
N ALA D 243 -90.30 48.04 -15.24
CA ALA D 243 -91.41 47.95 -16.21
C ALA D 243 -90.94 47.25 -17.50
N ALA D 244 -89.69 46.83 -17.59
CA ALA D 244 -89.11 46.28 -18.84
C ALA D 244 -88.45 44.93 -18.59
N PRO D 245 -88.60 43.96 -19.54
CA PRO D 245 -87.87 42.70 -19.45
C PRO D 245 -86.35 42.92 -19.50
N ARG D 246 -85.61 42.15 -18.72
CA ARG D 246 -84.13 42.26 -18.56
C ARG D 246 -83.48 41.09 -19.28
N PRO D 247 -82.99 41.30 -20.52
CA PRO D 247 -82.38 40.24 -21.29
C PRO D 247 -80.90 40.01 -20.94
N LEU D 248 -80.55 38.73 -20.81
CA LEU D 248 -79.17 38.22 -20.60
C LEU D 248 -78.87 37.20 -21.71
N LEU D 249 -77.74 37.34 -22.39
CA LEU D 249 -77.24 36.31 -23.33
C LEU D 249 -76.24 35.43 -22.57
N ALA D 250 -76.33 34.12 -22.71
CA ALA D 250 -75.55 33.15 -21.90
C ALA D 250 -74.79 32.20 -22.82
N MET D 251 -73.50 32.01 -22.53
CA MET D 251 -72.63 30.97 -23.14
C MET D 251 -71.95 30.20 -22.02
N THR D 252 -71.52 28.97 -22.28
CA THR D 252 -70.78 28.14 -21.30
C THR D 252 -69.67 27.39 -22.03
N HIS D 253 -68.44 27.62 -21.59
CA HIS D 253 -67.21 26.93 -22.07
C HIS D 253 -67.00 25.69 -21.21
N TYR D 254 -66.77 24.54 -21.83
CA TYR D 254 -66.51 23.24 -21.14
C TYR D 254 -65.18 22.64 -21.59
N THR D 255 -64.55 21.86 -20.72
CA THR D 255 -63.44 20.95 -21.09
C THR D 255 -63.92 20.10 -22.25
N GLU D 256 -62.98 19.71 -23.10
CA GLU D 256 -63.14 18.84 -24.32
C GLU D 256 -63.93 17.58 -23.95
N TRP D 257 -63.73 17.05 -22.74
CA TRP D 257 -64.22 15.71 -22.34
C TRP D 257 -65.60 15.75 -21.67
N PHE D 258 -66.22 16.92 -21.47
CA PHE D 258 -67.58 16.98 -20.88
C PHE D 258 -68.61 16.86 -22.00
N ASP D 259 -69.45 15.82 -21.95
CA ASP D 259 -70.46 15.53 -23.00
C ASP D 259 -71.55 16.61 -23.03
N MET D 260 -71.71 17.28 -24.17
CA MET D 260 -72.73 18.33 -24.37
C MET D 260 -73.33 18.13 -25.76
N PRO D 261 -74.62 18.43 -25.96
CA PRO D 261 -75.17 18.51 -27.31
C PRO D 261 -74.54 19.71 -28.04
N PRO D 262 -74.40 19.64 -29.37
CA PRO D 262 -73.88 20.77 -30.14
C PRO D 262 -74.91 21.93 -30.26
N ILE D 263 -74.41 23.15 -30.40
CA ILE D 263 -75.18 24.36 -30.82
C ILE D 263 -75.51 24.22 -32.30
N GLN D 264 -76.78 24.34 -32.67
CA GLN D 264 -77.23 24.40 -34.09
C GLN D 264 -76.87 25.79 -34.63
N LEU D 265 -76.04 25.88 -35.66
CA LEU D 265 -75.70 27.16 -36.36
C LEU D 265 -75.91 27.04 -37.85
N PRO D 266 -76.24 28.14 -38.58
CA PRO D 266 -76.35 28.09 -40.03
C PRO D 266 -74.95 27.95 -40.63
N ASP D 267 -74.81 27.25 -41.76
CA ASP D 267 -73.50 27.01 -42.42
C ASP D 267 -72.95 28.29 -43.05
N THR D 268 -73.75 29.37 -43.06
CA THR D 268 -73.31 30.74 -43.46
C THR D 268 -72.24 31.29 -42.48
N VAL D 269 -72.07 30.70 -41.29
CA VAL D 269 -71.02 31.14 -40.31
C VAL D 269 -69.96 30.05 -40.17
N LYS D 270 -70.11 28.93 -40.86
CA LYS D 270 -69.16 27.78 -40.74
C LYS D 270 -67.75 28.26 -41.06
N SER D 271 -67.56 29.13 -42.07
CA SER D 271 -66.23 29.59 -42.53
C SER D 271 -65.42 30.16 -41.35
N TRP D 272 -66.01 31.04 -40.54
CA TRP D 272 -65.27 31.72 -39.44
C TRP D 272 -65.43 31.00 -38.09
N VAL D 273 -66.51 30.25 -37.85
CA VAL D 273 -66.68 29.50 -36.57
C VAL D 273 -65.78 28.26 -36.58
N ASP D 274 -65.85 27.40 -37.60
CA ASP D 274 -65.19 26.06 -37.62
C ASP D 274 -63.67 26.19 -37.74
N GLY D 275 -63.16 27.19 -38.47
CA GLY D 275 -61.69 27.39 -38.58
C GLY D 275 -61.01 27.61 -37.23
N SER D 276 -61.67 28.32 -36.31
CA SER D 276 -61.06 29.09 -35.19
C SER D 276 -60.35 28.17 -34.19
N ASP D 277 -59.29 28.71 -33.56
CA ASP D 277 -58.63 28.11 -32.38
C ASP D 277 -59.41 28.46 -31.10
N ARG D 278 -60.54 29.17 -31.23
CA ARG D 278 -61.58 29.34 -30.18
C ARG D 278 -62.74 28.38 -30.50
N HIS D 279 -62.73 27.21 -29.88
CA HIS D 279 -63.58 26.08 -30.28
C HIS D 279 -65.04 26.33 -29.86
N THR D 280 -65.94 25.87 -30.72
CA THR D 280 -67.40 25.78 -30.50
C THR D 280 -67.80 24.33 -30.79
N HIS D 281 -68.55 23.69 -29.90
CA HIS D 281 -69.23 22.41 -30.20
C HIS D 281 -70.47 22.77 -31.01
N ALA D 282 -70.35 22.74 -32.34
CA ALA D 282 -71.38 23.24 -33.27
C ALA D 282 -71.81 22.16 -34.27
N HIS D 283 -73.09 22.16 -34.64
CA HIS D 283 -73.66 21.41 -35.79
C HIS D 283 -74.15 22.45 -36.81
N PHE D 284 -73.58 22.45 -38.01
CA PHE D 284 -73.90 23.43 -39.07
C PHE D 284 -75.04 22.90 -39.95
N VAL D 285 -76.04 23.74 -40.20
CA VAL D 285 -77.31 23.40 -40.91
C VAL D 285 -77.40 24.24 -42.18
N ALA D 286 -77.90 23.67 -43.28
CA ALA D 286 -78.27 24.41 -44.50
C ALA D 286 -79.52 25.25 -44.18
N GLY D 287 -79.50 26.54 -44.53
CA GLY D 287 -80.64 27.45 -44.30
C GLY D 287 -80.66 27.96 -42.88
N ASP D 288 -81.84 28.34 -42.39
CA ASP D 288 -82.03 29.02 -41.08
C ASP D 288 -82.27 27.96 -40.00
N VAL D 289 -81.77 28.18 -38.79
CA VAL D 289 -82.13 27.39 -37.58
C VAL D 289 -83.34 28.05 -36.92
N ASP D 290 -84.34 27.29 -36.49
CA ASP D 290 -85.39 27.79 -35.56
C ASP D 290 -84.78 27.75 -34.15
N HIS D 291 -84.36 28.92 -33.64
CA HIS D 291 -83.71 29.11 -32.31
C HIS D 291 -84.75 29.05 -31.18
N LEU D 292 -86.02 29.37 -31.43
CA LEU D 292 -87.17 29.21 -30.48
C LEU D 292 -87.96 27.93 -30.83
N HIS E 16 -28.55 15.12 -17.02
CA HIS E 16 -28.48 13.62 -17.01
C HIS E 16 -29.76 13.02 -17.61
N MET E 17 -29.66 11.85 -18.24
CA MET E 17 -30.81 11.02 -18.72
C MET E 17 -31.22 10.03 -17.61
N ALA E 18 -32.47 10.09 -17.17
CA ALA E 18 -33.10 9.22 -16.14
C ALA E 18 -33.95 8.16 -16.85
N LEU E 19 -33.52 6.90 -16.76
CA LEU E 19 -34.10 5.74 -17.51
C LEU E 19 -34.94 4.90 -16.54
N ALA E 20 -35.83 4.06 -17.05
CA ALA E 20 -36.78 3.23 -16.27
C ALA E 20 -36.17 1.86 -15.92
N ALA E 21 -35.10 1.48 -16.61
CA ALA E 21 -34.42 0.18 -16.46
C ALA E 21 -33.02 0.30 -17.06
N PRO E 22 -32.10 -0.66 -16.79
CA PRO E 22 -30.78 -0.62 -17.42
C PRO E 22 -30.95 -0.64 -18.93
N PRO E 23 -30.26 0.24 -19.68
CA PRO E 23 -30.43 0.30 -21.13
C PRO E 23 -29.94 -0.99 -21.79
N GLY E 24 -30.69 -1.47 -22.79
CA GLY E 24 -30.38 -2.69 -23.55
C GLY E 24 -28.97 -2.67 -24.10
N GLU E 25 -28.48 -1.51 -24.57
CA GLU E 25 -27.14 -1.33 -25.17
C GLU E 25 -26.02 -1.71 -24.16
N LEU E 26 -26.26 -1.64 -22.85
CA LEU E 26 -25.23 -1.84 -21.78
C LEU E 26 -25.46 -3.16 -21.04
N THR E 27 -26.51 -3.90 -21.33
CA THR E 27 -27.06 -4.91 -20.38
C THR E 27 -27.04 -6.31 -20.98
N LEU E 28 -26.69 -7.30 -20.16
CA LEU E 28 -26.79 -8.73 -20.48
C LEU E 28 -27.61 -9.36 -19.36
N ALA E 29 -28.68 -10.10 -19.69
CA ALA E 29 -29.53 -10.79 -18.70
C ALA E 29 -28.99 -12.21 -18.52
N LEU E 30 -28.67 -12.57 -17.28
CA LEU E 30 -28.21 -13.92 -16.87
C LEU E 30 -29.13 -14.46 -15.77
N THR E 31 -28.94 -15.73 -15.42
CA THR E 31 -29.47 -16.38 -14.19
C THR E 31 -28.26 -16.77 -13.34
N PRO E 32 -28.44 -17.08 -12.05
CA PRO E 32 -27.33 -17.58 -11.23
C PRO E 32 -26.79 -18.96 -11.63
N ASP E 33 -27.48 -19.68 -12.52
CA ASP E 33 -27.01 -20.99 -13.06
C ASP E 33 -26.00 -20.77 -14.18
N ASP E 34 -25.96 -19.59 -14.81
CA ASP E 34 -25.01 -19.29 -15.93
C ASP E 34 -23.62 -19.23 -15.31
N LYS E 35 -22.78 -20.24 -15.57
CA LYS E 35 -21.42 -20.37 -15.01
C LYS E 35 -20.44 -19.77 -16.01
N THR E 36 -20.87 -19.53 -17.25
CA THR E 36 -20.01 -19.20 -18.41
C THR E 36 -20.84 -18.44 -19.44
N LEU E 37 -20.28 -17.45 -20.11
CA LEU E 37 -20.90 -16.83 -21.32
C LEU E 37 -20.48 -17.65 -22.55
N ASP E 38 -21.45 -17.98 -23.39
CA ASP E 38 -21.23 -18.54 -24.75
C ASP E 38 -20.42 -17.52 -25.53
N PRO E 39 -19.65 -17.93 -26.56
CA PRO E 39 -18.78 -17.01 -27.30
C PRO E 39 -19.45 -15.69 -27.76
N ALA E 40 -20.69 -15.74 -28.24
CA ALA E 40 -21.45 -14.59 -28.77
C ALA E 40 -21.74 -13.60 -27.64
N SER E 41 -22.20 -14.07 -26.48
CA SER E 41 -22.47 -13.25 -25.27
C SER E 41 -21.18 -12.59 -24.80
N LEU E 42 -20.08 -13.35 -24.72
CA LEU E 42 -18.75 -12.82 -24.30
C LEU E 42 -18.33 -11.71 -25.27
N ASP E 43 -18.46 -11.92 -26.59
CA ASP E 43 -18.09 -10.90 -27.60
C ASP E 43 -18.91 -9.62 -27.37
N ARG E 44 -20.22 -9.77 -27.09
CA ARG E 44 -21.09 -8.57 -26.90
C ARG E 44 -20.66 -7.83 -25.62
N ALA E 45 -20.37 -8.57 -24.54
CA ALA E 45 -19.90 -8.04 -23.25
C ALA E 45 -18.65 -7.18 -23.46
N LEU E 46 -17.65 -7.70 -24.18
CA LEU E 46 -16.36 -7.01 -24.45
C LEU E 46 -16.60 -5.82 -25.37
N ALA E 47 -17.51 -5.95 -26.35
CA ALA E 47 -17.84 -4.83 -27.27
C ALA E 47 -18.45 -3.69 -26.46
N ILE E 48 -19.33 -4.01 -25.49
CA ILE E 48 -19.98 -3.00 -24.59
C ILE E 48 -18.91 -2.31 -23.73
N LEU E 49 -18.04 -3.07 -23.03
CA LEU E 49 -16.92 -2.51 -22.22
C LEU E 49 -16.00 -1.64 -23.06
N ALA E 50 -15.64 -2.06 -24.27
CA ALA E 50 -14.72 -1.29 -25.14
C ALA E 50 -15.39 0.04 -25.53
N GLU E 51 -16.65 0.03 -25.96
CA GLU E 51 -17.32 1.23 -26.52
C GLU E 51 -17.83 2.15 -25.39
N HIS E 52 -18.52 1.58 -24.40
CA HIS E 52 -19.31 2.33 -23.39
C HIS E 52 -18.58 2.39 -22.04
N GLY E 53 -17.73 1.41 -21.74
CA GLY E 53 -16.92 1.40 -20.51
C GLY E 53 -17.73 0.92 -19.30
N ILE E 54 -18.96 0.48 -19.51
CA ILE E 54 -19.84 -0.04 -18.42
C ILE E 54 -20.77 -1.12 -18.98
N LEU E 55 -20.91 -2.18 -18.20
CA LEU E 55 -21.67 -3.40 -18.56
C LEU E 55 -22.50 -3.76 -17.32
N VAL E 56 -23.81 -3.86 -17.50
CA VAL E 56 -24.75 -4.29 -16.42
C VAL E 56 -25.16 -5.73 -16.68
N LEU E 57 -24.87 -6.61 -15.72
CA LEU E 57 -25.21 -8.06 -15.77
C LEU E 57 -26.30 -8.34 -14.74
N THR E 58 -27.55 -8.50 -15.17
CA THR E 58 -28.70 -8.79 -14.27
C THR E 58 -28.77 -10.31 -14.00
N GLY E 59 -29.27 -10.66 -12.81
CA GLY E 59 -29.65 -12.03 -12.40
C GLY E 59 -28.43 -12.89 -12.12
N MET E 60 -27.31 -12.31 -11.69
CA MET E 60 -26.06 -13.08 -11.48
C MET E 60 -26.02 -13.74 -10.11
N LEU E 61 -26.46 -13.06 -9.04
CA LEU E 61 -26.21 -13.52 -7.65
C LEU E 61 -27.52 -13.94 -6.99
N ARG E 62 -27.49 -15.07 -6.27
CA ARG E 62 -28.65 -15.58 -5.48
C ARG E 62 -28.95 -14.59 -4.35
N THR E 63 -30.24 -14.44 -4.01
CA THR E 63 -30.68 -13.46 -3.00
C THR E 63 -30.18 -13.93 -1.62
N ARG E 64 -30.00 -15.24 -1.44
CA ARG E 64 -29.37 -15.87 -0.25
C ARG E 64 -28.06 -15.11 0.09
N LEU E 65 -27.24 -14.76 -0.91
CA LEU E 65 -25.89 -14.17 -0.70
C LEU E 65 -26.02 -12.67 -0.50
N THR E 66 -26.79 -11.99 -1.36
CA THR E 66 -26.98 -10.51 -1.28
C THR E 66 -27.71 -10.16 0.02
N ASP E 67 -28.64 -10.99 0.49
CA ASP E 67 -29.37 -10.75 1.77
C ASP E 67 -28.37 -10.76 2.92
N GLN E 68 -27.45 -11.70 2.97
CA GLN E 68 -26.52 -11.85 4.13
C GLN E 68 -25.54 -10.66 4.14
N LEU E 69 -25.04 -10.25 2.98
CA LEU E 69 -24.09 -9.11 2.86
C LEU E 69 -24.82 -7.81 3.21
N ARG E 70 -26.06 -7.65 2.75
CA ARG E 70 -26.90 -6.47 3.08
C ARG E 70 -27.08 -6.38 4.60
N THR E 71 -27.53 -7.47 5.21
CA THR E 71 -27.77 -7.57 6.67
C THR E 71 -26.49 -7.20 7.40
N ALA E 72 -25.35 -7.82 7.03
CA ALA E 72 -24.06 -7.66 7.74
C ALA E 72 -23.62 -6.20 7.70
N MET E 73 -23.79 -5.52 6.56
CA MET E 73 -23.37 -4.11 6.37
C MET E 73 -24.31 -3.17 7.14
N LEU E 74 -25.64 -3.39 7.09
CA LEU E 74 -26.59 -2.56 7.86
C LEU E 74 -26.33 -2.77 9.37
N ASP E 75 -26.04 -3.99 9.79
CA ASP E 75 -25.70 -4.28 11.21
C ASP E 75 -24.41 -3.56 11.63
N ASP E 76 -23.42 -3.43 10.74
CA ASP E 76 -22.10 -2.81 11.06
C ASP E 76 -22.20 -1.27 11.10
N LEU E 77 -23.19 -0.69 10.42
CA LEU E 77 -23.20 0.77 10.11
C LEU E 77 -23.21 1.58 11.40
N PRO E 78 -23.94 1.21 12.48
CA PRO E 78 -23.83 1.94 13.75
C PRO E 78 -22.39 2.10 14.25
N GLU E 79 -21.59 1.03 14.21
CA GLU E 79 -20.17 1.07 14.66
C GLU E 79 -19.39 2.01 13.72
N VAL E 80 -19.73 2.05 12.44
CA VAL E 80 -19.07 2.98 11.47
C VAL E 80 -19.41 4.43 11.82
N LEU E 81 -20.67 4.75 12.13
CA LEU E 81 -21.17 6.14 12.35
C LEU E 81 -20.69 6.68 13.70
N ARG E 82 -20.35 5.79 14.62
CA ARG E 82 -19.91 6.09 16.01
C ARG E 82 -18.43 6.54 16.03
N GLN E 83 -17.62 6.28 14.99
CA GLN E 83 -16.18 6.63 14.92
C GLN E 83 -16.01 8.15 15.01
N GLN E 84 -14.83 8.59 15.45
CA GLN E 84 -14.44 10.02 15.59
C GLN E 84 -14.43 10.68 14.20
N ASP E 85 -13.80 10.03 13.22
CA ASP E 85 -13.84 10.46 11.80
C ASP E 85 -14.49 9.36 10.97
N VAL E 86 -15.67 9.65 10.40
CA VAL E 86 -16.42 8.70 9.52
C VAL E 86 -15.85 8.84 8.12
N PRO E 87 -15.23 7.78 7.56
CA PRO E 87 -14.50 7.90 6.30
C PRO E 87 -15.51 8.14 5.18
N THR E 88 -15.33 9.23 4.46
CA THR E 88 -16.35 9.83 3.57
C THR E 88 -15.71 10.13 2.20
N ASN E 89 -16.40 9.81 1.11
CA ASN E 89 -15.94 10.04 -0.28
C ASN E 89 -16.50 11.38 -0.82
N PHE E 90 -15.66 12.41 -0.79
CA PHE E 90 -15.81 13.76 -1.38
C PHE E 90 -16.79 14.63 -0.58
N VAL E 91 -17.99 14.14 -0.28
CA VAL E 91 -19.09 14.97 0.31
C VAL E 91 -19.87 14.13 1.32
N PRO E 92 -20.58 14.76 2.27
CA PRO E 92 -21.34 14.05 3.29
C PRO E 92 -22.35 13.02 2.75
N GLY E 93 -22.48 11.90 3.45
CA GLY E 93 -23.47 10.86 3.18
C GLY E 93 -22.89 9.68 2.40
N HIS E 94 -21.70 9.84 1.79
CA HIS E 94 -21.03 8.77 0.98
C HIS E 94 -19.94 8.15 1.83
N VAL E 95 -20.29 7.11 2.57
CA VAL E 95 -19.40 6.51 3.59
C VAL E 95 -18.66 5.33 2.95
N GLN E 96 -17.37 5.21 3.24
CA GLN E 96 -16.57 4.03 2.85
C GLN E 96 -16.77 3.00 3.97
N GLN E 97 -17.23 1.81 3.62
CA GLN E 97 -17.50 0.73 4.59
C GLN E 97 -17.13 -0.59 3.93
N ASP E 98 -16.18 -1.29 4.52
CA ASP E 98 -15.78 -2.66 4.07
C ASP E 98 -16.86 -3.64 4.53
N PRO E 99 -17.28 -4.60 3.68
CA PRO E 99 -18.02 -5.74 4.16
C PRO E 99 -17.11 -6.57 5.08
N PRO E 100 -17.69 -7.39 5.98
CA PRO E 100 -16.89 -8.24 6.86
C PRO E 100 -16.09 -9.25 6.06
N VAL E 101 -14.90 -9.59 6.56
CA VAL E 101 -14.03 -10.67 6.01
C VAL E 101 -13.96 -11.80 7.05
N ARG E 102 -15.09 -12.13 7.68
CA ARG E 102 -15.30 -13.39 8.43
C ARG E 102 -15.53 -14.49 7.39
N GLU E 103 -15.09 -15.72 7.67
CA GLU E 103 -15.21 -16.86 6.73
C GLU E 103 -16.69 -17.05 6.38
N SER E 104 -17.61 -16.83 7.32
CA SER E 104 -19.07 -17.10 7.15
C SER E 104 -19.70 -16.13 6.12
N LEU E 105 -19.02 -15.03 5.76
CA LEU E 105 -19.54 -13.99 4.83
C LEU E 105 -18.63 -13.80 3.60
N LEU E 106 -17.68 -14.71 3.39
CA LEU E 106 -16.82 -14.71 2.17
C LEU E 106 -17.29 -15.81 1.22
N PHE E 107 -17.94 -15.43 0.14
CA PHE E 107 -18.65 -16.35 -0.79
C PHE E 107 -17.89 -16.42 -2.11
N PRO E 108 -17.49 -17.63 -2.55
CA PRO E 108 -16.87 -17.80 -3.86
C PRO E 108 -17.61 -17.13 -5.01
N ASP E 109 -18.94 -17.17 -5.00
CA ASP E 109 -19.77 -16.62 -6.12
C ASP E 109 -19.71 -15.06 -6.12
N VAL E 110 -19.19 -14.44 -5.05
CA VAL E 110 -18.95 -12.97 -4.98
C VAL E 110 -17.46 -12.69 -5.23
N LEU E 111 -16.54 -13.29 -4.47
CA LEU E 111 -15.08 -12.98 -4.64
C LEU E 111 -14.55 -13.52 -5.95
N LEU E 112 -14.97 -14.72 -6.34
CA LEU E 112 -14.38 -15.53 -7.44
C LEU E 112 -15.47 -15.92 -8.43
N ASN E 113 -16.30 -14.95 -8.82
CA ASN E 113 -17.43 -15.20 -9.72
C ASN E 113 -16.91 -15.62 -11.10
N PRO E 114 -17.37 -16.78 -11.63
CA PRO E 114 -16.84 -17.30 -12.89
C PRO E 114 -17.13 -16.41 -14.10
N VAL E 115 -18.30 -15.76 -14.14
CA VAL E 115 -18.66 -14.88 -15.30
C VAL E 115 -17.81 -13.61 -15.22
N VAL E 116 -17.68 -13.02 -14.02
CA VAL E 116 -16.89 -11.79 -13.83
C VAL E 116 -15.46 -12.08 -14.32
N TYR E 117 -14.84 -13.14 -13.84
CA TYR E 117 -13.44 -13.50 -14.17
C TYR E 117 -13.30 -13.94 -15.64
N GLN E 118 -14.32 -14.52 -16.24
CA GLN E 118 -14.30 -14.78 -17.71
C GLN E 118 -14.10 -13.45 -18.44
N ILE E 119 -14.86 -12.42 -18.06
CA ILE E 119 -14.79 -11.07 -18.68
C ILE E 119 -13.43 -10.42 -18.36
N THR E 120 -13.00 -10.44 -17.10
CA THR E 120 -11.78 -9.69 -16.68
C THR E 120 -10.54 -10.43 -17.22
N HIS E 121 -10.57 -11.76 -17.33
CA HIS E 121 -9.50 -12.56 -18.00
C HIS E 121 -9.37 -12.10 -19.46
N ALA E 122 -10.47 -11.95 -20.18
CA ALA E 122 -10.49 -11.57 -21.61
C ALA E 122 -10.00 -10.15 -21.81
N VAL E 123 -10.28 -9.21 -20.89
CA VAL E 123 -9.87 -7.78 -21.05
C VAL E 123 -8.46 -7.55 -20.48
N LEU E 124 -8.15 -8.10 -19.31
CA LEU E 124 -6.94 -7.74 -18.50
C LEU E 124 -5.87 -8.84 -18.53
N GLY E 125 -6.22 -10.05 -18.97
CA GLY E 125 -5.30 -11.20 -19.00
C GLY E 125 -5.61 -12.19 -17.88
N ALA E 126 -5.05 -13.39 -18.01
CA ALA E 126 -5.29 -14.56 -17.12
C ALA E 126 -4.65 -14.30 -15.75
N ASP E 127 -3.72 -13.34 -15.70
CA ASP E 127 -2.97 -12.93 -14.48
C ASP E 127 -3.69 -11.79 -13.74
N ALA E 128 -4.78 -11.26 -14.28
CA ALA E 128 -5.54 -10.17 -13.63
C ALA E 128 -6.00 -10.64 -12.25
N ARG E 129 -6.13 -9.71 -11.30
CA ARG E 129 -6.34 -10.08 -9.88
C ARG E 129 -7.24 -9.04 -9.20
N ASN E 130 -8.11 -9.53 -8.33
CA ASN E 130 -8.90 -8.66 -7.45
C ASN E 130 -7.98 -8.12 -6.35
N ALA E 131 -7.98 -6.80 -6.10
CA ALA E 131 -7.17 -6.14 -5.05
C ALA E 131 -8.02 -5.21 -4.19
N VAL E 132 -9.34 -5.30 -4.30
CA VAL E 132 -10.28 -4.45 -3.52
C VAL E 132 -11.45 -5.32 -3.08
N TYR E 133 -11.75 -5.30 -1.78
CA TYR E 133 -12.97 -5.88 -1.20
C TYR E 133 -13.52 -4.86 -0.21
N SER E 134 -14.25 -3.87 -0.72
CA SER E 134 -14.71 -2.70 0.05
C SER E 134 -16.19 -2.42 -0.25
N GLY E 135 -16.64 -1.21 0.07
CA GLY E 135 -18.04 -0.85 -0.09
C GLY E 135 -18.26 0.63 0.10
N ASN E 136 -19.40 1.08 -0.40
CA ASN E 136 -19.90 2.48 -0.43
C ASN E 136 -21.32 2.43 0.14
N MET E 137 -21.50 2.98 1.34
CA MET E 137 -22.78 3.11 2.02
C MET E 137 -23.28 4.55 1.79
N ASN E 138 -24.35 4.68 0.99
CA ASN E 138 -24.94 5.98 0.59
C ASN E 138 -26.10 6.28 1.55
N LEU E 139 -25.93 7.22 2.47
CA LEU E 139 -26.88 7.49 3.59
C LEU E 139 -28.04 8.35 3.11
N PRO E 140 -29.24 8.19 3.69
CA PRO E 140 -30.32 9.15 3.45
C PRO E 140 -29.81 10.57 3.70
N GLY E 141 -30.09 11.48 2.77
CA GLY E 141 -29.76 12.92 2.87
C GLY E 141 -28.36 13.23 2.35
N SER E 142 -27.75 12.30 1.63
CA SER E 142 -26.37 12.45 1.11
C SER E 142 -26.30 13.57 0.07
N HIS E 143 -25.12 14.15 -0.12
CA HIS E 143 -24.87 15.25 -1.10
C HIS E 143 -24.45 14.67 -2.46
N GLU E 144 -24.27 15.53 -3.45
CA GLU E 144 -23.86 15.14 -4.83
C GLU E 144 -22.34 15.07 -4.86
N GLN E 145 -21.75 13.93 -5.22
CA GLN E 145 -20.27 13.82 -5.39
C GLN E 145 -19.88 14.56 -6.67
N PRO E 146 -18.65 15.10 -6.78
CA PRO E 146 -18.17 15.59 -8.06
C PRO E 146 -17.93 14.38 -8.98
N VAL E 147 -18.12 14.60 -10.28
CA VAL E 147 -17.79 13.57 -11.30
C VAL E 147 -16.27 13.32 -11.22
N HIS E 148 -15.90 12.05 -11.12
CA HIS E 148 -14.51 11.61 -10.93
C HIS E 148 -14.31 10.27 -11.63
N LEU E 149 -13.04 9.87 -11.76
CA LEU E 149 -12.70 8.45 -12.02
C LEU E 149 -12.08 7.88 -10.74
N ASP E 150 -12.29 6.58 -10.51
CA ASP E 150 -11.76 5.83 -9.35
C ASP E 150 -10.29 5.49 -9.55
N GLU E 151 -9.84 5.26 -10.78
CA GLU E 151 -8.42 4.96 -11.09
C GLU E 151 -8.04 5.78 -12.31
N PRO E 152 -6.89 6.47 -12.31
CA PRO E 152 -6.54 7.37 -13.40
C PRO E 152 -5.97 6.63 -14.61
N HIS E 153 -5.91 7.34 -15.74
CA HIS E 153 -5.06 7.04 -16.90
C HIS E 153 -3.61 7.07 -16.43
N LEU E 154 -2.75 6.24 -17.04
CA LEU E 154 -1.39 5.99 -16.52
C LEU E 154 -0.42 7.06 -17.01
N TRP E 155 -0.72 7.73 -18.12
CA TRP E 155 0.05 8.91 -18.59
C TRP E 155 -0.94 9.96 -19.05
N PRO E 156 -0.65 11.25 -18.84
CA PRO E 156 -1.52 12.31 -19.38
C PRO E 156 -1.40 12.37 -20.91
N GLY E 157 -2.52 12.61 -21.59
CA GLY E 157 -2.55 12.93 -23.04
C GLY E 157 -2.44 11.70 -23.91
N ILE E 158 -2.61 10.50 -23.35
CA ILE E 158 -2.32 9.21 -24.06
C ILE E 158 -3.57 8.34 -24.05
N SER E 159 -3.89 7.73 -25.19
CA SER E 159 -4.89 6.67 -25.35
C SER E 159 -4.23 5.33 -25.04
N HIS E 160 -4.75 4.59 -24.07
CA HIS E 160 -4.27 3.24 -23.73
C HIS E 160 -5.46 2.39 -23.30
N PRO E 161 -5.35 1.04 -23.43
CA PRO E 161 -6.43 0.15 -23.04
C PRO E 161 -6.63 0.12 -21.52
N PRO E 162 -7.70 -0.56 -21.06
CA PRO E 162 -7.96 -0.70 -19.62
C PRO E 162 -6.81 -1.43 -18.91
N TYR E 163 -6.57 -1.13 -17.62
CA TYR E 163 -5.72 -1.91 -16.71
C TYR E 163 -6.49 -2.28 -15.43
N CYS E 164 -7.73 -1.84 -15.30
CA CYS E 164 -8.59 -2.19 -14.14
C CYS E 164 -10.07 -2.12 -14.49
N LEU E 165 -10.83 -3.01 -13.88
CA LEU E 165 -12.28 -3.14 -14.07
C LEU E 165 -12.90 -3.16 -12.68
N CYS E 166 -13.67 -2.13 -12.36
CA CYS E 166 -14.45 -2.07 -11.10
C CYS E 166 -15.60 -3.08 -11.23
N VAL E 167 -15.85 -3.82 -10.16
CA VAL E 167 -16.96 -4.81 -10.10
C VAL E 167 -17.85 -4.38 -8.93
N ASP E 168 -18.98 -3.76 -9.24
CA ASP E 168 -19.91 -3.11 -8.28
C ASP E 168 -21.13 -4.03 -8.08
N VAL E 169 -21.42 -4.38 -6.84
CA VAL E 169 -22.50 -5.34 -6.46
C VAL E 169 -23.48 -4.60 -5.56
N PRO E 170 -24.61 -4.11 -6.10
CA PRO E 170 -25.65 -3.53 -5.28
C PRO E 170 -26.22 -4.58 -4.31
N LEU E 171 -26.46 -4.17 -3.06
CA LEU E 171 -26.95 -5.09 -2.00
C LEU E 171 -28.43 -4.80 -1.69
N ILE E 172 -29.05 -3.83 -2.36
CA ILE E 172 -30.53 -3.66 -2.46
C ILE E 172 -30.83 -3.23 -3.89
N ASP E 173 -32.11 -3.21 -4.26
CA ASP E 173 -32.53 -2.60 -5.55
C ASP E 173 -32.05 -1.13 -5.53
N PHE E 174 -31.37 -0.70 -6.59
CA PHE E 174 -30.94 0.71 -6.79
C PHE E 174 -32.03 1.39 -7.60
N THR E 175 -32.43 2.59 -7.18
CA THR E 175 -33.44 3.42 -7.88
C THR E 175 -32.87 4.81 -8.12
N LEU E 176 -33.54 5.59 -8.96
CA LEU E 176 -33.29 7.05 -9.14
C LEU E 176 -33.44 7.75 -7.79
N GLU E 177 -34.29 7.25 -6.90
CA GLU E 177 -34.55 7.91 -5.60
C GLU E 177 -33.46 7.59 -4.58
N ASN E 178 -32.90 6.38 -4.55
CA ASN E 178 -32.07 5.91 -3.39
C ASN E 178 -30.57 5.95 -3.77
N GLY E 179 -30.20 6.60 -4.86
CA GLY E 179 -28.79 6.93 -5.15
C GLY E 179 -28.12 5.97 -6.11
N SER E 180 -28.83 5.47 -7.11
CA SER E 180 -28.20 4.69 -8.21
C SER E 180 -27.14 5.58 -8.84
N THR E 181 -25.93 5.05 -9.00
CA THR E 181 -24.75 5.80 -9.44
C THR E 181 -25.01 6.41 -10.82
N GLU E 182 -24.56 7.65 -11.02
CA GLU E 182 -24.53 8.26 -12.36
C GLU E 182 -23.24 7.81 -13.09
N TYR E 183 -23.39 7.38 -14.35
CA TYR E 183 -22.30 6.88 -15.22
C TYR E 183 -22.27 7.72 -16.49
N TRP E 184 -21.06 7.97 -17.01
CA TRP E 184 -20.81 8.75 -18.26
C TRP E 184 -20.33 7.78 -19.34
N PRO E 185 -21.23 7.19 -20.15
CA PRO E 185 -20.84 6.17 -21.11
C PRO E 185 -19.80 6.74 -22.07
N GLY E 186 -18.77 5.93 -22.38
CA GLY E 186 -17.72 6.25 -23.37
C GLY E 186 -16.65 7.17 -22.79
N SER E 187 -16.75 7.55 -21.50
CA SER E 187 -15.83 8.54 -20.87
C SER E 187 -14.48 7.89 -20.53
N HIS E 188 -14.42 6.56 -20.52
CA HIS E 188 -13.23 5.79 -20.10
C HIS E 188 -12.04 6.04 -21.04
N VAL E 189 -12.26 6.50 -22.27
CA VAL E 189 -11.17 6.68 -23.28
C VAL E 189 -10.77 8.17 -23.36
N LEU E 190 -11.39 9.08 -22.62
CA LEU E 190 -11.05 10.52 -22.67
C LEU E 190 -9.83 10.79 -21.78
N ASN E 191 -8.75 11.32 -22.34
CA ASN E 191 -7.53 11.61 -21.54
C ASN E 191 -6.77 12.75 -22.19
N PRO E 192 -7.40 13.91 -22.44
CA PRO E 192 -6.66 15.08 -22.90
C PRO E 192 -5.79 15.61 -21.74
N ASP E 193 -4.75 16.39 -22.05
CA ASP E 193 -3.89 17.06 -21.04
C ASP E 193 -4.79 17.92 -20.12
N GLU E 194 -4.46 17.98 -18.82
CA GLU E 194 -5.10 18.90 -17.85
C GLU E 194 -6.60 18.58 -17.74
N CYS E 195 -6.96 17.30 -17.62
CA CYS E 195 -8.37 16.85 -17.57
C CYS E 195 -8.76 16.47 -16.13
N TYR E 196 -7.80 16.05 -15.31
CA TYR E 196 -8.01 15.38 -14.00
C TYR E 196 -7.17 16.04 -12.91
N ASP E 197 -7.75 16.36 -11.75
CA ASP E 197 -7.00 16.87 -10.58
C ASP E 197 -6.48 15.67 -9.77
N GLU E 198 -5.77 15.94 -8.67
CA GLU E 198 -5.08 14.94 -7.83
C GLU E 198 -6.07 13.99 -7.15
N ARG E 199 -7.37 14.32 -7.10
CA ARG E 199 -8.40 13.46 -6.46
C ARG E 199 -9.14 12.62 -7.51
N GLY E 200 -8.76 12.71 -8.80
CA GLY E 200 -9.44 12.04 -9.91
C GLY E 200 -10.70 12.75 -10.36
N CYS E 201 -10.92 14.01 -9.94
CA CYS E 201 -12.10 14.81 -10.36
C CYS E 201 -11.87 15.33 -11.77
N VAL E 202 -12.93 15.33 -12.57
CA VAL E 202 -12.88 15.84 -13.97
C VAL E 202 -12.92 17.38 -13.95
N LEU E 203 -11.98 18.02 -14.64
CA LEU E 203 -11.91 19.49 -14.71
C LEU E 203 -13.19 19.99 -15.39
N PRO E 204 -13.80 21.06 -14.82
CA PRO E 204 -15.18 21.46 -15.15
C PRO E 204 -15.44 21.71 -16.63
N ALA E 205 -14.51 22.36 -17.31
CA ALA E 205 -14.62 22.71 -18.74
C ALA E 205 -14.78 21.42 -19.54
N GLU E 206 -13.99 20.38 -19.23
CA GLU E 206 -14.06 19.07 -19.94
C GLU E 206 -15.38 18.37 -19.58
N LEU E 207 -15.86 18.50 -18.33
CA LEU E 207 -17.13 17.88 -17.91
C LEU E 207 -18.27 18.38 -18.81
N GLU E 208 -18.39 19.71 -18.94
CA GLU E 208 -19.53 20.34 -19.68
C GLU E 208 -19.38 20.08 -21.18
N ARG E 209 -18.18 20.16 -21.76
CA ARG E 209 -17.94 19.82 -23.19
C ARG E 209 -18.47 18.42 -23.48
N ARG E 210 -18.16 17.44 -22.63
CA ARG E 210 -18.57 16.03 -22.82
C ARG E 210 -20.09 15.92 -22.66
N ARG E 211 -20.69 16.62 -21.67
CA ARG E 211 -22.14 16.56 -21.39
C ARG E 211 -22.95 16.85 -22.67
N ALA E 212 -22.49 17.79 -23.49
CA ALA E 212 -23.18 18.26 -24.71
C ALA E 212 -23.12 17.20 -25.83
N VAL E 213 -22.12 16.33 -25.83
CA VAL E 213 -21.85 15.30 -26.87
C VAL E 213 -22.46 13.96 -26.45
N ALA E 214 -22.38 13.60 -25.16
CA ALA E 214 -22.78 12.28 -24.63
C ALA E 214 -23.15 12.44 -23.15
N PRO E 215 -24.37 12.89 -22.84
CA PRO E 215 -24.76 13.15 -21.46
C PRO E 215 -24.74 11.89 -20.61
N PRO E 216 -24.59 12.02 -19.28
CA PRO E 216 -24.60 10.85 -18.40
C PRO E 216 -25.98 10.21 -18.28
N VAL E 217 -26.02 9.03 -17.66
CA VAL E 217 -27.24 8.21 -17.48
C VAL E 217 -27.30 7.75 -16.03
N ARG E 218 -28.52 7.68 -15.50
CA ARG E 218 -28.85 7.01 -14.22
C ARG E 218 -30.03 6.08 -14.49
N PHE E 219 -29.98 4.88 -13.95
CA PHE E 219 -31.01 3.85 -14.16
C PHE E 219 -31.10 2.98 -12.92
N PRO E 220 -32.30 2.41 -12.67
CA PRO E 220 -32.46 1.40 -11.63
C PRO E 220 -31.62 0.17 -11.97
N ILE E 221 -31.13 -0.50 -10.94
CA ILE E 221 -30.36 -1.75 -11.06
C ILE E 221 -30.93 -2.69 -10.01
N PRO E 222 -31.54 -3.81 -10.42
CA PRO E 222 -32.08 -4.76 -9.44
C PRO E 222 -30.94 -5.47 -8.71
N VAL E 223 -31.11 -5.69 -7.41
CA VAL E 223 -30.22 -6.55 -6.59
C VAL E 223 -30.12 -7.92 -7.27
N GLY E 224 -28.96 -8.58 -7.14
CA GLY E 224 -28.58 -9.74 -7.95
C GLY E 224 -27.71 -9.33 -9.13
N SER E 225 -27.71 -8.05 -9.51
CA SER E 225 -26.95 -7.54 -10.68
C SER E 225 -25.50 -7.35 -10.26
N VAL E 226 -24.61 -7.34 -11.25
CA VAL E 226 -23.19 -6.94 -11.12
C VAL E 226 -22.91 -5.94 -12.22
N VAL E 227 -22.29 -4.82 -11.86
CA VAL E 227 -21.87 -3.77 -12.83
C VAL E 227 -20.36 -3.91 -13.01
N ILE E 228 -19.91 -4.12 -14.24
CA ILE E 228 -18.47 -4.17 -14.56
C ILE E 228 -18.18 -2.92 -15.40
N ARG E 229 -17.21 -2.13 -14.97
CA ARG E 229 -16.89 -0.87 -15.67
C ARG E 229 -15.39 -0.63 -15.63
N ASP E 230 -14.93 0.03 -16.67
CA ASP E 230 -13.55 0.54 -16.74
C ASP E 230 -13.33 1.38 -15.48
N GLY E 231 -12.22 1.18 -14.77
CA GLY E 231 -11.90 1.97 -13.58
C GLY E 231 -11.69 3.43 -13.90
N ARG E 232 -11.57 3.79 -15.17
CA ARG E 232 -11.36 5.20 -15.60
C ARG E 232 -12.67 5.85 -15.98
N LEU E 233 -13.79 5.12 -15.95
CA LEU E 233 -15.10 5.67 -16.36
C LEU E 233 -15.48 6.85 -15.44
N TRP E 234 -15.91 7.98 -16.01
CA TRP E 234 -16.47 9.10 -15.21
C TRP E 234 -17.80 8.65 -14.59
N HIS E 235 -17.98 8.97 -13.31
CA HIS E 235 -19.23 8.62 -12.57
C HIS E 235 -19.31 9.50 -11.32
N ARG E 236 -20.46 9.51 -10.65
CA ARG E 236 -20.57 10.16 -9.31
C ARG E 236 -21.66 9.50 -8.51
N GLY E 237 -21.42 9.38 -7.22
CA GLY E 237 -22.49 9.17 -6.21
C GLY E 237 -23.44 10.35 -6.19
N VAL E 238 -24.72 10.07 -6.02
CA VAL E 238 -25.77 11.13 -5.99
C VAL E 238 -26.59 10.94 -4.73
N PRO E 239 -27.42 11.95 -4.38
CA PRO E 239 -28.23 11.91 -3.17
C PRO E 239 -29.15 10.68 -3.09
N ASN E 240 -29.08 9.99 -1.96
CA ASN E 240 -30.08 9.00 -1.50
C ASN E 240 -31.21 9.79 -0.84
N LEU E 241 -32.35 9.89 -1.52
CA LEU E 241 -33.54 10.65 -1.07
C LEU E 241 -34.53 9.69 -0.40
N SER E 242 -34.17 8.41 -0.18
CA SER E 242 -35.01 7.41 0.51
C SER E 242 -34.71 7.44 2.01
N ALA E 243 -35.41 6.60 2.76
CA ALA E 243 -35.35 6.44 4.23
C ALA E 243 -34.35 5.35 4.63
N ALA E 244 -33.70 4.71 3.67
CA ALA E 244 -32.83 3.54 3.94
C ALA E 244 -31.43 3.74 3.35
N PRO E 245 -30.40 3.36 4.10
CA PRO E 245 -29.02 3.39 3.57
C PRO E 245 -28.91 2.43 2.38
N ARG E 246 -28.15 2.81 1.34
CA ARG E 246 -28.02 2.06 0.07
C ARG E 246 -26.63 1.46 0.02
N PRO E 247 -26.46 0.18 0.42
CA PRO E 247 -25.16 -0.47 0.45
C PRO E 247 -24.75 -1.02 -0.92
N LEU E 248 -23.49 -0.78 -1.26
CA LEU E 248 -22.82 -1.25 -2.49
C LEU E 248 -21.55 -1.98 -2.04
N LEU E 249 -21.34 -3.21 -2.52
CA LEU E 249 -20.08 -3.94 -2.29
C LEU E 249 -19.21 -3.72 -3.53
N ALA E 250 -17.94 -3.40 -3.34
CA ALA E 250 -17.05 -2.95 -4.44
C ALA E 250 -15.80 -3.82 -4.49
N MET E 251 -15.45 -4.27 -5.70
CA MET E 251 -14.20 -4.99 -5.98
C MET E 251 -13.58 -4.36 -7.22
N THR E 252 -12.27 -4.50 -7.38
CA THR E 252 -11.56 -3.96 -8.57
C THR E 252 -10.50 -4.97 -9.00
N HIS E 253 -10.63 -5.44 -10.24
CA HIS E 253 -9.66 -6.34 -10.91
C HIS E 253 -8.62 -5.46 -11.60
N TYR E 254 -7.35 -5.77 -11.41
CA TYR E 254 -6.21 -5.04 -12.02
C TYR E 254 -5.31 -6.03 -12.78
N THR E 255 -4.64 -5.54 -13.82
CA THR E 255 -3.49 -6.26 -14.44
C THR E 255 -2.53 -6.64 -13.33
N GLU E 256 -1.83 -7.75 -13.51
CA GLU E 256 -0.76 -8.34 -12.65
C GLU E 256 0.23 -7.25 -12.26
N TRP E 257 0.55 -6.33 -13.17
CA TRP E 257 1.70 -5.39 -13.02
C TRP E 257 1.30 -4.07 -12.34
N PHE E 258 0.02 -3.84 -12.01
CA PHE E 258 -0.40 -2.60 -11.30
C PHE E 258 -0.23 -2.78 -9.79
N ASP E 259 0.61 -1.96 -9.17
CA ASP E 259 0.95 -2.05 -7.74
C ASP E 259 -0.26 -1.70 -6.88
N MET E 260 -0.70 -2.63 -6.03
CA MET E 260 -1.85 -2.46 -5.12
C MET E 260 -1.48 -3.12 -3.80
N PRO E 261 -1.95 -2.57 -2.65
CA PRO E 261 -1.80 -3.30 -1.39
C PRO E 261 -2.68 -4.54 -1.44
N PRO E 262 -2.29 -5.62 -0.72
CA PRO E 262 -3.11 -6.82 -0.66
C PRO E 262 -4.36 -6.65 0.23
N ILE E 263 -5.43 -7.37 -0.10
CA ILE E 263 -6.63 -7.53 0.76
C ILE E 263 -6.25 -8.42 1.95
N GLN E 264 -6.52 -7.95 3.17
CA GLN E 264 -6.35 -8.75 4.40
C GLN E 264 -7.50 -9.76 4.47
N LEU E 265 -7.19 -11.06 4.47
CA LEU E 265 -8.21 -12.14 4.63
C LEU E 265 -7.77 -13.10 5.75
N PRO E 266 -8.72 -13.73 6.46
CA PRO E 266 -8.37 -14.76 7.44
C PRO E 266 -7.88 -16.02 6.70
N ASP E 267 -6.91 -16.75 7.27
CA ASP E 267 -6.30 -17.95 6.65
C ASP E 267 -7.31 -19.11 6.58
N THR E 268 -8.47 -18.96 7.22
CA THR E 268 -9.61 -19.91 7.14
C THR E 268 -10.20 -19.96 5.72
N VAL E 269 -9.86 -19.02 4.82
CA VAL E 269 -10.34 -19.06 3.40
C VAL E 269 -9.15 -19.29 2.46
N LYS E 270 -7.93 -19.39 3.00
CA LYS E 270 -6.71 -19.54 2.18
C LYS E 270 -6.86 -20.74 1.23
N SER E 271 -7.44 -21.86 1.71
CA SER E 271 -7.54 -23.13 0.92
C SER E 271 -8.22 -22.86 -0.43
N TRP E 272 -9.35 -22.15 -0.47
CA TRP E 272 -10.12 -21.94 -1.73
C TRP E 272 -9.74 -20.61 -2.42
N VAL E 273 -9.24 -19.59 -1.71
CA VAL E 273 -8.84 -18.32 -2.37
C VAL E 273 -7.50 -18.52 -3.10
N ASP E 274 -6.45 -18.99 -2.40
CA ASP E 274 -5.06 -19.04 -2.91
C ASP E 274 -4.91 -20.07 -4.04
N GLY E 275 -5.62 -21.20 -3.98
CA GLY E 275 -5.60 -22.22 -5.04
C GLY E 275 -5.97 -21.68 -6.42
N SER E 276 -6.95 -20.77 -6.48
CA SER E 276 -7.80 -20.50 -7.67
C SER E 276 -7.02 -19.92 -8.86
N ASP E 277 -7.50 -20.23 -10.07
CA ASP E 277 -7.07 -19.57 -11.34
C ASP E 277 -7.79 -18.22 -11.51
N ARG E 278 -8.64 -17.84 -10.54
CA ARG E 278 -9.20 -16.46 -10.40
C ARG E 278 -8.43 -15.77 -9.28
N HIS E 279 -7.41 -14.99 -9.66
CA HIS E 279 -6.39 -14.49 -8.72
C HIS E 279 -6.99 -13.36 -7.84
N THR E 280 -6.52 -13.34 -6.60
CA THR E 280 -6.75 -12.31 -5.58
C THR E 280 -5.37 -11.91 -5.06
N HIS E 281 -5.05 -10.60 -5.04
CA HIS E 281 -3.87 -10.08 -4.32
C HIS E 281 -4.26 -10.06 -2.84
N ALA E 282 -3.91 -11.13 -2.10
CA ALA E 282 -4.38 -11.37 -0.72
C ALA E 282 -3.20 -11.58 0.23
N HIS E 283 -3.32 -11.10 1.46
CA HIS E 283 -2.43 -11.43 2.60
C HIS E 283 -3.30 -12.16 3.64
N PHE E 284 -2.96 -13.42 3.93
CA PHE E 284 -3.74 -14.29 4.84
C PHE E 284 -3.19 -14.14 6.27
N VAL E 285 -4.09 -13.91 7.22
CA VAL E 285 -3.78 -13.56 8.64
C VAL E 285 -4.33 -14.67 9.54
N ALA E 286 -3.60 -15.03 10.60
CA ALA E 286 -4.09 -15.92 11.67
C ALA E 286 -5.15 -15.17 12.47
N GLY E 287 -6.32 -15.78 12.69
CA GLY E 287 -7.43 -15.17 13.44
C GLY E 287 -8.21 -14.18 12.59
N ASP E 288 -8.83 -13.20 13.23
CA ASP E 288 -9.83 -12.27 12.62
C ASP E 288 -9.12 -11.04 12.08
N VAL E 289 -9.58 -10.50 10.96
CA VAL E 289 -9.19 -9.15 10.44
C VAL E 289 -10.19 -8.14 11.00
N ASP E 290 -9.73 -6.99 11.51
CA ASP E 290 -10.63 -5.85 11.82
C ASP E 290 -10.92 -5.13 10.51
N HIS E 291 -12.12 -5.30 9.93
CA HIS E 291 -12.54 -4.68 8.63
C HIS E 291 -12.92 -3.19 8.79
N LEU E 292 -13.32 -2.74 9.99
CA LEU E 292 -13.56 -1.31 10.36
C LEU E 292 -12.43 -0.89 11.34
N HIS E 296 -9.57 5.08 6.49
CA HIS E 296 -9.70 4.18 5.30
C HIS E 296 -8.85 4.66 4.12
N PRO E 297 -7.96 3.78 3.56
CA PRO E 297 -7.12 4.15 2.42
C PRO E 297 -7.81 4.37 1.06
N PHE E 298 -9.06 3.91 0.90
CA PHE E 298 -9.84 3.97 -0.37
C PHE E 298 -10.82 5.14 -0.34
N ALA E 299 -11.04 5.79 0.81
CA ALA E 299 -11.91 6.98 0.93
C ALA E 299 -11.16 8.19 0.34
N VAL E 300 -11.78 8.88 -0.63
CA VAL E 300 -11.26 10.15 -1.24
C VAL E 300 -12.22 11.28 -0.85
N HIS F 16 24.81 -6.94 -37.99
CA HIS F 16 24.99 -5.79 -37.03
C HIS F 16 26.03 -4.79 -37.58
N MET F 17 25.91 -3.51 -37.21
CA MET F 17 26.94 -2.45 -37.47
C MET F 17 27.90 -2.38 -36.28
N ALA F 18 29.21 -2.56 -36.53
CA ALA F 18 30.31 -2.55 -35.53
C ALA F 18 31.04 -1.20 -35.65
N LEU F 19 30.92 -0.35 -34.63
CA LEU F 19 31.43 1.04 -34.62
C LEU F 19 32.72 1.11 -33.79
N ALA F 20 33.48 2.20 -33.90
CA ALA F 20 34.75 2.45 -33.20
C ALA F 20 34.50 3.19 -31.87
N ALA F 21 33.33 3.79 -31.71
CA ALA F 21 33.00 4.63 -30.53
C ALA F 21 31.49 4.80 -30.44
N PRO F 22 30.96 5.23 -29.28
CA PRO F 22 29.53 5.49 -29.15
C PRO F 22 29.13 6.52 -30.19
N PRO F 23 28.04 6.29 -30.96
CA PRO F 23 27.63 7.22 -32.01
C PRO F 23 27.20 8.56 -31.40
N GLY F 24 27.59 9.66 -32.05
CA GLY F 24 27.27 11.04 -31.64
C GLY F 24 25.77 11.22 -31.42
N GLU F 25 24.93 10.61 -32.26
CA GLU F 25 23.44 10.71 -32.21
C GLU F 25 22.88 10.19 -30.89
N LEU F 26 23.59 9.31 -30.16
CA LEU F 26 23.10 8.62 -28.93
C LEU F 26 23.81 9.16 -27.68
N THR F 27 24.80 10.03 -27.82
CA THR F 27 25.84 10.24 -26.79
C THR F 27 25.83 11.68 -26.27
N LEU F 28 25.97 11.83 -24.95
CA LEU F 28 26.22 13.12 -24.28
C LEU F 28 27.49 12.96 -23.46
N ALA F 29 28.47 13.84 -23.63
CA ALA F 29 29.73 13.83 -22.86
C ALA F 29 29.56 14.70 -21.61
N LEU F 30 29.77 14.11 -20.44
CA LEU F 30 29.73 14.78 -19.12
C LEU F 30 31.07 14.56 -18.41
N THR F 31 31.26 15.24 -17.27
CA THR F 31 32.34 15.01 -16.28
C THR F 31 31.64 14.57 -14.99
N PRO F 32 32.37 14.00 -14.01
CA PRO F 32 31.77 13.68 -12.71
C PRO F 32 31.36 14.91 -11.87
N ASP F 33 31.75 16.13 -12.27
CA ASP F 33 31.29 17.38 -11.60
C ASP F 33 29.89 17.77 -12.06
N ASP F 34 29.42 17.27 -13.22
CA ASP F 34 28.10 17.65 -13.78
C ASP F 34 27.02 17.05 -12.87
N LYS F 35 26.35 17.90 -12.09
CA LYS F 35 25.36 17.49 -11.06
C LYS F 35 23.97 17.59 -11.70
N THR F 36 23.85 18.28 -12.85
CA THR F 36 22.57 18.69 -13.46
C THR F 36 22.81 18.91 -14.96
N LEU F 37 21.86 18.52 -15.83
CA LEU F 37 21.87 18.93 -17.25
C LEU F 37 21.18 20.30 -17.37
N ASP F 38 21.80 21.22 -18.10
CA ASP F 38 21.18 22.50 -18.54
C ASP F 38 19.96 22.14 -19.38
N PRO F 39 18.93 23.02 -19.48
CA PRO F 39 17.71 22.71 -20.23
C PRO F 39 17.92 22.11 -21.64
N ALA F 40 18.88 22.64 -22.42
CA ALA F 40 19.16 22.22 -23.80
C ALA F 40 19.69 20.78 -23.82
N SER F 41 20.63 20.45 -22.92
CA SER F 41 21.20 19.08 -22.77
C SER F 41 20.09 18.10 -22.37
N LEU F 42 19.25 18.48 -21.39
CA LEU F 42 18.12 17.64 -20.94
C LEU F 42 17.18 17.38 -22.12
N ASP F 43 16.84 18.41 -22.91
CA ASP F 43 15.94 18.25 -24.08
C ASP F 43 16.57 17.27 -25.07
N ARG F 44 17.87 17.36 -25.32
CA ARG F 44 18.54 16.46 -26.30
C ARG F 44 18.51 15.02 -25.77
N ALA F 45 18.79 14.84 -24.47
CA ALA F 45 18.76 13.54 -23.77
C ALA F 45 17.39 12.87 -23.97
N LEU F 46 16.29 13.60 -23.70
CA LEU F 46 14.90 13.10 -23.81
C LEU F 46 14.58 12.82 -25.29
N ALA F 47 15.05 13.67 -26.21
CA ALA F 47 14.80 13.49 -27.66
C ALA F 47 15.48 12.19 -28.12
N ILE F 48 16.69 11.90 -27.62
CA ILE F 48 17.44 10.65 -27.94
C ILE F 48 16.69 9.42 -27.39
N LEU F 49 16.31 9.44 -26.11
CA LEU F 49 15.50 8.35 -25.47
C LEU F 49 14.18 8.13 -26.22
N ALA F 50 13.48 9.20 -26.60
CA ALA F 50 12.17 9.09 -27.30
C ALA F 50 12.39 8.43 -28.67
N GLU F 51 13.38 8.87 -29.46
CA GLU F 51 13.55 8.41 -30.86
C GLU F 51 14.28 7.06 -30.90
N HIS F 52 15.38 6.92 -30.16
CA HIS F 52 16.35 5.80 -30.30
C HIS F 52 16.20 4.78 -29.17
N GLY F 53 15.71 5.21 -28.00
CA GLY F 53 15.45 4.33 -26.85
C GLY F 53 16.71 4.00 -26.09
N ILE F 54 17.83 4.64 -26.43
CA ILE F 54 19.13 4.40 -25.73
C ILE F 54 19.96 5.69 -25.77
N LEU F 55 20.58 5.99 -24.64
CA LEU F 55 21.34 7.24 -24.38
C LEU F 55 22.61 6.83 -23.67
N VAL F 56 23.76 7.18 -24.25
CA VAL F 56 25.10 6.90 -23.65
C VAL F 56 25.62 8.20 -23.05
N LEU F 57 25.86 8.21 -21.73
CA LEU F 57 26.41 9.37 -20.98
C LEU F 57 27.84 9.02 -20.58
N THR F 58 28.86 9.59 -21.25
CA THR F 58 30.28 9.34 -20.94
C THR F 58 30.73 10.28 -19.80
N GLY F 59 31.71 9.82 -19.01
CA GLY F 59 32.45 10.61 -18.01
C GLY F 59 31.61 10.92 -16.77
N MET F 60 30.63 10.09 -16.43
CA MET F 60 29.70 10.38 -15.31
C MET F 60 30.29 9.97 -13.95
N LEU F 61 30.96 8.82 -13.87
CA LEU F 61 31.40 8.25 -12.57
C LEU F 61 32.92 8.34 -12.43
N ARG F 62 33.38 8.75 -11.25
CA ARG F 62 34.81 8.79 -10.87
C ARG F 62 35.38 7.36 -10.88
N THR F 63 36.66 7.22 -11.25
CA THR F 63 37.32 5.90 -11.38
C THR F 63 37.46 5.30 -9.96
N ARG F 64 37.55 6.15 -8.94
CA ARG F 64 37.56 5.74 -7.51
C ARG F 64 36.35 4.81 -7.25
N LEU F 65 35.17 5.12 -7.79
CA LEU F 65 33.92 4.34 -7.54
C LEU F 65 33.88 3.09 -8.43
N THR F 66 34.17 3.23 -9.72
CA THR F 66 34.14 2.11 -10.69
C THR F 66 35.21 1.08 -10.32
N ASP F 67 36.38 1.51 -9.84
CA ASP F 67 37.46 0.60 -9.37
C ASP F 67 36.94 -0.28 -8.23
N GLN F 68 36.26 0.30 -7.24
CA GLN F 68 35.85 -0.43 -6.02
C GLN F 68 34.76 -1.45 -6.39
N LEU F 69 33.81 -1.06 -7.23
CA LEU F 69 32.71 -1.95 -7.68
C LEU F 69 33.28 -3.07 -8.54
N ARG F 70 34.21 -2.75 -9.44
CA ARG F 70 34.88 -3.75 -10.31
C ARG F 70 35.59 -4.79 -9.44
N THR F 71 36.42 -4.32 -8.52
CA THR F 71 37.19 -5.17 -7.58
C THR F 71 36.22 -6.07 -6.82
N ALA F 72 35.18 -5.50 -6.23
CA ALA F 72 34.23 -6.24 -5.34
C ALA F 72 33.55 -7.37 -6.12
N MET F 73 33.15 -7.10 -7.37
CA MET F 73 32.43 -8.08 -8.21
C MET F 73 33.41 -9.16 -8.70
N LEU F 74 34.61 -8.81 -9.14
CA LEU F 74 35.63 -9.81 -9.56
C LEU F 74 36.02 -10.65 -8.34
N ASP F 75 36.14 -10.06 -7.15
CA ASP F 75 36.46 -10.81 -5.90
C ASP F 75 35.34 -11.80 -5.58
N ASP F 76 34.08 -11.45 -5.82
CA ASP F 76 32.91 -12.31 -5.47
C ASP F 76 32.73 -13.46 -6.48
N LEU F 77 33.26 -13.33 -7.69
CA LEU F 77 32.92 -14.21 -8.84
C LEU F 77 33.28 -15.66 -8.52
N PRO F 78 34.42 -16.00 -7.88
CA PRO F 78 34.69 -17.38 -7.47
C PRO F 78 33.54 -18.00 -6.66
N GLU F 79 33.00 -17.27 -5.68
CA GLU F 79 31.89 -17.77 -4.81
C GLU F 79 30.64 -17.95 -5.68
N VAL F 80 30.45 -17.12 -6.71
CA VAL F 80 29.31 -17.28 -7.66
C VAL F 80 29.48 -18.55 -8.47
N LEU F 81 30.68 -18.84 -8.99
CA LEU F 81 30.93 -19.96 -9.94
C LEU F 81 30.98 -21.29 -9.19
N ARG F 82 31.20 -21.25 -7.88
CA ARG F 82 31.29 -22.43 -6.96
C ARG F 82 29.89 -22.97 -6.62
N GLN F 83 28.81 -22.20 -6.82
CA GLN F 83 27.41 -22.62 -6.51
C GLN F 83 27.06 -23.84 -7.37
N GLN F 84 26.09 -24.65 -6.92
CA GLN F 84 25.58 -25.84 -7.65
C GLN F 84 24.90 -25.38 -8.95
N ASP F 85 24.05 -24.35 -8.87
CA ASP F 85 23.40 -23.76 -10.06
C ASP F 85 23.84 -22.30 -10.25
N VAL F 86 24.59 -22.03 -11.32
CA VAL F 86 25.11 -20.66 -11.64
C VAL F 86 24.01 -19.91 -12.38
N PRO F 87 23.46 -18.83 -11.80
CA PRO F 87 22.29 -18.17 -12.40
C PRO F 87 22.72 -17.48 -13.69
N THR F 88 22.07 -17.82 -14.80
CA THR F 88 22.53 -17.55 -16.18
C THR F 88 21.38 -16.96 -17.01
N ASN F 89 21.62 -15.95 -17.84
CA ASN F 89 20.62 -15.30 -18.74
C ASN F 89 20.67 -15.93 -20.14
N PHE F 90 19.73 -16.84 -20.41
CA PHE F 90 19.42 -17.46 -21.74
C PHE F 90 20.46 -18.53 -22.13
N VAL F 91 21.75 -18.22 -22.08
CA VAL F 91 22.83 -19.09 -22.66
C VAL F 91 24.05 -18.97 -21.77
N PRO F 92 24.95 -19.97 -21.80
CA PRO F 92 26.15 -19.97 -20.95
C PRO F 92 27.03 -18.73 -21.10
N GLY F 93 27.60 -18.29 -19.98
CA GLY F 93 28.61 -17.23 -19.89
C GLY F 93 28.02 -15.91 -19.46
N HIS F 94 26.68 -15.76 -19.49
CA HIS F 94 25.97 -14.50 -19.12
C HIS F 94 25.39 -14.66 -17.73
N VAL F 95 26.18 -14.34 -16.72
CA VAL F 95 25.88 -14.70 -15.31
C VAL F 95 25.17 -13.51 -14.67
N GLN F 96 24.13 -13.79 -13.90
CA GLN F 96 23.48 -12.77 -13.05
C GLN F 96 24.27 -12.73 -11.74
N GLN F 97 24.77 -11.57 -11.38
CA GLN F 97 25.59 -11.37 -10.17
C GLN F 97 25.23 -10.00 -9.59
N ASP F 98 24.72 -10.00 -8.36
CA ASP F 98 24.41 -8.77 -7.63
C ASP F 98 25.72 -8.19 -7.12
N PRO F 99 25.94 -6.86 -7.23
CA PRO F 99 27.03 -6.23 -6.50
C PRO F 99 26.74 -6.33 -5.01
N PRO F 100 27.76 -6.23 -4.14
CA PRO F 100 27.56 -6.31 -2.70
C PRO F 100 26.66 -5.16 -2.22
N VAL F 101 25.84 -5.46 -1.21
CA VAL F 101 25.00 -4.43 -0.54
C VAL F 101 25.52 -4.31 0.91
N ARG F 102 26.84 -4.31 1.09
CA ARG F 102 27.55 -3.82 2.29
C ARG F 102 27.55 -2.29 2.19
N GLU F 103 27.44 -1.62 3.35
CA GLU F 103 27.36 -0.14 3.42
C GLU F 103 28.58 0.47 2.70
N SER F 104 29.76 -0.16 2.81
CA SER F 104 31.05 0.37 2.31
C SER F 104 31.07 0.41 0.77
N LEU F 105 30.15 -0.30 0.09
CA LEU F 105 30.12 -0.39 -1.40
C LEU F 105 28.79 0.10 -1.99
N LEU F 106 27.97 0.77 -1.18
CA LEU F 106 26.73 1.45 -1.64
C LEU F 106 27.01 2.96 -1.73
N PHE F 107 27.13 3.48 -2.94
CA PHE F 107 27.56 4.87 -3.22
C PHE F 107 26.39 5.70 -3.72
N PRO F 108 26.06 6.82 -3.05
CA PRO F 108 25.01 7.73 -3.53
C PRO F 108 25.13 8.11 -5.01
N ASP F 109 26.35 8.31 -5.50
CA ASP F 109 26.59 8.77 -6.89
C ASP F 109 26.27 7.63 -7.90
N VAL F 110 26.10 6.39 -7.42
CA VAL F 110 25.64 5.23 -8.24
C VAL F 110 24.15 4.99 -7.99
N LEU F 111 23.71 4.80 -6.74
CA LEU F 111 22.28 4.47 -6.48
C LEU F 111 21.37 5.65 -6.76
N LEU F 112 21.81 6.86 -6.40
CA LEU F 112 20.99 8.10 -6.35
C LEU F 112 21.67 9.18 -7.19
N ASN F 113 22.11 8.81 -8.39
CA ASN F 113 22.85 9.72 -9.29
C ASN F 113 21.92 10.85 -9.72
N PRO F 114 22.33 12.13 -9.50
CA PRO F 114 21.46 13.26 -9.79
C PRO F 114 21.11 13.43 -11.26
N VAL F 115 22.03 13.12 -12.18
CA VAL F 115 21.76 13.28 -13.64
C VAL F 115 20.80 12.18 -14.07
N VAL F 116 21.04 10.95 -13.61
CA VAL F 116 20.16 9.79 -13.96
C VAL F 116 18.73 10.15 -13.52
N TYR F 117 18.56 10.55 -12.26
CA TYR F 117 17.21 10.83 -11.68
C TYR F 117 16.59 12.10 -12.30
N GLN F 118 17.40 13.08 -12.71
CA GLN F 118 16.87 14.23 -13.49
C GLN F 118 16.18 13.69 -14.74
N ILE F 119 16.83 12.79 -15.47
CA ILE F 119 16.29 12.19 -16.73
C ILE F 119 15.07 11.32 -16.40
N THR F 120 15.15 10.43 -15.41
CA THR F 120 14.05 9.47 -15.13
C THR F 120 12.86 10.22 -14.54
N HIS F 121 13.08 11.27 -13.75
CA HIS F 121 11.99 12.16 -13.24
C HIS F 121 11.25 12.79 -14.43
N ALA F 122 11.97 13.30 -15.43
CA ALA F 122 11.39 13.97 -16.62
C ALA F 122 10.60 12.97 -17.48
N VAL F 123 11.03 11.71 -17.60
CA VAL F 123 10.35 10.71 -18.47
C VAL F 123 9.24 9.99 -17.69
N LEU F 124 9.48 9.59 -16.44
CA LEU F 124 8.62 8.62 -15.68
C LEU F 124 7.81 9.34 -14.60
N GLY F 125 8.19 10.55 -14.21
CA GLY F 125 7.57 11.30 -13.10
C GLY F 125 8.44 11.29 -11.84
N ALA F 126 8.10 12.18 -10.93
CA ALA F 126 8.85 12.51 -9.69
C ALA F 126 8.74 11.32 -8.72
N ASP F 127 7.74 10.47 -8.93
CA ASP F 127 7.44 9.27 -8.10
C ASP F 127 8.16 8.02 -8.65
N ALA F 128 8.86 8.12 -9.78
CA ALA F 128 9.65 6.98 -10.34
C ALA F 128 10.64 6.49 -9.29
N ARG F 129 10.95 5.20 -9.30
CA ARG F 129 11.78 4.57 -8.24
C ARG F 129 12.68 3.48 -8.82
N ASN F 130 13.87 3.36 -8.28
CA ASN F 130 14.78 2.25 -8.59
C ASN F 130 14.28 0.99 -7.88
N ALA F 131 14.12 -0.14 -8.60
CA ALA F 131 13.68 -1.42 -8.00
C ALA F 131 14.60 -2.57 -8.41
N VAL F 132 15.79 -2.25 -8.91
CA VAL F 132 16.80 -3.26 -9.31
C VAL F 132 18.18 -2.76 -8.91
N TYR F 133 18.93 -3.58 -8.20
CA TYR F 133 20.37 -3.37 -7.90
C TYR F 133 21.05 -4.70 -8.13
N SER F 134 21.38 -4.97 -9.39
CA SER F 134 21.92 -6.29 -9.82
C SER F 134 23.10 -6.06 -10.78
N GLY F 135 23.43 -7.09 -11.54
CA GLY F 135 24.59 -7.07 -12.43
C GLY F 135 24.60 -8.26 -13.34
N ASN F 136 25.37 -8.11 -14.42
CA ASN F 136 25.56 -9.03 -15.56
C ASN F 136 27.07 -9.21 -15.72
N MET F 137 27.58 -10.39 -15.35
CA MET F 137 29.00 -10.78 -15.49
C MET F 137 29.11 -11.64 -16.76
N ASN F 138 29.73 -11.10 -17.82
CA ASN F 138 29.89 -11.74 -19.14
C ASN F 138 31.26 -12.43 -19.15
N LEU F 139 31.28 -13.77 -19.08
CA LEU F 139 32.52 -14.58 -18.90
C LEU F 139 33.21 -14.78 -20.24
N PRO F 140 34.56 -14.88 -20.27
CA PRO F 140 35.26 -15.34 -21.47
C PRO F 140 34.62 -16.64 -21.96
N GLY F 141 34.34 -16.73 -23.26
CA GLY F 141 33.80 -17.93 -23.94
C GLY F 141 32.28 -17.98 -23.89
N SER F 142 31.64 -16.86 -23.57
CA SER F 142 30.16 -16.78 -23.45
C SER F 142 29.52 -16.97 -24.82
N HIS F 143 28.27 -17.45 -24.86
CA HIS F 143 27.51 -17.68 -26.11
C HIS F 143 26.73 -16.41 -26.50
N GLU F 144 26.07 -16.42 -27.66
CA GLU F 144 25.22 -15.30 -28.14
C GLU F 144 23.83 -15.45 -27.52
N GLN F 145 23.35 -14.42 -26.82
CA GLN F 145 21.95 -14.40 -26.30
C GLN F 145 20.99 -14.20 -27.46
N PRO F 146 19.74 -14.70 -27.40
CA PRO F 146 18.71 -14.29 -28.34
C PRO F 146 18.36 -12.81 -28.08
N VAL F 147 18.00 -12.11 -29.14
CA VAL F 147 17.50 -10.72 -29.01
C VAL F 147 16.22 -10.74 -28.19
N HIS F 148 16.16 -9.91 -27.17
CA HIS F 148 15.04 -9.87 -26.20
C HIS F 148 14.82 -8.42 -25.72
N LEU F 149 13.71 -8.20 -25.03
CA LEU F 149 13.58 -7.01 -24.16
C LEU F 149 13.63 -7.48 -22.70
N ASP F 150 14.12 -6.62 -21.81
CA ASP F 150 14.23 -6.87 -20.35
C ASP F 150 12.88 -6.68 -19.68
N GLU F 151 12.05 -5.75 -20.16
CA GLU F 151 10.70 -5.49 -19.60
C GLU F 151 9.75 -5.39 -20.77
N PRO F 152 8.57 -6.04 -20.73
CA PRO F 152 7.68 -6.07 -21.88
C PRO F 152 6.84 -4.79 -22.00
N HIS F 153 6.22 -4.61 -23.16
CA HIS F 153 5.07 -3.72 -23.39
C HIS F 153 3.93 -4.21 -22.48
N LEU F 154 3.07 -3.29 -22.04
CA LEU F 154 2.05 -3.59 -21.01
C LEU F 154 0.80 -4.20 -21.66
N TRP F 155 0.55 -3.95 -22.95
CA TRP F 155 -0.56 -4.60 -23.70
C TRP F 155 -0.05 -5.02 -25.05
N PRO F 156 -0.53 -6.15 -25.60
CA PRO F 156 -0.13 -6.55 -26.95
C PRO F 156 -0.74 -5.62 -28.00
N GLY F 157 0.02 -5.29 -29.05
CA GLY F 157 -0.50 -4.59 -30.24
C GLY F 157 -0.70 -3.09 -30.04
N ILE F 158 -0.16 -2.51 -28.96
CA ILE F 158 -0.46 -1.10 -28.54
C ILE F 158 0.83 -0.29 -28.44
N SER F 159 0.79 0.96 -28.92
CA SER F 159 1.83 1.99 -28.69
C SER F 159 1.55 2.70 -27.39
N HIS F 160 2.50 2.72 -26.46
CA HIS F 160 2.38 3.47 -25.18
C HIS F 160 3.74 4.02 -24.79
N PRO F 161 3.81 5.09 -23.97
CA PRO F 161 5.09 5.64 -23.55
C PRO F 161 5.86 4.72 -22.60
N PRO F 162 7.12 5.07 -22.27
CA PRO F 162 7.93 4.27 -21.36
C PRO F 162 7.33 4.21 -19.96
N TYR F 163 7.57 3.13 -19.22
CA TYR F 163 7.26 2.99 -17.78
C TYR F 163 8.51 2.54 -17.01
N CYS F 164 9.62 2.28 -17.71
CA CYS F 164 10.88 1.86 -17.05
C CYS F 164 12.08 2.25 -17.91
N LEU F 165 13.16 2.60 -17.22
CA LEU F 165 14.45 2.97 -17.84
C LEU F 165 15.51 2.13 -17.17
N CYS F 166 16.13 1.24 -17.94
CA CYS F 166 17.32 0.46 -17.47
C CYS F 166 18.49 1.42 -17.36
N VAL F 167 19.26 1.32 -16.28
CA VAL F 167 20.48 2.14 -16.06
C VAL F 167 21.64 1.17 -15.92
N ASP F 168 22.46 1.07 -16.96
CA ASP F 168 23.58 0.11 -17.11
C ASP F 168 24.90 0.85 -16.85
N VAL F 169 25.71 0.33 -15.93
CA VAL F 169 27.02 0.94 -15.51
C VAL F 169 28.13 -0.06 -15.80
N PRO F 170 28.84 0.09 -16.92
CA PRO F 170 30.01 -0.75 -17.21
C PRO F 170 31.10 -0.53 -16.15
N LEU F 171 31.72 -1.61 -15.69
CA LEU F 171 32.74 -1.55 -14.61
C LEU F 171 34.15 -1.78 -15.18
N ILE F 172 34.28 -2.02 -16.49
CA ILE F 172 35.55 -1.89 -17.26
C ILE F 172 35.19 -1.25 -18.61
N ASP F 173 36.19 -0.86 -19.38
CA ASP F 173 35.98 -0.45 -20.78
C ASP F 173 35.29 -1.61 -21.50
N PHE F 174 34.19 -1.34 -22.20
CA PHE F 174 33.48 -2.34 -23.04
C PHE F 174 34.04 -2.20 -24.46
N THR F 175 34.37 -3.32 -25.10
CA THR F 175 34.91 -3.36 -26.49
C THR F 175 34.09 -4.35 -27.30
N LEU F 176 34.24 -4.32 -28.62
CA LEU F 176 33.69 -5.35 -29.54
C LEU F 176 34.28 -6.72 -29.17
N GLU F 177 35.47 -6.79 -28.58
CA GLU F 177 36.11 -8.07 -28.22
C GLU F 177 35.49 -8.65 -26.92
N ASN F 178 35.19 -7.82 -25.91
CA ASN F 178 34.91 -8.31 -24.55
C ASN F 178 33.39 -8.27 -24.24
N GLY F 179 32.54 -8.11 -25.25
CA GLY F 179 31.07 -8.35 -25.11
C GLY F 179 30.25 -7.10 -24.86
N SER F 180 30.63 -5.98 -25.49
CA SER F 180 29.78 -4.76 -25.49
C SER F 180 28.39 -5.14 -26.05
N THR F 181 27.33 -4.76 -25.36
CA THR F 181 25.94 -5.22 -25.64
C THR F 181 25.54 -4.76 -27.05
N GLU F 182 24.84 -5.62 -27.79
CA GLU F 182 24.16 -5.22 -29.06
C GLU F 182 22.81 -4.56 -28.73
N TYR F 183 22.55 -3.41 -29.35
CA TYR F 183 21.33 -2.58 -29.17
C TYR F 183 20.65 -2.41 -30.53
N TRP F 184 19.33 -2.40 -30.55
CA TRP F 184 18.46 -2.19 -31.73
C TRP F 184 17.79 -0.81 -31.62
N PRO F 185 18.42 0.28 -32.11
CA PRO F 185 17.89 1.63 -31.90
C PRO F 185 16.48 1.73 -32.48
N GLY F 186 15.58 2.38 -31.73
CA GLY F 186 14.20 2.68 -32.15
C GLY F 186 13.27 1.49 -31.95
N SER F 187 13.77 0.36 -31.42
CA SER F 187 13.00 -0.89 -31.25
C SER F 187 12.04 -0.78 -30.06
N HIS F 188 12.25 0.20 -29.17
CA HIS F 188 11.46 0.35 -27.92
C HIS F 188 9.98 0.62 -28.22
N VAL F 189 9.63 1.11 -29.41
CA VAL F 189 8.21 1.47 -29.75
C VAL F 189 7.55 0.36 -30.57
N LEU F 190 8.24 -0.72 -30.92
CA LEU F 190 7.65 -1.80 -31.75
C LEU F 190 6.87 -2.77 -30.87
N ASN F 191 5.59 -2.98 -31.15
CA ASN F 191 4.77 -3.90 -30.32
C ASN F 191 3.65 -4.48 -31.18
N PRO F 192 3.97 -5.15 -32.29
CA PRO F 192 2.94 -5.84 -33.07
C PRO F 192 2.46 -7.08 -32.29
N ASP F 193 1.25 -7.58 -32.58
CA ASP F 193 0.66 -8.74 -31.88
C ASP F 193 1.62 -9.94 -31.98
N GLU F 194 1.77 -10.72 -30.90
CA GLU F 194 2.49 -12.03 -30.92
C GLU F 194 3.94 -11.86 -31.39
N CYS F 195 4.65 -10.87 -30.84
CA CYS F 195 6.04 -10.49 -31.22
C CYS F 195 7.04 -11.07 -30.20
N TYR F 196 6.59 -11.34 -28.98
CA TYR F 196 7.40 -11.60 -27.77
C TYR F 196 6.91 -12.86 -27.09
N ASP F 197 7.82 -13.79 -26.79
CA ASP F 197 7.48 -15.03 -26.03
C ASP F 197 7.60 -14.72 -24.53
N GLU F 198 7.38 -15.73 -23.68
CA GLU F 198 7.31 -15.61 -22.20
C GLU F 198 8.66 -15.16 -21.61
N ARG F 199 9.76 -15.29 -22.36
CA ARG F 199 11.12 -14.92 -21.87
C ARG F 199 11.51 -13.53 -22.39
N GLY F 200 10.63 -12.84 -23.11
CA GLY F 200 10.86 -11.51 -23.71
C GLY F 200 11.65 -11.59 -24.99
N CYS F 201 11.80 -12.78 -25.59
CA CYS F 201 12.53 -12.98 -26.87
C CYS F 201 11.67 -12.47 -28.03
N VAL F 202 12.31 -11.76 -28.97
CA VAL F 202 11.64 -11.20 -30.17
C VAL F 202 11.49 -12.34 -31.18
N LEU F 203 10.30 -12.52 -31.73
CA LEU F 203 10.03 -13.55 -32.77
C LEU F 203 10.94 -13.30 -33.97
N PRO F 204 11.58 -14.36 -34.52
CA PRO F 204 12.56 -14.21 -35.62
C PRO F 204 12.05 -13.44 -36.85
N ALA F 205 10.80 -13.66 -37.23
CA ALA F 205 10.16 -12.97 -38.37
C ALA F 205 10.23 -11.45 -38.15
N GLU F 206 9.92 -10.98 -36.93
CA GLU F 206 9.96 -9.53 -36.59
C GLU F 206 11.41 -9.05 -36.52
N LEU F 207 12.32 -9.89 -36.05
CA LEU F 207 13.77 -9.53 -36.02
C LEU F 207 14.23 -9.16 -37.42
N GLU F 208 13.99 -10.02 -38.41
CA GLU F 208 14.49 -9.85 -39.80
C GLU F 208 13.81 -8.63 -40.46
N ARG F 209 12.49 -8.46 -40.31
CA ARG F 209 11.76 -7.28 -40.81
C ARG F 209 12.42 -5.99 -40.33
N ARG F 210 12.71 -5.91 -39.04
CA ARG F 210 13.30 -4.71 -38.41
C ARG F 210 14.75 -4.51 -38.90
N ARG F 211 15.52 -5.61 -39.01
CA ARG F 211 16.95 -5.58 -39.40
C ARG F 211 17.11 -4.84 -40.74
N ALA F 212 16.16 -5.03 -41.66
CA ALA F 212 16.20 -4.47 -43.03
C ALA F 212 15.95 -2.96 -43.03
N VAL F 213 15.25 -2.43 -42.02
CA VAL F 213 14.87 -0.98 -41.90
C VAL F 213 15.90 -0.25 -41.02
N ALA F 214 16.34 -0.87 -39.93
CA ALA F 214 17.20 -0.24 -38.89
C ALA F 214 18.03 -1.32 -38.22
N PRO F 215 19.18 -1.72 -38.81
CA PRO F 215 19.97 -2.82 -38.25
C PRO F 215 20.53 -2.46 -36.88
N PRO F 216 20.87 -3.46 -36.04
CA PRO F 216 21.42 -3.18 -34.72
C PRO F 216 22.85 -2.63 -34.78
N VAL F 217 23.34 -2.17 -33.63
CA VAL F 217 24.69 -1.56 -33.46
C VAL F 217 25.37 -2.21 -32.25
N ARG F 218 26.68 -2.36 -32.33
CA ARG F 218 27.57 -2.60 -31.16
C ARG F 218 28.69 -1.57 -31.22
N PHE F 219 29.02 -0.99 -30.06
CA PHE F 219 30.09 0.02 -29.97
C PHE F 219 30.78 -0.11 -28.63
N PRO F 220 32.08 0.25 -28.58
CA PRO F 220 32.80 0.36 -27.32
C PRO F 220 32.15 1.43 -26.45
N ILE F 221 32.25 1.25 -25.14
CA ILE F 221 31.74 2.18 -24.11
C ILE F 221 32.82 2.30 -23.05
N PRO F 222 33.40 3.49 -22.83
CA PRO F 222 34.43 3.65 -21.82
C PRO F 222 33.81 3.55 -20.41
N VAL F 223 34.53 2.91 -19.50
CA VAL F 223 34.21 2.91 -18.03
C VAL F 223 34.12 4.37 -17.58
N GLY F 224 33.26 4.62 -16.60
CA GLY F 224 32.81 5.97 -16.21
C GLY F 224 31.46 6.29 -16.86
N SER F 225 31.08 5.59 -17.94
CA SER F 225 29.84 5.86 -18.69
C SER F 225 28.64 5.27 -17.93
N VAL F 226 27.46 5.81 -18.23
CA VAL F 226 26.14 5.26 -17.82
C VAL F 226 25.28 5.18 -19.09
N VAL F 227 24.68 4.02 -19.33
CA VAL F 227 23.76 3.82 -20.47
C VAL F 227 22.34 3.81 -19.90
N ILE F 228 21.50 4.72 -20.40
CA ILE F 228 20.07 4.76 -20.01
C ILE F 228 19.30 4.35 -21.24
N ARG F 229 18.44 3.35 -21.08
CA ARG F 229 17.63 2.85 -22.22
C ARG F 229 16.24 2.49 -21.73
N ASP F 230 15.30 2.65 -22.65
CA ASP F 230 13.92 2.15 -22.46
C ASP F 230 14.05 0.66 -22.13
N GLY F 231 13.35 0.20 -21.09
CA GLY F 231 13.38 -1.21 -20.69
C GLY F 231 12.83 -2.12 -21.77
N ARG F 232 12.16 -1.57 -22.79
CA ARG F 232 11.56 -2.38 -23.89
C ARG F 232 12.50 -2.45 -25.09
N LEU F 233 13.65 -1.78 -25.05
CA LEU F 233 14.60 -1.78 -26.19
C LEU F 233 15.07 -3.21 -26.49
N TRP F 234 15.05 -3.61 -27.77
CA TRP F 234 15.64 -4.91 -28.18
C TRP F 234 17.16 -4.83 -28.03
N HIS F 235 17.77 -5.89 -27.50
CA HIS F 235 19.23 -5.98 -27.30
C HIS F 235 19.61 -7.44 -27.07
N ARG F 236 20.90 -7.74 -27.09
CA ARG F 236 21.39 -9.08 -26.67
C ARG F 236 22.83 -8.97 -26.16
N GLY F 237 23.12 -9.75 -25.13
CA GLY F 237 24.50 -10.11 -24.76
C GLY F 237 25.16 -10.91 -25.87
N VAL F 238 26.43 -10.65 -26.09
CA VAL F 238 27.23 -11.33 -27.15
C VAL F 238 28.49 -11.91 -26.51
N PRO F 239 29.19 -12.79 -27.24
CA PRO F 239 30.40 -13.43 -26.72
C PRO F 239 31.46 -12.43 -26.26
N ASN F 240 31.95 -12.65 -25.04
CA ASN F 240 33.22 -12.08 -24.52
C ASN F 240 34.36 -13.01 -25.02
N LEU F 241 35.12 -12.55 -26.02
CA LEU F 241 36.23 -13.34 -26.61
C LEU F 241 37.57 -12.89 -26.05
N SER F 242 37.57 -12.10 -24.96
CA SER F 242 38.80 -11.64 -24.25
C SER F 242 39.14 -12.66 -23.15
N ALA F 243 40.18 -12.37 -22.37
CA ALA F 243 40.71 -13.24 -21.29
C ALA F 243 40.11 -12.85 -19.94
N ALA F 244 39.27 -11.82 -19.89
CA ALA F 244 38.81 -11.25 -18.60
C ALA F 244 37.28 -11.14 -18.56
N PRO F 245 36.66 -11.46 -17.40
CA PRO F 245 35.21 -11.26 -17.22
C PRO F 245 34.86 -9.78 -17.38
N ARG F 246 33.70 -9.47 -17.98
CA ARG F 246 33.23 -8.09 -18.27
C ARG F 246 32.06 -7.81 -17.33
N PRO F 247 32.31 -7.14 -16.19
CA PRO F 247 31.24 -6.83 -15.25
C PRO F 247 30.45 -5.57 -15.64
N LEU F 248 29.13 -5.68 -15.49
CA LEU F 248 28.12 -4.60 -15.66
C LEU F 248 27.29 -4.53 -14.39
N LEU F 249 27.11 -3.34 -13.82
CA LEU F 249 26.17 -3.10 -12.69
C LEU F 249 24.86 -2.59 -13.32
N ALA F 250 23.72 -3.11 -12.89
CA ALA F 250 22.42 -2.84 -13.53
C ALA F 250 21.40 -2.33 -12.52
N MET F 251 20.68 -1.26 -12.87
CA MET F 251 19.55 -0.71 -12.10
C MET F 251 18.41 -0.47 -13.08
N THR F 252 17.17 -0.45 -12.59
CA THR F 252 15.98 -0.14 -13.42
C THR F 252 15.04 0.76 -12.64
N HIS F 253 14.76 1.94 -13.19
CA HIS F 253 13.79 2.90 -12.66
C HIS F 253 12.43 2.60 -13.27
N TYR F 254 11.39 2.53 -12.42
CA TYR F 254 9.99 2.23 -12.86
C TYR F 254 9.06 3.32 -12.35
N THR F 255 7.97 3.56 -13.06
CA THR F 255 6.84 4.35 -12.55
C THR F 255 6.41 3.76 -11.20
N GLU F 256 5.88 4.61 -10.34
CA GLU F 256 5.34 4.34 -8.98
C GLU F 256 4.40 3.14 -9.02
N TRP F 257 3.63 3.00 -10.08
CA TRP F 257 2.46 2.07 -10.18
C TRP F 257 2.86 0.72 -10.79
N PHE F 258 4.11 0.50 -11.21
CA PHE F 258 4.54 -0.83 -11.75
C PHE F 258 4.98 -1.73 -10.59
N ASP F 259 4.30 -2.86 -10.41
CA ASP F 259 4.54 -3.82 -9.29
C ASP F 259 5.93 -4.45 -9.43
N MET F 260 6.78 -4.27 -8.42
CA MET F 260 8.15 -4.85 -8.37
C MET F 260 8.41 -5.28 -6.93
N PRO F 261 9.17 -6.37 -6.71
CA PRO F 261 9.64 -6.68 -5.36
C PRO F 261 10.65 -5.63 -4.93
N PRO F 262 10.74 -5.35 -3.62
CA PRO F 262 11.74 -4.40 -3.12
C PRO F 262 13.17 -4.96 -3.14
N ILE F 263 14.16 -4.09 -3.29
CA ILE F 263 15.61 -4.39 -3.12
C ILE F 263 15.88 -4.57 -1.62
N GLN F 264 16.49 -5.69 -1.23
CA GLN F 264 16.98 -5.91 0.16
C GLN F 264 18.24 -5.06 0.37
N LEU F 265 18.20 -4.14 1.33
CA LEU F 265 19.38 -3.31 1.73
C LEU F 265 19.56 -3.37 3.24
N PRO F 266 20.81 -3.23 3.75
CA PRO F 266 21.03 -3.16 5.19
C PRO F 266 20.51 -1.82 5.71
N ASP F 267 19.99 -1.78 6.94
CA ASP F 267 19.41 -0.55 7.57
C ASP F 267 20.50 0.48 7.87
N THR F 268 21.78 0.11 7.72
CA THR F 268 22.95 1.01 7.84
C THR F 268 22.96 2.06 6.72
N VAL F 269 22.15 1.90 5.66
CA VAL F 269 22.06 2.93 4.57
C VAL F 269 20.66 3.57 4.58
N LYS F 270 19.77 3.13 5.47
CA LYS F 270 18.38 3.63 5.52
C LYS F 270 18.38 5.16 5.65
N SER F 271 19.29 5.72 6.45
CA SER F 271 19.38 7.17 6.74
C SER F 271 19.42 7.99 5.45
N TRP F 272 20.29 7.63 4.50
CA TRP F 272 20.47 8.43 3.24
C TRP F 272 19.62 7.88 2.08
N VAL F 273 19.25 6.59 2.06
CA VAL F 273 18.38 6.04 0.98
C VAL F 273 16.94 6.52 1.19
N ASP F 274 16.34 6.30 2.37
CA ASP F 274 14.89 6.53 2.64
C ASP F 274 14.54 8.03 2.61
N GLY F 275 15.44 8.90 3.09
CA GLY F 275 15.22 10.37 3.06
C GLY F 275 14.94 10.92 1.66
N SER F 276 15.61 10.38 0.64
CA SER F 276 15.89 11.05 -0.65
C SER F 276 14.61 11.30 -1.47
N ASP F 277 14.63 12.37 -2.27
CA ASP F 277 13.62 12.65 -3.33
C ASP F 277 13.98 11.87 -4.61
N ARG F 278 15.05 11.07 -4.57
CA ARG F 278 15.36 10.01 -5.59
C ARG F 278 14.94 8.65 -4.99
N HIS F 279 13.75 8.21 -5.34
CA HIS F 279 13.08 7.07 -4.67
C HIS F 279 13.74 5.73 -5.04
N THR F 280 13.78 4.84 -4.07
CA THR F 280 14.17 3.43 -4.17
C THR F 280 13.05 2.58 -3.57
N HIS F 281 12.55 1.57 -4.27
CA HIS F 281 11.67 0.53 -3.69
C HIS F 281 12.57 -0.42 -2.90
N ALA F 282 12.73 -0.17 -1.60
CA ALA F 282 13.73 -0.85 -0.73
C ALA F 282 13.05 -1.48 0.49
N HIS F 283 13.54 -2.63 0.93
CA HIS F 283 13.24 -3.26 2.24
C HIS F 283 14.54 -3.30 3.05
N PHE F 284 14.57 -2.60 4.19
CA PHE F 284 15.78 -2.44 5.03
C PHE F 284 15.79 -3.55 6.08
N VAL F 285 16.93 -4.23 6.20
CA VAL F 285 17.13 -5.45 7.05
C VAL F 285 18.16 -5.13 8.15
N HIS F 296 18.13 -16.92 -8.82
CA HIS F 296 18.06 -15.44 -8.98
C HIS F 296 16.79 -15.08 -9.75
N PRO F 297 15.93 -14.22 -9.18
CA PRO F 297 14.66 -13.83 -9.84
C PRO F 297 14.78 -12.96 -11.11
N PHE F 298 15.96 -12.36 -11.35
CA PHE F 298 16.24 -11.46 -12.49
C PHE F 298 16.89 -12.24 -13.64
N ALA F 299 17.46 -13.41 -13.37
CA ALA F 299 18.12 -14.28 -14.38
C ALA F 299 17.01 -14.98 -15.17
N VAL F 300 17.06 -14.88 -16.50
CA VAL F 300 16.00 -15.45 -17.39
C VAL F 300 16.48 -16.77 -18.02
NI NI G . 52.59 -43.28 17.26
C1 OGA H . 52.26 -45.53 15.36
C2 OGA H . 51.36 -45.73 16.51
C4 OGA H . 49.61 -47.01 17.52
C5 OGA H . 48.36 -47.76 17.09
O1 OGA H . 52.93 -44.50 15.37
O2 OGA H . 52.27 -46.43 14.51
O2' OGA H . 51.48 -45.02 17.51
O3 OGA H . 47.68 -48.26 18.00
N1 OGA H . 50.47 -46.69 16.41
O4 OGA H . 48.11 -47.79 15.85
O3A XXX I . 55.46 -39.24 13.11
C4A XXX I . 55.05 -38.70 11.85
C5A XXX I . 55.63 -37.28 11.71
O4A XXX I . 57.05 -37.29 11.73
C6A XXX I . 55.15 -36.65 10.41
N1 XXX I . 55.61 -35.22 10.34
C7 XXX I . 53.62 -36.67 10.30
C8 XXX I . 53.06 -38.08 10.48
N2 XXX I . 51.57 -38.02 10.42
C9 XXX I . 53.53 -38.68 11.79
O1 XXX I . 53.03 -40.01 11.88
C1 XXX I . 52.62 -40.49 13.13
O5 XXX I . 51.31 -40.00 13.46
C5 XXX I . 50.27 -40.52 12.62
C6 XXX I . 49.00 -39.91 13.18
N3 XXX I . 48.87 -40.11 14.66
C4 XXX I . 50.25 -42.07 12.60
O4 XXX I . 49.22 -42.54 11.74
C3 XXX I . 51.63 -42.53 12.13
O3 XXX I . 51.70 -43.96 11.98
C2 XXX I . 52.69 -42.00 13.09
N4 XXX I . 54.04 -42.46 12.73
NI NI J . 59.72 -4.19 9.26
C1 OGA K . 59.33 -2.95 6.85
C2 OGA K . 60.48 -2.31 7.62
C4 OGA K . 62.32 -0.75 7.80
C5 OGA K . 63.40 -0.14 6.92
O1 OGA K . 59.04 -2.38 5.79
O2 OGA K . 58.82 -4.01 7.31
O2' OGA K . 60.74 -2.72 8.75
O3 OGA K . 63.40 -0.50 5.76
N1 OGA K . 61.23 -1.37 7.06
O4 OGA K . 64.20 0.63 7.45
O3A XXX L . 55.99 -9.09 7.61
C4A XXX L . 56.10 -10.13 6.63
C5A XXX L . 55.60 -11.48 7.21
O4A XXX L . 54.25 -11.38 7.64
C6A XXX L . 55.74 -12.59 6.15
N1 XXX L . 55.36 -13.92 6.73
C7 XXX L . 57.16 -12.66 5.58
C8 XXX L . 57.62 -11.33 5.01
N2 XXX L . 59.01 -11.45 4.48
C9 XXX L . 57.55 -10.24 6.09
O1 XXX L . 57.97 -9.00 5.49
C1 XXX L . 58.64 -8.06 6.30
O5 XXX L . 60.00 -8.47 6.56
C5 XXX L . 60.87 -8.47 5.39
C6 XXX L . 62.24 -8.87 5.91
N3 XXX L . 62.60 -8.27 7.22
C4 XXX L . 60.85 -7.09 4.67
O4 XXX L . 61.59 -7.14 3.45
C3 XXX L . 59.41 -6.72 4.33
O3 XXX L . 59.34 -5.46 3.68
C2 XXX L . 58.56 -6.70 5.61
N4 XXX L . 57.19 -6.24 5.35
NI NI M . -35.74 22.26 19.25
C1 OGA N . -35.22 21.08 16.74
C2 OGA N . -35.02 20.06 17.82
C4 OGA N . -34.58 17.77 18.42
C5 OGA N . -35.05 16.37 18.07
O1 OGA N . -35.57 22.23 17.13
O2 OGA N . -35.00 20.68 15.57
O2' OGA N . -34.82 20.41 18.97
O3 OGA N . -34.74 15.52 18.89
N1 OGA N . -35.06 18.78 17.49
O4 OGA N . -35.65 16.20 16.98
O3A XXX O . -38.52 27.57 16.75
C4A XXX O . -39.74 27.73 16.00
C5A XXX O . -40.43 29.06 16.40
O4A XXX O . -39.60 30.20 16.18
C6A XXX O . -41.74 29.19 15.63
N1 XXX O . -42.49 30.43 16.01
C7 XXX O . -42.62 27.99 15.93
C8 XXX O . -41.96 26.68 15.51
N2 XXX O . -42.91 25.56 15.78
C9 XXX O . -40.64 26.49 16.22
O1 XXX O . -39.99 25.31 15.70
C1 XXX O . -39.24 24.54 16.60
O5 XXX O . -40.11 23.78 17.40
C5 XXX O . -40.89 22.81 16.66
C6 XXX O . -41.87 22.10 17.58
N3 XXX O . -41.40 21.89 18.98
C4 XXX O . -39.95 21.82 15.94
O4 XXX O . -40.76 20.95 15.15
C3 XXX O . -39.01 22.58 15.03
O3 XXX O . -38.10 21.69 14.39
C2 XXX O . -38.27 23.66 15.83
N4 XXX O . -37.34 24.46 15.01
NI NI P . -78.74 29.83 -12.86
C1 OGA Q . -81.02 30.52 -14.11
C2 OGA Q . -80.44 31.78 -13.52
C4 OGA Q . -80.46 34.17 -13.24
C5 OGA Q . -80.61 35.46 -14.03
O1 OGA Q . -82.13 30.64 -14.71
O2 OGA Q . -80.30 29.47 -14.00
O2' OGA Q . -79.59 31.70 -12.63
O3 OGA Q . -81.12 35.38 -15.19
N1 OGA Q . -80.78 32.97 -14.00
O4 OGA Q . -80.20 36.50 -13.46
O3A XXX R . -78.19 24.14 -15.98
C4A XXX R . -78.22 23.73 -17.35
C5A XXX R . -77.39 22.45 -17.51
O4A XXX R . -77.99 21.43 -16.71
C6A XXX R . -77.30 22.03 -19.00
N1 XXX R . -76.32 20.92 -19.19
C7 XXX R . -76.88 23.18 -19.91
C8 XXX R . -77.73 24.43 -19.71
N2 XXX R . -77.19 25.52 -20.59
C9 XXX R . -77.73 24.88 -18.25
O1 XXX R . -78.64 25.99 -18.07
C1 XXX R . -78.26 27.00 -17.15
O5 XXX R . -77.16 27.78 -17.67
C5 XXX R . -77.48 28.56 -18.84
C6 XXX R . -76.15 29.24 -19.14
N3 XXX R . -75.37 29.51 -17.91
C4 XXX R . -78.68 29.50 -18.58
O4 XXX R . -79.02 30.22 -19.76
C3 XXX R . -79.87 28.68 -18.10
O3 XXX R . -80.99 29.49 -17.81
C2 XXX R . -79.48 27.88 -16.84
N4 XXX R . -80.59 27.12 -16.24
NI NI S . -16.19 6.73 -7.48
C1 OGA T . -17.09 6.95 -4.82
C2 OGA T . -18.26 6.67 -5.69
C4 OGA T . -20.54 6.01 -5.93
C5 OGA T . -21.68 5.34 -5.18
O1 OGA T . -17.35 7.11 -3.61
O2 OGA T . -15.99 7.00 -5.41
O2' OGA T . -18.14 6.83 -6.89
O3 OGA T . -21.51 5.07 -3.99
N1 OGA T . -19.38 6.25 -5.12
O4 OGA T . -22.70 5.12 -5.82
O3A XXX U . -10.00 5.97 -5.96
C4A XXX U . -9.32 5.01 -5.14
C5A XXX U . -7.87 4.82 -5.65
O4A XXX U . -7.14 6.05 -5.55
C6A XXX U . -7.13 3.70 -4.88
N1 XXX U . -5.86 3.36 -5.61
C7 XXX U . -7.94 2.41 -4.74
C8 XXX U . -9.38 2.66 -4.27
N2 XXX U . -10.14 1.38 -4.30
C9 XXX U . -10.11 3.70 -5.14
O1 XXX U . -11.40 3.88 -4.54
C1 XXX U . -12.54 4.16 -5.31
O5 XXX U . -13.20 3.02 -5.92
C5 XXX U . -13.77 2.05 -5.01
C6 XXX U . -14.29 0.89 -5.85
N3 XXX U . -14.68 1.26 -7.24
C4 XXX U . -14.88 2.71 -4.16
O4 XXX U . -15.53 1.72 -3.33
C3 XXX U . -14.17 3.86 -3.42
O3 XXX U . -15.08 4.58 -2.62
C2 XXX U . -13.50 4.85 -4.39
N4 XXX U . -12.73 5.95 -3.77
NI NI V . 18.82 -8.14 -21.40
C1 OGA W . 20.57 -10.02 -20.30
C2 OGA W . 21.33 -9.11 -21.23
C4 OGA W . 23.28 -7.72 -21.26
C5 OGA W . 24.79 -7.83 -21.23
O1 OGA W . 19.32 -9.83 -20.22
O2 OGA W . 21.28 -10.82 -19.67
O2' OGA W . 20.75 -8.50 -22.13
O3 OGA W . 25.27 -8.18 -20.16
N1 OGA W . 22.63 -8.99 -21.01
O4 OGA W . 25.42 -7.48 -22.28
O3A XXX X . 13.87 -9.50 -17.48
C4A XXX X . 13.73 -9.31 -16.06
C5A XXX X . 12.28 -8.90 -15.76
O4A XXX X . 11.38 -9.91 -16.24
C6A XXX X . 12.12 -8.71 -14.24
N1 XXX X . 10.71 -8.27 -13.92
C7 XXX X . 13.12 -7.68 -13.70
C8 XXX X . 14.54 -8.08 -14.06
N2 XXX X . 15.53 -7.09 -13.53
C9 XXX X . 14.71 -8.26 -15.58
O1 XXX X . 16.04 -8.72 -15.89
C1 XXX X . 16.68 -8.22 -17.04
O5 XXX X . 17.09 -6.87 -16.81
C5 XXX X . 18.14 -6.68 -15.84
C6 XXX X . 18.41 -5.19 -15.95
N3 XXX X . 18.48 -4.68 -17.35
C4 XXX X . 19.35 -7.58 -16.12
O4 XXX X . 20.29 -7.55 -15.06
C3 XXX X . 18.89 -9.02 -16.27
O3 XXX X . 19.98 -9.88 -16.53
C2 XXX X . 17.83 -9.14 -17.38
N4 XXX X . 17.41 -10.54 -17.63
#